data_5SJD
#
_entry.id   5SJD
#
_cell.length_a   135.859
_cell.length_b   135.859
_cell.length_c   235.544
_cell.angle_alpha   90.000
_cell.angle_beta   90.000
_cell.angle_gamma   120.000
#
_symmetry.space_group_name_H-M   'H 3'
#
loop_
_entity.id
_entity.type
_entity.pdbx_description
1 polymer "cAMP and cAMP-inhibited cGMP 3',5'-cyclic phosphodiesterase 10A"
2 non-polymer 'ZINC ION'
3 non-polymer 'MAGNESIUM ION'
4 non-polymer "N-[2-(3,5-dimethyl-1H-pyrazol-1-yl)ethyl]-N'-(1-phenyl-1H-pyrazol-5-yl)urea"
5 water water
#
_entity_poly.entity_id   1
_entity_poly.type   'polypeptide(L)'
_entity_poly.pdbx_seq_one_letter_code
;GSSICTSEEWQGLMQFTLPVRLCKEIELFHFDIGPFENMWPGIFVYMVHRSCGTSCFELEKL(CME)RFIMSVKKNYRRV
PYHNWKHAVTVAHCMYAILQNNHTLFTDLERKGLLIACLCHDLDHRGFSNSYLQKFDHPLAALYSTSTMEQHHFSQTVSI
LQLEGHNIFSTLSSSEYEQVLEIIRKAIIATDLALYFGNRKQLEEMYQTGSLNLNNQSHRDRVIGLMMTACDLCSVTKLW
PVTKLTANDIYAEFWAEGDEMKKLGIQPIPMMDRDKKDEVPQGQLGFYNAVAIPCYTTLTQILPPTEPLLKACRDNLSQW
EKVIRGEETATWISSPSVAQKAAASED
;
_entity_poly.pdbx_strand_id   A,B,C,D
#
loop_
_chem_comp.id
_chem_comp.type
_chem_comp.name
_chem_comp.formula
K18 non-polymer N-[2-(3,5-dimethyl-1H-pyrazol-1-yl)ethyl]-N'-(1-phenyl-1H-pyrazol-5-yl)urea 'C17 H20 N6 O'
MG non-polymer 'MAGNESIUM ION' 'Mg 2'
ZN non-polymer 'ZINC ION' 'Zn 2'
#
# COMPACT_ATOMS: atom_id res chain seq x y z
N GLY A 12 -0.72 39.97 27.30
CA GLY A 12 -0.52 41.14 26.39
C GLY A 12 0.90 41.21 25.83
N LEU A 13 1.91 40.81 26.63
CA LEU A 13 3.35 40.94 26.29
C LEU A 13 3.84 39.78 25.40
N MET A 14 2.94 38.85 25.04
CA MET A 14 3.22 37.70 24.12
C MET A 14 3.01 38.17 22.67
N GLN A 15 4.10 38.29 21.92
CA GLN A 15 4.10 38.59 20.46
C GLN A 15 4.24 37.27 19.69
N PHE A 16 3.84 37.29 18.41
CA PHE A 16 4.29 36.31 17.40
C PHE A 16 5.47 36.94 16.66
N THR A 17 6.53 36.15 16.45
CA THR A 17 7.69 36.52 15.60
C THR A 17 7.88 35.42 14.54
N LEU A 18 8.16 35.86 13.33
CA LEU A 18 8.43 34.97 12.18
C LEU A 18 9.94 34.89 12.04
N PRO A 19 10.46 33.82 11.42
CA PRO A 19 11.84 33.83 10.95
C PRO A 19 12.13 35.04 10.06
N VAL A 20 13.39 35.41 9.99
CA VAL A 20 13.84 36.65 9.29
C VAL A 20 13.26 36.69 7.87
N ARG A 21 13.46 35.64 7.04
CA ARG A 21 13.00 35.73 5.63
C ARG A 21 11.50 36.03 5.62
N LEU A 22 10.68 35.37 6.46
CA LEU A 22 9.21 35.58 6.45
C LEU A 22 8.88 36.98 6.96
N CYS A 23 9.53 37.39 8.06
CA CYS A 23 9.33 38.72 8.69
C CYS A 23 9.45 39.82 7.61
N LYS A 24 10.41 39.71 6.69
CA LYS A 24 10.66 40.73 5.61
C LYS A 24 9.71 40.52 4.42
N GLU A 25 9.63 39.29 3.90
CA GLU A 25 8.85 38.96 2.68
C GLU A 25 7.34 39.12 2.94
N ILE A 26 6.83 38.94 4.16
CA ILE A 26 5.37 39.02 4.45
C ILE A 26 4.85 40.44 4.18
N GLU A 27 5.72 41.45 4.21
CA GLU A 27 5.30 42.87 4.01
C GLU A 27 5.04 43.12 2.53
N LEU A 28 5.56 42.27 1.67
CA LEU A 28 5.45 42.42 0.19
C LEU A 28 4.14 41.79 -0.30
N PHE A 29 3.53 42.39 -1.32
CA PHE A 29 2.26 41.91 -1.93
C PHE A 29 2.44 40.48 -2.43
N HIS A 30 3.58 40.11 -3.03
CA HIS A 30 3.75 38.83 -3.77
C HIS A 30 4.15 37.68 -2.82
N PHE A 31 4.19 37.89 -1.51
CA PHE A 31 4.53 36.85 -0.52
C PHE A 31 3.66 35.60 -0.70
N ASP A 32 4.29 34.44 -0.67
CA ASP A 32 3.65 33.10 -0.68
C ASP A 32 3.77 32.50 0.73
N ILE A 33 2.67 32.05 1.35
CA ILE A 33 2.66 31.62 2.79
C ILE A 33 3.36 30.26 2.99
N GLY A 34 3.70 29.55 1.91
CA GLY A 34 4.54 28.35 2.02
C GLY A 34 3.73 27.08 2.23
N PRO A 35 4.39 25.89 2.16
CA PRO A 35 3.72 24.59 2.22
C PRO A 35 3.55 24.02 3.63
N PHE A 36 4.00 24.73 4.66
CA PHE A 36 3.92 24.31 6.08
C PHE A 36 2.61 24.83 6.70
N GLU A 37 1.54 24.02 6.65
CA GLU A 37 0.18 24.36 7.13
C GLU A 37 0.18 24.81 8.59
N ASN A 38 0.98 24.17 9.44
CA ASN A 38 0.98 24.43 10.91
C ASN A 38 1.51 25.83 11.20
N MET A 39 2.21 26.48 10.27
CA MET A 39 2.67 27.88 10.42
C MET A 39 1.59 28.91 10.01
N TRP A 40 0.53 28.53 9.28
CA TRP A 40 -0.44 29.52 8.73
C TRP A 40 -1.20 30.26 9.83
N PRO A 41 -1.67 29.60 10.92
CA PRO A 41 -2.33 30.34 12.01
C PRO A 41 -1.45 31.43 12.63
N GLY A 42 -0.17 31.12 12.89
CA GLY A 42 0.79 32.09 13.44
C GLY A 42 0.98 33.27 12.49
N ILE A 43 1.09 33.02 11.19
CA ILE A 43 1.20 34.08 10.14
C ILE A 43 -0.03 34.99 10.23
N PHE A 44 -1.23 34.43 10.38
CA PHE A 44 -2.48 35.24 10.46
C PHE A 44 -2.45 36.08 11.73
N VAL A 45 -2.12 35.50 12.88
CA VAL A 45 -2.08 36.26 14.16
C VAL A 45 -1.03 37.37 14.07
N TYR A 46 0.15 37.09 13.50
CA TYR A 46 1.22 38.08 13.27
C TYR A 46 0.65 39.29 12.54
N MET A 47 -0.16 39.03 11.51
CA MET A 47 -0.72 40.08 10.62
C MET A 47 -1.78 40.89 11.38
N VAL A 48 -2.64 40.24 12.15
CA VAL A 48 -3.67 40.90 12.99
C VAL A 48 -2.94 41.84 13.97
N HIS A 49 -1.91 41.34 14.66
CA HIS A 49 -1.18 42.12 15.70
C HIS A 49 -0.54 43.37 15.10
N ARG A 50 0.05 43.29 13.91
CA ARG A 50 0.74 44.42 13.24
C ARG A 50 -0.26 45.35 12.56
N SER A 51 -1.40 44.82 12.12
CA SER A 51 -2.40 45.53 11.28
C SER A 51 -3.42 46.24 12.18
N CYS A 52 -3.59 45.72 13.40
CA CYS A 52 -4.76 45.96 14.26
C CYS A 52 -4.26 46.33 15.67
N GLY A 53 -3.38 45.50 16.22
CA GLY A 53 -2.79 45.67 17.55
C GLY A 53 -2.86 44.37 18.33
N THR A 54 -2.03 44.24 19.37
CA THR A 54 -1.98 43.08 20.28
C THR A 54 -3.26 43.02 21.15
N SER A 55 -4.03 44.11 21.21
CA SER A 55 -5.22 44.31 22.09
C SER A 55 -6.53 44.06 21.33
N CYS A 56 -6.53 44.07 19.99
CA CYS A 56 -7.73 43.96 19.13
C CYS A 56 -8.57 42.75 19.58
N PHE A 57 -7.92 41.64 19.89
CA PHE A 57 -8.61 40.36 20.17
C PHE A 57 -8.00 39.72 21.42
N GLU A 58 -8.81 38.98 22.16
CA GLU A 58 -8.33 38.07 23.23
C GLU A 58 -7.64 36.89 22.52
N LEU A 59 -6.35 36.72 22.74
CA LEU A 59 -5.48 35.74 22.02
C LEU A 59 -6.05 34.33 22.15
N GLU A 60 -6.58 33.95 23.31
CA GLU A 60 -7.24 32.65 23.58
C GLU A 60 -8.45 32.48 22.64
N LYS A 61 -9.29 33.51 22.52
CA LYS A 61 -10.52 33.50 21.68
C LYS A 61 -10.13 33.51 20.20
N LEU A 62 -9.14 34.30 19.81
CA LEU A 62 -8.72 34.41 18.40
C LEU A 62 -8.27 33.03 17.91
N CME A 63 -7.37 32.40 18.68
CA CME A 63 -6.76 31.08 18.38
CB CME A 63 -5.68 30.74 19.38
SG CME A 63 -4.10 31.59 19.08
SD CME A 63 -3.58 30.95 17.21
CE CME A 63 -2.50 29.51 17.46
CZ CME A 63 -1.17 29.74 16.81
OH CME A 63 -0.35 28.60 16.83
C CME A 63 -7.86 30.04 18.27
O CME A 63 -7.77 29.17 17.37
N ARG A 64 -8.89 30.12 19.10
CA ARG A 64 -10.00 29.15 19.06
C ARG A 64 -10.87 29.44 17.82
N PHE A 65 -11.12 30.72 17.51
CA PHE A 65 -11.83 31.14 16.27
C PHE A 65 -11.08 30.63 15.03
N ILE A 66 -9.77 30.89 14.93
CA ILE A 66 -8.89 30.53 13.77
C ILE A 66 -8.99 29.02 13.49
N MET A 67 -8.93 28.18 14.53
CA MET A 67 -8.88 26.71 14.36
C MET A 67 -10.28 26.17 14.03
N SER A 68 -11.34 26.81 14.50
CA SER A 68 -12.71 26.42 14.08
C SER A 68 -12.92 26.81 12.61
N VAL A 69 -12.42 27.97 12.20
CA VAL A 69 -12.53 28.41 10.78
C VAL A 69 -11.77 27.41 9.90
N LYS A 70 -10.53 27.08 10.25
CA LYS A 70 -9.72 26.06 9.52
C LYS A 70 -10.53 24.79 9.30
N LYS A 71 -11.17 24.30 10.36
CA LYS A 71 -11.85 22.99 10.37
C LYS A 71 -13.04 23.02 9.41
N ASN A 72 -13.65 24.18 9.17
CA ASN A 72 -14.85 24.32 8.32
C ASN A 72 -14.47 24.71 6.89
N TYR A 73 -13.19 24.69 6.53
CA TYR A 73 -12.70 24.67 5.12
C TYR A 73 -12.50 23.21 4.74
N ARG A 74 -12.81 22.86 3.50
CA ARG A 74 -12.78 21.45 3.02
C ARG A 74 -11.47 21.20 2.28
N ARG A 75 -11.17 19.92 2.03
CA ARG A 75 -9.93 19.48 1.36
C ARG A 75 -10.17 19.49 -0.14
N VAL A 76 -10.34 20.67 -0.71
CA VAL A 76 -10.61 20.87 -2.15
C VAL A 76 -9.32 21.43 -2.76
N PRO A 77 -9.12 21.28 -4.08
CA PRO A 77 -7.85 21.67 -4.68
C PRO A 77 -7.48 23.16 -4.53
N TYR A 78 -8.44 24.08 -4.54
CA TYR A 78 -8.16 25.53 -4.57
C TYR A 78 -8.87 26.29 -3.44
N HIS A 79 -10.19 26.14 -3.30
CA HIS A 79 -11.02 26.91 -2.33
C HIS A 79 -10.88 26.31 -0.93
N ASN A 80 -9.67 26.37 -0.39
CA ASN A 80 -9.26 25.64 0.82
C ASN A 80 -8.71 26.64 1.83
N TRP A 81 -8.24 26.11 2.96
CA TRP A 81 -7.65 26.87 4.08
C TRP A 81 -6.48 27.73 3.60
N LYS A 82 -5.67 27.23 2.65
CA LYS A 82 -4.50 27.98 2.10
C LYS A 82 -4.97 29.23 1.36
N HIS A 83 -6.06 29.14 0.61
CA HIS A 83 -6.67 30.30 -0.12
C HIS A 83 -7.13 31.35 0.89
N ALA A 84 -7.80 30.93 1.96
CA ALA A 84 -8.32 31.81 3.02
C ALA A 84 -7.18 32.66 3.58
N VAL A 85 -6.05 32.03 3.90
CA VAL A 85 -4.91 32.73 4.56
C VAL A 85 -4.24 33.60 3.50
N THR A 86 -4.11 33.12 2.28
CA THR A 86 -3.52 33.90 1.15
C THR A 86 -4.31 35.18 0.90
N VAL A 87 -5.63 35.10 0.86
CA VAL A 87 -6.49 36.29 0.59
C VAL A 87 -6.40 37.27 1.77
N ALA A 88 -6.33 36.76 3.00
CA ALA A 88 -6.10 37.59 4.20
C ALA A 88 -4.73 38.28 4.13
N HIS A 89 -3.69 37.63 3.61
CA HIS A 89 -2.36 38.28 3.55
C HIS A 89 -2.42 39.47 2.57
N CYS A 90 -3.03 39.29 1.40
CA CYS A 90 -3.17 40.40 0.41
C CYS A 90 -3.91 41.59 1.05
N MET A 91 -4.92 41.36 1.88
CA MET A 91 -5.65 42.46 2.58
C MET A 91 -4.71 43.14 3.59
N TYR A 92 -3.92 42.37 4.32
CA TYR A 92 -2.89 42.87 5.28
C TYR A 92 -1.96 43.84 4.53
N ALA A 93 -1.45 43.41 3.37
CA ALA A 93 -0.51 44.19 2.53
C ALA A 93 -1.17 45.51 2.09
N ILE A 94 -2.43 45.48 1.65
CA ILE A 94 -3.19 46.70 1.24
C ILE A 94 -3.35 47.62 2.46
N LEU A 95 -3.68 47.08 3.63
CA LEU A 95 -3.95 47.90 4.84
C LEU A 95 -2.64 48.52 5.32
N GLN A 96 -1.55 47.77 5.32
CA GLN A 96 -0.24 48.27 5.80
C GLN A 96 0.28 49.36 4.85
N ASN A 97 -0.03 49.29 3.56
CA ASN A 97 0.39 50.29 2.54
C ASN A 97 -0.58 51.50 2.50
N ASN A 98 -1.67 51.48 3.27
CA ASN A 98 -2.72 52.54 3.28
C ASN A 98 -3.12 52.82 4.73
N HIS A 99 -2.12 53.05 5.56
CA HIS A 99 -2.18 53.13 7.04
C HIS A 99 -3.36 53.96 7.53
N THR A 100 -3.48 55.20 7.08
CA THR A 100 -4.37 56.20 7.72
C THR A 100 -5.75 56.22 7.05
N LEU A 101 -5.97 55.45 5.97
CA LEU A 101 -7.23 55.50 5.20
C LEU A 101 -8.33 54.66 5.88
N PHE A 102 -8.02 53.77 6.82
CA PHE A 102 -9.03 52.80 7.33
C PHE A 102 -9.17 52.89 8.85
N THR A 103 -10.40 52.72 9.32
CA THR A 103 -10.76 52.83 10.75
C THR A 103 -10.32 51.56 11.47
N ASP A 104 -10.43 51.57 12.80
CA ASP A 104 -10.02 50.47 13.70
C ASP A 104 -10.93 49.26 13.41
N LEU A 105 -12.25 49.50 13.34
CA LEU A 105 -13.27 48.46 13.06
C LEU A 105 -13.03 47.83 11.68
N GLU A 106 -12.61 48.62 10.70
CA GLU A 106 -12.45 48.17 9.30
C GLU A 106 -11.26 47.22 9.20
N ARG A 107 -10.15 47.54 9.87
CA ARG A 107 -8.94 46.70 9.86
C ARG A 107 -9.27 45.37 10.53
N LYS A 108 -9.89 45.42 11.72
CA LYS A 108 -10.49 44.27 12.46
C LYS A 108 -11.38 43.42 11.54
N GLY A 109 -12.41 44.05 10.97
CA GLY A 109 -13.46 43.38 10.16
C GLY A 109 -12.87 42.67 8.96
N LEU A 110 -12.07 43.37 8.16
CA LEU A 110 -11.66 42.94 6.80
C LEU A 110 -10.72 41.73 6.85
N LEU A 111 -9.82 41.67 7.82
CA LEU A 111 -8.89 40.51 7.97
C LEU A 111 -9.69 39.26 8.33
N ILE A 112 -10.71 39.42 9.19
CA ILE A 112 -11.61 38.31 9.58
C ILE A 112 -12.47 37.94 8.37
N ALA A 113 -12.95 38.92 7.61
CA ALA A 113 -13.83 38.67 6.45
C ALA A 113 -13.07 37.85 5.41
N CYS A 114 -11.80 38.16 5.20
CA CYS A 114 -10.93 37.48 4.19
C CYS A 114 -10.68 36.03 4.60
N LEU A 115 -10.38 35.79 5.87
CA LEU A 115 -10.17 34.43 6.44
C LEU A 115 -11.45 33.58 6.29
N CYS A 116 -12.63 34.20 6.45
CA CYS A 116 -13.93 33.48 6.47
C CYS A 116 -14.62 33.47 5.11
N HIS A 117 -14.06 34.13 4.08
CA HIS A 117 -14.81 34.53 2.87
C HIS A 117 -15.29 33.31 2.07
N ASP A 118 -14.62 32.15 2.17
CA ASP A 118 -14.95 30.94 1.36
C ASP A 118 -15.23 29.74 2.28
N LEU A 119 -15.60 30.00 3.54
CA LEU A 119 -16.01 28.97 4.53
C LEU A 119 -16.92 27.91 3.89
N ASP A 120 -16.52 26.64 4.02
CA ASP A 120 -17.35 25.48 3.66
C ASP A 120 -17.59 25.46 2.14
N HIS A 121 -16.67 26.02 1.35
CA HIS A 121 -16.70 25.92 -0.14
C HIS A 121 -16.54 24.45 -0.55
N ARG A 122 -17.28 24.02 -1.56
CA ARG A 122 -17.22 22.61 -2.05
C ARG A 122 -16.47 22.51 -3.38
N GLY A 123 -15.98 23.62 -3.94
CA GLY A 123 -15.28 23.66 -5.24
C GLY A 123 -16.22 23.77 -6.43
N PHE A 124 -17.46 24.21 -6.22
CA PHE A 124 -18.47 24.40 -7.29
C PHE A 124 -18.96 25.85 -7.30
N SER A 125 -19.15 26.42 -8.49
CA SER A 125 -19.72 27.78 -8.73
C SER A 125 -21.18 27.86 -8.29
N ASN A 126 -21.69 29.09 -8.14
CA ASN A 126 -23.14 29.38 -7.97
C ASN A 126 -23.93 28.73 -9.12
N SER A 127 -23.47 28.83 -10.38
CA SER A 127 -24.17 28.25 -11.56
C SER A 127 -24.41 26.76 -11.37
N TYR A 128 -23.40 26.02 -10.89
CA TYR A 128 -23.52 24.54 -10.74
C TYR A 128 -24.57 24.21 -9.67
N LEU A 129 -24.56 24.92 -8.54
CA LEU A 129 -25.59 24.80 -7.46
C LEU A 129 -26.98 25.02 -8.08
N GLN A 130 -27.15 26.00 -8.97
CA GLN A 130 -28.48 26.34 -9.55
C GLN A 130 -28.93 25.22 -10.48
N LYS A 131 -28.05 24.74 -11.36
CA LYS A 131 -28.40 23.67 -12.32
C LYS A 131 -28.58 22.33 -11.59
N PHE A 132 -27.83 22.08 -10.52
CA PHE A 132 -27.98 20.85 -9.71
C PHE A 132 -29.33 20.87 -8.98
N ASP A 133 -29.78 22.07 -8.61
CA ASP A 133 -30.97 22.35 -7.77
C ASP A 133 -30.60 22.04 -6.31
N HIS A 134 -29.43 22.52 -5.88
CA HIS A 134 -28.95 22.34 -4.48
C HIS A 134 -29.85 23.14 -3.54
N PRO A 135 -30.18 22.60 -2.34
CA PRO A 135 -30.95 23.34 -1.33
C PRO A 135 -30.48 24.80 -1.09
N LEU A 136 -29.16 25.05 -1.10
CA LEU A 136 -28.62 26.43 -0.89
C LEU A 136 -29.09 27.36 -2.01
N ALA A 137 -29.35 26.88 -3.22
CA ALA A 137 -29.85 27.69 -4.36
C ALA A 137 -31.31 28.09 -4.11
N ALA A 138 -32.09 27.28 -3.39
CA ALA A 138 -33.49 27.58 -3.00
C ALA A 138 -33.50 28.58 -1.84
N LEU A 139 -32.51 28.50 -0.96
CA LEU A 139 -32.43 29.35 0.25
C LEU A 139 -31.87 30.73 -0.08
N TYR A 140 -30.94 30.82 -1.04
CA TYR A 140 -30.27 32.08 -1.48
C TYR A 140 -30.20 32.12 -3.01
N SER A 141 -31.09 32.91 -3.63
CA SER A 141 -31.29 32.94 -5.10
C SER A 141 -30.11 33.62 -5.79
N THR A 142 -29.48 34.63 -5.17
CA THR A 142 -28.23 35.25 -5.70
C THR A 142 -27.11 35.23 -4.66
N SER A 143 -25.88 35.31 -5.13
CA SER A 143 -24.63 35.15 -4.36
C SER A 143 -24.76 33.95 -3.41
N THR A 144 -25.20 32.81 -3.97
CA THR A 144 -25.60 31.59 -3.21
C THR A 144 -24.48 31.21 -2.25
N MET A 145 -23.28 30.94 -2.74
CA MET A 145 -22.20 30.41 -1.87
C MET A 145 -21.80 31.52 -0.89
N GLU A 146 -21.84 32.79 -1.31
CA GLU A 146 -21.30 33.90 -0.49
C GLU A 146 -22.23 34.14 0.71
N GLN A 147 -23.54 34.01 0.55
CA GLN A 147 -24.50 34.16 1.68
C GLN A 147 -24.26 33.01 2.66
N HIS A 148 -23.95 31.82 2.16
CA HIS A 148 -23.59 30.62 2.97
C HIS A 148 -22.28 30.87 3.74
N HIS A 149 -21.27 31.43 3.08
CA HIS A 149 -19.97 31.76 3.72
C HIS A 149 -20.21 32.72 4.88
N PHE A 150 -21.02 33.76 4.71
CA PHE A 150 -21.32 34.73 5.81
C PHE A 150 -22.12 34.04 6.94
N SER A 151 -23.09 33.19 6.58
CA SER A 151 -23.90 32.36 7.50
C SER A 151 -22.98 31.52 8.40
N GLN A 152 -22.04 30.81 7.77
CA GLN A 152 -21.04 29.97 8.48
C GLN A 152 -20.18 30.85 9.38
N THR A 153 -19.86 32.06 8.97
CA THR A 153 -19.02 32.98 9.79
C THR A 153 -19.80 33.30 11.09
N VAL A 154 -21.08 33.64 10.97
CA VAL A 154 -21.94 34.00 12.14
C VAL A 154 -22.07 32.79 13.06
N SER A 155 -22.27 31.60 12.50
CA SER A 155 -22.32 30.32 13.26
C SER A 155 -21.10 30.19 14.17
N ILE A 156 -19.90 30.35 13.61
CA ILE A 156 -18.62 30.10 14.32
C ILE A 156 -18.42 31.19 15.39
N LEU A 157 -18.76 32.44 15.08
CA LEU A 157 -18.69 33.57 16.06
C LEU A 157 -19.57 33.30 17.28
N GLN A 158 -20.62 32.47 17.12
CA GLN A 158 -21.66 32.19 18.17
C GLN A 158 -21.34 30.89 18.92
N LEU A 159 -20.31 30.15 18.54
CA LEU A 159 -19.80 29.02 19.38
C LEU A 159 -19.28 29.62 20.70
N GLU A 160 -19.38 28.88 21.80
CA GLU A 160 -18.90 29.39 23.12
C GLU A 160 -17.37 29.56 23.05
N GLY A 161 -16.88 30.67 23.60
CA GLY A 161 -15.43 30.97 23.67
C GLY A 161 -14.89 31.53 22.36
N HIS A 162 -15.75 31.71 21.34
CA HIS A 162 -15.36 32.02 19.94
C HIS A 162 -15.70 33.46 19.55
N ASN A 163 -16.34 34.25 20.43
CA ASN A 163 -16.75 35.61 20.03
C ASN A 163 -15.62 36.60 20.28
N ILE A 164 -14.80 36.81 19.25
CA ILE A 164 -13.59 37.65 19.24
C ILE A 164 -13.98 39.13 19.27
N PHE A 165 -15.27 39.46 19.11
CA PHE A 165 -15.76 40.87 19.10
C PHE A 165 -16.45 41.24 20.42
N SER A 166 -16.44 40.35 21.42
CA SER A 166 -17.26 40.49 22.66
C SER A 166 -16.98 41.84 23.35
N THR A 167 -15.76 42.38 23.26
CA THR A 167 -15.34 43.63 23.96
C THR A 167 -15.89 44.88 23.26
N LEU A 168 -16.40 44.76 22.03
CA LEU A 168 -17.03 45.88 21.28
C LEU A 168 -18.39 46.19 21.90
N SER A 169 -18.81 47.45 21.82
CA SER A 169 -20.20 47.91 22.12
C SER A 169 -21.18 47.26 21.15
N SER A 170 -22.46 47.32 21.49
CA SER A 170 -23.58 46.79 20.68
C SER A 170 -23.54 47.37 19.26
N SER A 171 -23.28 48.66 19.10
CA SER A 171 -23.36 49.38 17.80
C SER A 171 -22.11 49.08 16.98
N GLU A 172 -20.95 49.04 17.64
CA GLU A 172 -19.65 48.67 17.02
C GLU A 172 -19.73 47.22 16.53
N TYR A 173 -20.34 46.33 17.32
CA TYR A 173 -20.52 44.90 16.97
C TYR A 173 -21.36 44.82 15.69
N GLU A 174 -22.47 45.54 15.62
CA GLU A 174 -23.38 45.53 14.43
C GLU A 174 -22.66 46.14 13.22
N GLN A 175 -21.86 47.18 13.43
CA GLN A 175 -21.04 47.79 12.35
C GLN A 175 -20.08 46.76 11.78
N VAL A 176 -19.36 46.02 12.64
CA VAL A 176 -18.27 45.11 12.17
C VAL A 176 -18.91 43.93 11.41
N LEU A 177 -20.03 43.40 11.90
CA LEU A 177 -20.73 42.26 11.23
C LEU A 177 -21.29 42.72 9.89
N GLU A 178 -21.64 44.00 9.77
CA GLU A 178 -22.13 44.60 8.49
C GLU A 178 -20.96 44.82 7.52
N ILE A 179 -19.81 45.27 8.00
CA ILE A 179 -18.56 45.31 7.17
C ILE A 179 -18.25 43.91 6.63
N ILE A 180 -18.31 42.89 7.49
CA ILE A 180 -17.92 41.50 7.12
C ILE A 180 -18.93 40.97 6.10
N ARG A 181 -20.22 41.21 6.33
CA ARG A 181 -21.29 40.70 5.42
C ARG A 181 -21.07 41.29 4.02
N LYS A 182 -20.97 42.61 3.91
CA LYS A 182 -20.77 43.30 2.60
C LYS A 182 -19.46 42.79 1.96
N ALA A 183 -18.39 42.65 2.75
CA ALA A 183 -17.07 42.23 2.23
C ALA A 183 -17.21 40.85 1.60
N ILE A 184 -17.88 39.92 2.28
CA ILE A 184 -18.01 38.52 1.82
C ILE A 184 -18.91 38.46 0.57
N ILE A 185 -20.02 39.19 0.56
CA ILE A 185 -20.93 39.24 -0.62
C ILE A 185 -20.16 39.76 -1.84
N ALA A 186 -19.22 40.69 -1.65
CA ALA A 186 -18.51 41.37 -2.76
C ALA A 186 -17.60 40.37 -3.49
N THR A 187 -17.25 39.24 -2.85
CA THR A 187 -16.34 38.23 -3.44
C THR A 187 -17.12 37.43 -4.48
N ASP A 188 -18.41 37.69 -4.66
CA ASP A 188 -19.19 37.11 -5.79
C ASP A 188 -18.76 37.85 -7.06
N LEU A 189 -17.99 37.21 -7.94
CA LEU A 189 -17.38 37.89 -9.11
C LEU A 189 -18.50 38.47 -10.00
N ALA A 190 -19.72 37.90 -10.00
CA ALA A 190 -20.85 38.42 -10.80
C ALA A 190 -21.14 39.88 -10.38
N LEU A 191 -20.85 40.25 -9.14
CA LEU A 191 -21.11 41.63 -8.63
C LEU A 191 -19.92 42.55 -8.92
N TYR A 192 -18.73 42.01 -9.19
CA TYR A 192 -17.48 42.81 -9.40
C TYR A 192 -17.64 43.75 -10.61
N PHE A 193 -18.17 43.27 -11.73
CA PHE A 193 -18.19 44.01 -13.03
C PHE A 193 -18.88 45.37 -12.87
N GLY A 194 -20.10 45.38 -12.34
CA GLY A 194 -20.85 46.62 -12.09
C GLY A 194 -20.17 47.49 -11.04
N ASN A 195 -19.61 46.88 -9.99
CA ASN A 195 -18.98 47.63 -8.88
C ASN A 195 -17.79 48.44 -9.42
N ARG A 196 -16.91 47.81 -10.19
CA ARG A 196 -15.72 48.48 -10.75
C ARG A 196 -16.13 49.58 -11.75
N LYS A 197 -17.07 49.28 -12.63
CA LYS A 197 -17.68 50.26 -13.59
C LYS A 197 -18.13 51.50 -12.82
N GLN A 198 -18.87 51.34 -11.73
CA GLN A 198 -19.38 52.48 -10.94
C GLN A 198 -18.19 53.23 -10.35
N LEU A 199 -17.19 52.51 -9.84
CA LEU A 199 -16.03 53.16 -9.19
C LEU A 199 -15.22 53.91 -10.26
N GLU A 200 -15.16 53.37 -11.49
CA GLU A 200 -14.41 53.95 -12.63
C GLU A 200 -15.00 55.33 -12.93
N GLU A 201 -16.32 55.39 -13.15
CA GLU A 201 -17.08 56.64 -13.43
C GLU A 201 -16.88 57.65 -12.31
N MET A 202 -17.05 57.23 -11.04
CA MET A 202 -16.95 58.13 -9.86
C MET A 202 -15.54 58.72 -9.78
N TYR A 203 -14.51 57.94 -10.06
CA TYR A 203 -13.10 58.41 -9.97
C TYR A 203 -12.85 59.43 -11.09
N GLN A 204 -13.34 59.13 -12.30
CA GLN A 204 -13.09 59.90 -13.56
C GLN A 204 -13.89 61.21 -13.58
N THR A 205 -15.12 61.23 -13.06
CA THR A 205 -15.93 62.46 -12.90
C THR A 205 -15.59 63.17 -11.59
N GLY A 206 -14.72 62.61 -10.75
CA GLY A 206 -14.24 63.26 -9.51
C GLY A 206 -15.27 63.25 -8.37
N SER A 207 -16.37 62.51 -8.49
CA SER A 207 -17.41 62.39 -7.44
C SER A 207 -17.04 61.37 -6.35
N LEU A 208 -15.96 60.59 -6.48
CA LEU A 208 -15.57 59.59 -5.46
C LEU A 208 -15.27 60.32 -4.13
N ASN A 209 -15.90 59.90 -3.04
CA ASN A 209 -15.79 60.55 -1.71
C ASN A 209 -15.70 59.48 -0.62
N LEU A 210 -14.51 59.29 -0.03
CA LEU A 210 -14.24 58.20 0.95
C LEU A 210 -14.99 58.43 2.27
N ASN A 211 -15.60 59.61 2.51
CA ASN A 211 -16.45 59.87 3.71
C ASN A 211 -17.91 59.49 3.41
N ASN A 212 -18.27 59.26 2.15
CA ASN A 212 -19.59 58.74 1.75
C ASN A 212 -19.59 57.22 1.98
N GLN A 213 -20.30 56.75 3.01
CA GLN A 213 -20.32 55.32 3.42
C GLN A 213 -20.59 54.41 2.19
N SER A 214 -21.53 54.75 1.32
CA SER A 214 -21.89 53.94 0.12
C SER A 214 -20.69 53.83 -0.82
N HIS A 215 -19.83 54.85 -0.83
CA HIS A 215 -18.59 54.90 -1.64
C HIS A 215 -17.52 54.01 -0.98
N ARG A 216 -17.34 54.09 0.34
CA ARG A 216 -16.39 53.23 1.08
C ARG A 216 -16.73 51.78 0.80
N ASP A 217 -18.02 51.44 0.90
CA ASP A 217 -18.52 50.07 0.69
C ASP A 217 -17.99 49.55 -0.64
N ARG A 218 -18.12 50.36 -1.71
CA ARG A 218 -17.74 49.98 -3.10
C ARG A 218 -16.23 49.74 -3.17
N VAL A 219 -15.47 50.63 -2.54
CA VAL A 219 -13.97 50.59 -2.47
C VAL A 219 -13.55 49.34 -1.69
N ILE A 220 -14.20 49.05 -0.57
CA ILE A 220 -13.93 47.80 0.20
C ILE A 220 -14.29 46.58 -0.65
N GLY A 221 -15.39 46.61 -1.38
CA GLY A 221 -15.74 45.54 -2.35
C GLY A 221 -14.63 45.25 -3.35
N LEU A 222 -14.02 46.29 -3.93
CA LEU A 222 -12.98 46.14 -4.97
C LEU A 222 -11.70 45.56 -4.36
N MET A 223 -11.32 46.02 -3.17
CA MET A 223 -10.24 45.45 -2.33
C MET A 223 -10.50 43.94 -2.14
N MET A 224 -11.74 43.53 -1.83
CA MET A 224 -12.09 42.11 -1.61
C MET A 224 -11.88 41.36 -2.93
N THR A 225 -12.30 41.92 -4.06
CA THR A 225 -12.06 41.28 -5.38
C THR A 225 -10.54 41.18 -5.60
N ALA A 226 -9.79 42.26 -5.34
CA ALA A 226 -8.33 42.31 -5.55
C ALA A 226 -7.65 41.23 -4.70
N CYS A 227 -8.06 41.09 -3.44
CA CYS A 227 -7.45 40.12 -2.49
C CYS A 227 -7.82 38.70 -2.95
N ASP A 228 -9.09 38.49 -3.26
CA ASP A 228 -9.63 37.18 -3.70
C ASP A 228 -8.90 36.69 -4.95
N LEU A 229 -8.46 37.58 -5.84
CA LEU A 229 -7.87 37.19 -7.14
C LEU A 229 -6.34 37.18 -7.06
N CYS A 230 -5.74 37.41 -5.88
CA CYS A 230 -4.31 37.80 -5.76
C CYS A 230 -3.35 36.71 -6.26
N SER A 231 -3.81 35.48 -6.47
CA SER A 231 -2.96 34.42 -7.09
C SER A 231 -2.44 34.86 -8.47
N VAL A 232 -3.15 35.73 -9.19
CA VAL A 232 -2.69 36.24 -10.52
C VAL A 232 -1.60 37.32 -10.34
N THR A 233 -1.29 37.75 -9.12
CA THR A 233 -0.32 38.82 -8.81
C THR A 233 0.93 38.26 -8.11
N LYS A 234 1.07 36.93 -8.06
CA LYS A 234 2.26 36.27 -7.46
C LYS A 234 3.37 36.20 -8.50
N LEU A 235 4.58 35.84 -8.08
CA LEU A 235 5.68 35.61 -9.04
C LEU A 235 5.27 34.42 -9.91
N TRP A 236 5.74 34.44 -11.16
CA TRP A 236 5.26 33.54 -12.25
C TRP A 236 5.20 32.08 -11.77
N PRO A 237 6.23 31.53 -11.08
CA PRO A 237 6.17 30.12 -10.71
C PRO A 237 4.99 29.80 -9.77
N VAL A 238 4.65 30.71 -8.86
CA VAL A 238 3.50 30.57 -7.91
C VAL A 238 2.18 30.67 -8.69
N THR A 239 2.02 31.68 -9.55
CA THR A 239 0.80 31.88 -10.38
C THR A 239 0.56 30.63 -11.24
N LYS A 240 1.60 30.13 -11.90
CA LYS A 240 1.52 28.99 -12.84
C LYS A 240 1.05 27.75 -12.07
N LEU A 241 1.63 27.47 -10.90
CA LEU A 241 1.28 26.26 -10.12
C LEU A 241 -0.10 26.42 -9.47
N THR A 242 -0.48 27.60 -8.98
CA THR A 242 -1.85 27.83 -8.45
C THR A 242 -2.90 27.61 -9.56
N ALA A 243 -2.60 28.00 -10.80
CA ALA A 243 -3.54 27.83 -11.95
C ALA A 243 -3.96 26.35 -12.06
N ASN A 244 -3.06 25.39 -11.77
CA ASN A 244 -3.38 23.93 -11.84
C ASN A 244 -4.47 23.58 -10.83
N ASP A 245 -4.42 24.18 -9.64
CA ASP A 245 -5.40 23.91 -8.57
C ASP A 245 -6.75 24.48 -8.99
N ILE A 246 -6.77 25.73 -9.47
CA ILE A 246 -8.05 26.40 -9.84
C ILE A 246 -8.66 25.58 -11.00
N TYR A 247 -7.87 25.10 -11.95
CA TYR A 247 -8.41 24.36 -13.12
C TYR A 247 -8.82 22.94 -12.71
N ALA A 248 -8.20 22.37 -11.68
CA ALA A 248 -8.60 21.04 -11.14
C ALA A 248 -10.06 21.12 -10.68
N GLU A 249 -10.43 22.21 -10.00
CA GLU A 249 -11.83 22.40 -9.55
C GLU A 249 -12.74 22.61 -10.77
N PHE A 250 -12.37 23.47 -11.71
CA PHE A 250 -13.19 23.78 -12.91
C PHE A 250 -13.48 22.50 -13.70
N TRP A 251 -12.50 21.61 -13.85
CA TRP A 251 -12.66 20.36 -14.64
C TRP A 251 -13.59 19.38 -13.90
N ALA A 252 -13.50 19.30 -12.57
CA ALA A 252 -14.42 18.47 -11.76
C ALA A 252 -15.85 18.98 -11.95
N GLU A 253 -16.04 20.30 -11.91
CA GLU A 253 -17.38 20.91 -12.09
C GLU A 253 -17.89 20.58 -13.50
N GLY A 254 -17.02 20.64 -14.50
CA GLY A 254 -17.39 20.35 -15.90
C GLY A 254 -17.81 18.91 -16.06
N ASP A 255 -17.09 18.00 -15.39
CA ASP A 255 -17.42 16.55 -15.29
C ASP A 255 -18.84 16.42 -14.73
N GLU A 256 -19.16 17.17 -13.67
CA GLU A 256 -20.47 17.13 -12.97
C GLU A 256 -21.57 17.76 -13.84
N MET A 257 -21.25 18.78 -14.64
CA MET A 257 -22.19 19.32 -15.65
C MET A 257 -22.51 18.18 -16.65
N LYS A 258 -21.50 17.47 -17.15
CA LYS A 258 -21.71 16.34 -18.12
C LYS A 258 -22.64 15.30 -17.49
N LYS A 259 -22.52 15.03 -16.19
CA LYS A 259 -23.38 14.04 -15.49
C LYS A 259 -24.83 14.52 -15.43
N LEU A 260 -25.08 15.83 -15.38
CA LEU A 260 -26.43 16.42 -15.49
C LEU A 260 -26.88 16.57 -16.95
N GLY A 261 -26.12 16.04 -17.92
CA GLY A 261 -26.45 16.12 -19.36
C GLY A 261 -26.32 17.54 -19.89
N ILE A 262 -25.30 18.29 -19.47
CA ILE A 262 -25.03 19.68 -19.93
C ILE A 262 -23.56 19.76 -20.34
N GLN A 263 -23.29 20.07 -21.62
CA GLN A 263 -21.90 20.28 -22.10
C GLN A 263 -21.38 21.54 -21.41
N PRO A 264 -20.28 21.44 -20.63
CA PRO A 264 -19.76 22.60 -19.91
C PRO A 264 -19.07 23.57 -20.87
N ILE A 265 -18.97 24.84 -20.50
CA ILE A 265 -18.16 25.85 -21.25
C ILE A 265 -16.74 25.28 -21.39
N PRO A 266 -15.98 25.64 -22.46
CA PRO A 266 -14.66 25.04 -22.68
C PRO A 266 -13.68 25.16 -21.50
N MET A 267 -13.78 26.26 -20.74
CA MET A 267 -12.91 26.58 -19.57
C MET A 267 -12.99 25.44 -18.55
N MET A 268 -14.16 24.80 -18.41
CA MET A 268 -14.43 23.74 -17.40
C MET A 268 -14.37 22.33 -18.03
N ASP A 269 -14.14 22.21 -19.35
CA ASP A 269 -14.10 20.90 -20.04
C ASP A 269 -12.64 20.40 -20.06
N ARG A 270 -12.39 19.22 -19.51
CA ARG A 270 -11.00 18.73 -19.33
C ARG A 270 -10.51 18.11 -20.64
N ASP A 271 -11.40 17.92 -21.62
CA ASP A 271 -11.03 17.48 -22.99
C ASP A 271 -10.45 18.66 -23.77
N LYS A 272 -10.55 19.90 -23.25
CA LYS A 272 -10.11 21.14 -23.93
C LYS A 272 -9.05 21.90 -23.11
N LYS A 273 -8.07 21.18 -22.55
CA LYS A 273 -6.94 21.76 -21.76
C LYS A 273 -6.10 22.71 -22.63
N ASP A 274 -5.95 22.38 -23.92
CA ASP A 274 -5.27 23.22 -24.95
C ASP A 274 -5.76 24.68 -24.88
N GLU A 275 -7.05 24.93 -24.60
CA GLU A 275 -7.66 26.30 -24.67
C GLU A 275 -7.31 27.13 -23.43
N VAL A 276 -6.62 26.56 -22.43
CA VAL A 276 -6.37 27.18 -21.10
C VAL A 276 -5.58 28.47 -21.27
N PRO A 277 -4.38 28.47 -21.91
CA PRO A 277 -3.59 29.71 -22.01
C PRO A 277 -4.41 30.89 -22.53
N GLN A 278 -5.20 30.68 -23.60
CA GLN A 278 -6.06 31.74 -24.20
C GLN A 278 -7.17 32.15 -23.22
N GLY A 279 -7.70 31.20 -22.44
CA GLY A 279 -8.68 31.44 -21.36
C GLY A 279 -8.11 32.30 -20.22
N GLN A 280 -6.85 32.09 -19.84
CA GLN A 280 -6.13 32.94 -18.86
C GLN A 280 -5.95 34.36 -19.43
N LEU A 281 -5.58 34.50 -20.71
CA LEU A 281 -5.52 35.81 -21.42
C LEU A 281 -6.83 36.57 -21.22
N GLY A 282 -7.95 35.92 -21.53
CA GLY A 282 -9.28 36.53 -21.46
C GLY A 282 -9.58 37.01 -20.05
N PHE A 283 -9.25 36.16 -19.07
CA PHE A 283 -9.46 36.46 -17.63
C PHE A 283 -8.62 37.66 -17.20
N TYR A 284 -7.36 37.74 -17.61
CA TYR A 284 -6.47 38.89 -17.28
C TYR A 284 -7.02 40.17 -17.91
N ASN A 285 -7.37 40.11 -19.20
CA ASN A 285 -7.86 41.30 -19.95
C ASN A 285 -9.26 41.71 -19.49
N ALA A 286 -10.19 40.77 -19.30
CA ALA A 286 -11.60 41.07 -18.95
C ALA A 286 -11.79 41.35 -17.45
N VAL A 287 -10.99 40.74 -16.57
CA VAL A 287 -11.22 40.79 -15.08
C VAL A 287 -10.02 41.42 -14.37
N ALA A 288 -8.87 40.73 -14.36
CA ALA A 288 -7.73 41.04 -13.46
C ALA A 288 -7.15 42.44 -13.74
N ILE A 289 -6.79 42.75 -14.99
CA ILE A 289 -6.12 44.06 -15.30
C ILE A 289 -7.07 45.21 -14.97
N PRO A 290 -8.33 45.23 -15.43
CA PRO A 290 -9.29 46.26 -15.04
C PRO A 290 -9.43 46.41 -13.52
N CYS A 291 -9.50 45.28 -12.79
CA CYS A 291 -9.65 45.25 -11.30
C CYS A 291 -8.49 46.00 -10.65
N TYR A 292 -7.26 45.64 -10.94
CA TYR A 292 -6.06 46.21 -10.27
C TYR A 292 -5.76 47.63 -10.80
N THR A 293 -6.15 47.96 -12.05
CA THR A 293 -6.05 49.34 -12.63
C THR A 293 -6.91 50.29 -11.79
N THR A 294 -8.21 50.00 -11.66
CA THR A 294 -9.15 50.83 -10.86
C THR A 294 -8.69 50.88 -9.40
N LEU A 295 -8.22 49.76 -8.83
CA LEU A 295 -7.74 49.76 -7.42
C LEU A 295 -6.56 50.72 -7.29
N THR A 296 -5.62 50.71 -8.25
CA THR A 296 -4.40 51.57 -8.20
C THR A 296 -4.77 53.05 -8.36
N GLN A 297 -5.73 53.38 -9.22
CA GLN A 297 -6.27 54.75 -9.36
C GLN A 297 -6.81 55.22 -8.01
N ILE A 298 -7.59 54.38 -7.32
CA ILE A 298 -8.26 54.78 -6.04
C ILE A 298 -7.25 54.69 -4.88
N LEU A 299 -6.34 53.70 -4.89
CA LEU A 299 -5.35 53.47 -3.80
C LEU A 299 -3.98 53.32 -4.43
N PRO A 300 -3.29 54.44 -4.71
CA PRO A 300 -2.02 54.42 -5.43
C PRO A 300 -0.99 53.41 -4.89
N PRO A 301 -0.81 53.27 -3.56
CA PRO A 301 0.18 52.31 -3.06
C PRO A 301 -0.05 50.81 -3.35
N THR A 302 -1.16 50.42 -4.01
CA THR A 302 -1.44 49.00 -4.40
C THR A 302 -0.92 48.75 -5.82
N GLU A 303 -0.13 49.68 -6.36
CA GLU A 303 0.40 49.61 -7.76
C GLU A 303 1.20 48.33 -7.97
N PRO A 304 1.98 47.84 -6.98
CA PRO A 304 2.73 46.61 -7.16
C PRO A 304 1.85 45.41 -7.59
N LEU A 305 0.59 45.35 -7.14
CA LEU A 305 -0.38 44.30 -7.58
C LEU A 305 -0.63 44.45 -9.09
N LEU A 306 -0.81 45.68 -9.60
CA LEU A 306 -1.06 45.91 -11.05
C LEU A 306 0.17 45.52 -11.87
N LYS A 307 1.35 45.96 -11.44
CA LYS A 307 2.65 45.59 -12.07
C LYS A 307 2.76 44.06 -12.17
N ALA A 308 2.56 43.35 -11.04
CA ALA A 308 2.72 41.87 -10.98
C ALA A 308 1.72 41.22 -11.93
N CYS A 309 0.48 41.72 -11.95
CA CYS A 309 -0.59 41.20 -12.83
C CYS A 309 -0.13 41.33 -14.29
N ARG A 310 0.40 42.50 -14.67
CA ARG A 310 0.89 42.78 -16.05
CA ARG A 310 0.88 42.77 -16.05
C ARG A 310 2.02 41.81 -16.40
N ASP A 311 2.98 41.62 -15.48
CA ASP A 311 4.12 40.69 -15.71
C ASP A 311 3.56 39.31 -16.08
N ASN A 312 2.53 38.87 -15.36
CA ASN A 312 1.96 37.51 -15.51
C ASN A 312 1.16 37.44 -16.82
N LEU A 313 0.43 38.48 -17.18
CA LEU A 313 -0.26 38.51 -18.50
C LEU A 313 0.79 38.23 -19.58
N SER A 314 1.92 38.91 -19.49
CA SER A 314 3.02 38.79 -20.47
C SER A 314 3.60 37.36 -20.45
N GLN A 315 3.70 36.73 -19.28
CA GLN A 315 4.16 35.31 -19.18
C GLN A 315 3.17 34.37 -19.89
N TRP A 316 1.85 34.56 -19.75
CA TRP A 316 0.82 33.74 -20.46
C TRP A 316 0.91 33.98 -21.96
N GLU A 317 1.17 35.22 -22.36
CA GLU A 317 1.35 35.55 -23.80
C GLU A 317 2.50 34.71 -24.37
N LYS A 318 3.61 34.60 -23.63
CA LYS A 318 4.76 33.73 -24.01
C LYS A 318 4.34 32.26 -24.05
N VAL A 319 3.54 31.78 -23.09
CA VAL A 319 3.10 30.36 -23.14
C VAL A 319 2.45 30.11 -24.52
N ILE A 320 1.57 31.02 -24.97
CA ILE A 320 0.80 30.85 -26.25
C ILE A 320 1.77 30.85 -27.44
N ARG A 321 2.75 31.75 -27.45
CA ARG A 321 3.77 31.88 -28.54
C ARG A 321 4.78 30.73 -28.48
N GLY A 322 4.50 29.67 -27.70
CA GLY A 322 5.30 28.43 -27.59
C GLY A 322 6.70 28.67 -27.02
N GLU A 323 6.98 29.83 -26.41
CA GLU A 323 8.30 30.17 -25.80
C GLU A 323 8.41 29.58 -24.37
N GLU A 324 7.30 29.07 -23.82
CA GLU A 324 7.26 28.23 -22.59
C GLU A 324 5.82 27.72 -22.37
N GLN B 11 -1.39 -13.70 31.05
CA GLN B 11 -1.34 -13.20 29.64
C GLN B 11 0.11 -12.81 29.29
N GLY B 12 1.07 -13.71 29.51
CA GLY B 12 2.53 -13.47 29.35
C GLY B 12 3.10 -14.20 28.15
N LEU B 13 2.62 -15.42 27.86
CA LEU B 13 3.10 -16.30 26.76
C LEU B 13 2.20 -16.12 25.52
N MET B 14 1.88 -14.87 25.20
CA MET B 14 1.30 -14.46 23.89
C MET B 14 2.47 -14.17 22.95
N GLN B 15 2.53 -14.88 21.83
CA GLN B 15 3.44 -14.56 20.71
C GLN B 15 2.57 -14.15 19.52
N PHE B 16 3.05 -13.21 18.71
CA PHE B 16 2.38 -12.79 17.46
C PHE B 16 2.69 -13.83 16.37
N THR B 17 1.70 -14.12 15.55
CA THR B 17 1.78 -15.07 14.41
C THR B 17 1.40 -14.32 13.13
N LEU B 18 1.88 -14.81 12.00
CA LEU B 18 1.59 -14.21 10.68
C LEU B 18 1.05 -15.30 9.77
N PRO B 19 0.21 -14.94 8.78
CA PRO B 19 -0.15 -15.86 7.72
C PRO B 19 1.09 -16.54 7.14
N VAL B 20 0.93 -17.77 6.65
CA VAL B 20 2.06 -18.64 6.19
C VAL B 20 2.97 -17.83 5.26
N ARG B 21 2.44 -17.15 4.23
CA ARG B 21 3.26 -16.48 3.20
C ARG B 21 4.10 -15.36 3.82
N LEU B 22 3.56 -14.59 4.77
CA LEU B 22 4.32 -13.48 5.40
C LEU B 22 5.43 -14.10 6.25
N CYS B 23 5.06 -15.11 7.03
CA CYS B 23 5.94 -15.81 8.00
C CYS B 23 7.26 -16.23 7.33
N LYS B 24 7.19 -16.79 6.11
CA LYS B 24 8.37 -17.27 5.35
C LYS B 24 9.07 -16.13 4.60
N GLU B 25 8.32 -15.12 4.15
CA GLU B 25 8.83 -14.03 3.28
C GLU B 25 9.59 -13.01 4.15
N ILE B 26 9.19 -12.84 5.41
CA ILE B 26 9.63 -11.70 6.25
C ILE B 26 11.10 -11.88 6.61
N GLU B 27 11.58 -13.13 6.54
CA GLU B 27 12.98 -13.48 6.88
C GLU B 27 13.89 -13.06 5.71
N LEU B 28 13.34 -12.92 4.51
CA LEU B 28 14.08 -12.43 3.30
C LEU B 28 14.24 -10.90 3.32
N PHE B 29 15.39 -10.42 2.85
CA PHE B 29 15.72 -8.98 2.78
C PHE B 29 14.72 -8.25 1.86
N HIS B 30 14.22 -8.89 0.80
CA HIS B 30 13.41 -8.21 -0.24
C HIS B 30 11.91 -8.23 0.10
N PHE B 31 11.53 -8.60 1.32
CA PHE B 31 10.12 -8.63 1.78
C PHE B 31 9.46 -7.24 1.58
N ASP B 32 8.27 -7.23 1.00
CA ASP B 32 7.37 -6.03 0.92
C ASP B 32 6.29 -6.24 1.98
N ILE B 33 6.05 -5.24 2.85
CA ILE B 33 5.10 -5.35 3.99
C ILE B 33 3.63 -5.26 3.53
N GLY B 34 3.38 -4.92 2.27
CA GLY B 34 2.04 -5.02 1.66
C GLY B 34 1.20 -3.77 1.91
N PRO B 35 0.00 -3.70 1.27
CA PRO B 35 -0.85 -2.50 1.32
C PRO B 35 -1.83 -2.39 2.49
N PHE B 36 -1.88 -3.38 3.39
CA PHE B 36 -2.82 -3.40 4.54
C PHE B 36 -2.16 -2.73 5.76
N GLU B 37 -2.33 -1.41 5.91
CA GLU B 37 -1.81 -0.56 7.02
C GLU B 37 -2.05 -1.23 8.37
N ASN B 38 -3.22 -1.87 8.57
CA ASN B 38 -3.64 -2.38 9.90
C ASN B 38 -2.82 -3.63 10.29
N MET B 39 -2.11 -4.26 9.36
CA MET B 39 -1.20 -5.39 9.68
C MET B 39 0.22 -4.94 10.06
N TRP B 40 0.61 -3.69 9.78
CA TRP B 40 2.03 -3.25 9.95
C TRP B 40 2.40 -3.27 11.44
N PRO B 41 1.58 -2.75 12.38
CA PRO B 41 1.92 -2.83 13.81
C PRO B 41 2.25 -4.26 14.26
N GLY B 42 1.45 -5.24 13.83
CA GLY B 42 1.63 -6.64 14.24
C GLY B 42 2.89 -7.22 13.62
N ILE B 43 3.20 -6.83 12.39
CA ILE B 43 4.45 -7.23 11.67
C ILE B 43 5.65 -6.72 12.48
N PHE B 44 5.59 -5.49 12.99
CA PHE B 44 6.69 -4.90 13.77
C PHE B 44 6.83 -5.62 15.12
N VAL B 45 5.74 -5.76 15.90
CA VAL B 45 5.73 -6.47 17.22
C VAL B 45 6.31 -7.87 17.04
N TYR B 46 5.90 -8.57 15.98
CA TYR B 46 6.42 -9.91 15.61
C TYR B 46 7.93 -9.86 15.42
N MET B 47 8.41 -8.82 14.72
CA MET B 47 9.86 -8.66 14.43
C MET B 47 10.61 -8.45 15.76
N VAL B 48 10.08 -7.62 16.66
CA VAL B 48 10.67 -7.37 18.01
C VAL B 48 10.74 -8.69 18.82
N HIS B 49 9.68 -9.50 18.83
CA HIS B 49 9.58 -10.71 19.69
C HIS B 49 10.65 -11.73 19.27
N ARG B 50 10.82 -11.98 17.96
CA ARG B 50 11.82 -12.93 17.42
C ARG B 50 13.23 -12.31 17.42
N SER B 51 13.35 -11.00 17.53
CA SER B 51 14.63 -10.28 17.34
C SER B 51 15.33 -10.12 18.69
N CYS B 52 14.60 -9.86 19.77
CA CYS B 52 15.23 -9.72 21.10
C CYS B 52 14.36 -10.32 22.21
N GLY B 53 13.18 -10.87 21.89
CA GLY B 53 12.41 -11.71 22.84
C GLY B 53 11.03 -11.15 23.19
N THR B 54 10.14 -12.04 23.65
CA THR B 54 8.75 -11.74 24.09
C THR B 54 8.77 -10.94 25.40
N SER B 55 9.94 -10.82 26.02
CA SER B 55 10.15 -10.20 27.36
C SER B 55 10.78 -8.82 27.24
N CYS B 56 11.34 -8.44 26.08
CA CYS B 56 12.06 -7.16 25.79
C CYS B 56 11.23 -5.94 26.20
N PHE B 57 9.92 -5.99 25.94
CA PHE B 57 8.98 -4.87 26.21
C PHE B 57 7.69 -5.42 26.81
N GLU B 58 7.08 -4.66 27.72
CA GLU B 58 5.69 -4.87 28.14
C GLU B 58 4.82 -4.61 26.90
N LEU B 59 4.07 -5.63 26.46
CA LEU B 59 3.26 -5.60 25.22
C LEU B 59 2.31 -4.39 25.24
N GLU B 60 1.64 -4.09 26.35
CA GLU B 60 0.65 -2.97 26.41
C GLU B 60 1.37 -1.64 26.13
N LYS B 61 2.49 -1.36 26.80
CA LYS B 61 3.30 -0.12 26.59
C LYS B 61 3.80 -0.04 25.13
N LEU B 62 4.30 -1.14 24.57
CA LEU B 62 4.84 -1.21 23.18
C LEU B 62 3.75 -0.85 22.17
N CME B 63 2.56 -1.46 22.28
CA CME B 63 1.41 -1.20 21.38
CB CME B 63 0.28 -2.18 21.61
SG CME B 63 0.58 -3.88 21.00
SD CME B 63 0.75 -3.65 18.96
CE CME B 63 -0.94 -3.55 18.29
CZ CME B 63 -1.81 -4.74 18.58
OH CME B 63 -3.14 -4.34 18.81
C CME B 63 0.98 0.27 21.52
O CME B 63 0.64 0.88 20.51
N ARG B 64 1.02 0.82 22.72
CA ARG B 64 0.70 2.25 22.95
C ARG B 64 1.78 3.11 22.27
N PHE B 65 3.05 2.70 22.39
CA PHE B 65 4.21 3.38 21.75
C PHE B 65 4.00 3.37 20.22
N ILE B 66 3.81 2.18 19.63
CA ILE B 66 3.63 1.99 18.16
C ILE B 66 2.51 2.90 17.64
N MET B 67 1.37 2.96 18.32
CA MET B 67 0.19 3.69 17.80
C MET B 67 0.46 5.20 17.84
N SER B 68 1.15 5.70 18.88
CA SER B 68 1.56 7.13 18.96
C SER B 68 2.61 7.48 17.90
N VAL B 69 3.54 6.56 17.61
CA VAL B 69 4.55 6.78 16.54
C VAL B 69 3.80 6.92 15.22
N LYS B 70 2.95 5.94 14.87
CA LYS B 70 2.12 5.95 13.63
C LYS B 70 1.43 7.32 13.46
N LYS B 71 0.80 7.80 14.53
CA LYS B 71 0.01 9.05 14.57
C LYS B 71 0.91 10.25 14.24
N ASN B 72 2.21 10.17 14.49
CA ASN B 72 3.14 11.32 14.32
C ASN B 72 3.90 11.23 12.99
N TYR B 73 3.59 10.25 12.14
CA TYR B 73 4.00 10.21 10.71
C TYR B 73 2.89 10.82 9.85
N ARG B 74 3.24 11.67 8.91
CA ARG B 74 2.28 12.44 8.07
C ARG B 74 1.92 11.66 6.81
N ARG B 75 0.85 12.08 6.13
CA ARG B 75 0.33 11.41 4.92
C ARG B 75 1.03 12.01 3.72
N VAL B 76 2.31 11.68 3.56
CA VAL B 76 3.18 12.16 2.47
C VAL B 76 3.46 10.96 1.58
N PRO B 77 3.82 11.18 0.29
CA PRO B 77 3.99 10.08 -0.65
C PRO B 77 5.02 9.01 -0.22
N TYR B 78 6.13 9.39 0.42
CA TYR B 78 7.26 8.45 0.70
C TYR B 78 7.66 8.41 2.17
N HIS B 79 7.98 9.56 2.79
CA HIS B 79 8.46 9.65 4.19
C HIS B 79 7.29 9.47 5.19
N ASN B 80 6.64 8.31 5.09
CA ASN B 80 5.36 7.99 5.76
C ASN B 80 5.55 6.77 6.66
N TRP B 81 4.48 6.36 7.34
CA TRP B 81 4.45 5.20 8.26
C TRP B 81 4.93 3.92 7.57
N LYS B 82 4.59 3.71 6.31
CA LYS B 82 5.03 2.50 5.57
C LYS B 82 6.56 2.45 5.49
N HIS B 83 7.20 3.59 5.21
CA HIS B 83 8.66 3.71 5.11
C HIS B 83 9.27 3.34 6.46
N ALA B 84 8.77 3.93 7.56
CA ALA B 84 9.24 3.64 8.92
C ALA B 84 9.34 2.11 9.15
N VAL B 85 8.29 1.37 8.81
CA VAL B 85 8.20 -0.09 9.13
C VAL B 85 9.05 -0.88 8.13
N THR B 86 9.12 -0.44 6.87
CA THR B 86 10.01 -1.02 5.83
C THR B 86 11.47 -0.92 6.28
N VAL B 87 11.88 0.20 6.88
CA VAL B 87 13.27 0.43 7.32
C VAL B 87 13.53 -0.45 8.57
N ALA B 88 12.56 -0.55 9.49
CA ALA B 88 12.67 -1.47 10.65
C ALA B 88 12.80 -2.91 10.17
N HIS B 89 12.04 -3.33 9.16
CA HIS B 89 12.11 -4.72 8.65
C HIS B 89 13.52 -5.03 8.12
N CYS B 90 14.13 -4.12 7.36
CA CYS B 90 15.50 -4.32 6.84
C CYS B 90 16.47 -4.51 8.01
N MET B 91 16.33 -3.72 9.08
CA MET B 91 17.19 -3.82 10.27
C MET B 91 16.94 -5.19 10.93
N TYR B 92 15.68 -5.62 10.96
CA TYR B 92 15.29 -6.96 11.46
C TYR B 92 16.08 -8.02 10.67
N ALA B 93 16.09 -7.93 9.34
CA ALA B 93 16.75 -8.94 8.47
C ALA B 93 18.26 -8.95 8.75
N ILE B 94 18.89 -7.79 8.94
CA ILE B 94 20.36 -7.66 9.23
C ILE B 94 20.64 -8.34 10.57
N LEU B 95 19.84 -8.03 11.59
CA LEU B 95 20.02 -8.51 12.98
C LEU B 95 19.80 -10.02 13.06
N GLN B 96 18.82 -10.57 12.33
CA GLN B 96 18.55 -12.03 12.34
C GLN B 96 19.75 -12.79 11.72
N ASN B 97 20.39 -12.24 10.70
CA ASN B 97 21.53 -12.86 9.99
C ASN B 97 22.88 -12.53 10.64
N ASN B 98 22.92 -11.77 11.75
CA ASN B 98 24.15 -11.42 12.50
C ASN B 98 23.86 -11.40 14.00
N HIS B 99 23.14 -12.39 14.53
CA HIS B 99 22.48 -12.27 15.85
C HIS B 99 23.52 -12.17 16.99
N THR B 100 24.70 -12.80 16.88
CA THR B 100 25.71 -12.81 17.99
C THR B 100 26.50 -11.51 18.03
N LEU B 101 26.57 -10.76 16.93
CA LEU B 101 27.40 -9.52 16.86
C LEU B 101 26.84 -8.41 17.76
N PHE B 102 25.54 -8.37 18.07
CA PHE B 102 24.92 -7.20 18.74
C PHE B 102 24.38 -7.59 20.11
N THR B 103 24.39 -6.64 21.05
CA THR B 103 23.87 -6.83 22.43
C THR B 103 22.34 -6.71 22.43
N ASP B 104 21.71 -7.13 23.54
CA ASP B 104 20.23 -7.07 23.71
C ASP B 104 19.80 -5.60 23.66
N LEU B 105 20.56 -4.71 24.30
CA LEU B 105 20.34 -3.23 24.28
C LEU B 105 20.34 -2.72 22.83
N GLU B 106 21.31 -3.14 22.02
CA GLU B 106 21.45 -2.70 20.60
C GLU B 106 20.26 -3.25 19.79
N ARG B 107 19.84 -4.49 20.02
CA ARG B 107 18.73 -5.10 19.25
C ARG B 107 17.44 -4.33 19.58
N LYS B 108 17.17 -4.08 20.87
CA LYS B 108 16.04 -3.25 21.36
C LYS B 108 16.08 -1.88 20.66
N GLY B 109 17.18 -1.15 20.83
CA GLY B 109 17.37 0.25 20.40
C GLY B 109 17.21 0.44 18.90
N LEU B 110 17.74 -0.48 18.08
CA LEU B 110 17.87 -0.27 16.61
C LEU B 110 16.52 -0.48 15.90
N LEU B 111 15.69 -1.41 16.36
CA LEU B 111 14.35 -1.59 15.73
C LEU B 111 13.49 -0.37 16.05
N ILE B 112 13.59 0.15 17.28
CA ILE B 112 12.87 1.38 17.73
C ILE B 112 13.42 2.56 16.93
N ALA B 113 14.74 2.68 16.81
CA ALA B 113 15.40 3.76 16.05
C ALA B 113 14.82 3.81 14.62
N CYS B 114 14.72 2.65 13.99
CA CYS B 114 14.25 2.52 12.58
C CYS B 114 12.77 2.96 12.50
N LEU B 115 11.93 2.52 13.45
CA LEU B 115 10.49 2.86 13.48
C LEU B 115 10.31 4.38 13.61
N CYS B 116 11.15 5.05 14.40
CA CYS B 116 11.03 6.49 14.76
C CYS B 116 11.89 7.41 13.87
N HIS B 117 12.70 6.89 12.93
CA HIS B 117 13.85 7.63 12.33
C HIS B 117 13.37 8.78 11.44
N ASP B 118 12.12 8.78 10.97
CA ASP B 118 11.60 9.88 10.11
C ASP B 118 10.38 10.56 10.75
N LEU B 119 10.22 10.48 12.07
CA LEU B 119 8.99 10.97 12.76
C LEU B 119 8.72 12.43 12.35
N ASP B 120 7.48 12.69 11.94
CA ASP B 120 6.95 14.06 11.70
C ASP B 120 7.64 14.67 10.48
N HIS B 121 8.10 13.83 9.56
CA HIS B 121 8.65 14.25 8.24
C HIS B 121 7.54 14.95 7.43
N ARG B 122 7.89 16.03 6.74
CA ARG B 122 6.91 16.84 5.95
C ARG B 122 7.13 16.64 4.45
N GLY B 123 8.06 15.78 4.04
CA GLY B 123 8.39 15.47 2.63
C GLY B 123 9.45 16.39 2.05
N PHE B 124 10.12 17.19 2.87
CA PHE B 124 11.10 18.21 2.40
C PHE B 124 12.48 17.92 3.00
N SER B 125 13.53 18.16 2.19
CA SER B 125 14.95 17.98 2.57
C SER B 125 15.37 19.05 3.57
N ASN B 126 16.48 18.81 4.26
CA ASN B 126 17.16 19.80 5.12
C ASN B 126 17.46 21.10 4.33
N SER B 127 17.91 20.99 3.08
CA SER B 127 18.20 22.15 2.21
C SER B 127 16.96 23.02 2.09
N TYR B 128 15.80 22.44 1.77
CA TYR B 128 14.58 23.25 1.56
C TYR B 128 14.20 23.97 2.87
N LEU B 129 14.21 23.27 4.00
CA LEU B 129 13.99 23.90 5.35
C LEU B 129 14.95 25.08 5.51
N GLN B 130 16.21 24.95 5.07
CA GLN B 130 17.26 26.00 5.22
C GLN B 130 16.89 27.20 4.34
N LYS B 131 16.55 26.98 3.07
CA LYS B 131 16.26 28.06 2.11
C LYS B 131 14.93 28.73 2.47
N PHE B 132 13.98 28.00 3.03
CA PHE B 132 12.66 28.54 3.42
C PHE B 132 12.79 29.39 4.70
N ASP B 133 13.83 29.13 5.49
CA ASP B 133 14.03 29.75 6.82
C ASP B 133 12.91 29.24 7.74
N HIS B 134 12.71 27.92 7.75
CA HIS B 134 11.81 27.19 8.69
C HIS B 134 12.37 27.30 10.10
N PRO B 135 11.53 27.48 11.14
CA PRO B 135 11.98 27.49 12.53
C PRO B 135 12.93 26.35 12.92
N LEU B 136 12.71 25.16 12.40
CA LEU B 136 13.55 23.97 12.70
C LEU B 136 15.00 24.20 12.22
N ALA B 137 15.23 25.01 11.18
CA ALA B 137 16.58 25.29 10.64
C ALA B 137 17.38 26.13 11.64
N ALA B 138 16.71 26.96 12.45
CA ALA B 138 17.33 27.86 13.46
C ALA B 138 17.61 27.07 14.74
N LEU B 139 16.72 26.15 15.09
CA LEU B 139 16.91 25.25 16.24
C LEU B 139 18.07 24.27 15.96
N TYR B 140 18.12 23.69 14.77
CA TYR B 140 19.08 22.60 14.41
C TYR B 140 19.84 23.01 13.14
N SER B 141 21.06 23.54 13.29
CA SER B 141 21.82 24.12 12.17
C SER B 141 22.23 23.01 11.18
N THR B 142 22.58 21.82 11.67
CA THR B 142 22.90 20.64 10.82
C THR B 142 21.99 19.47 11.18
N SER B 143 21.89 18.53 10.24
CA SER B 143 20.99 17.35 10.32
C SER B 143 19.63 17.81 10.86
N THR B 144 19.07 18.88 10.28
CA THR B 144 17.90 19.61 10.84
C THR B 144 16.75 18.64 11.10
N MET B 145 16.32 17.91 10.08
CA MET B 145 15.15 17.01 10.24
C MET B 145 15.53 15.88 11.20
N GLU B 146 16.76 15.36 11.11
CA GLU B 146 17.14 14.18 11.93
C GLU B 146 17.16 14.57 13.42
N GLN B 147 17.64 15.76 13.78
CA GLN B 147 17.62 16.18 15.20
C GLN B 147 16.16 16.29 15.65
N HIS B 148 15.28 16.80 14.79
CA HIS B 148 13.80 16.89 15.02
C HIS B 148 13.22 15.49 15.24
N HIS B 149 13.60 14.51 14.40
CA HIS B 149 13.10 13.12 14.52
C HIS B 149 13.48 12.53 15.89
N PHE B 150 14.71 12.77 16.35
CA PHE B 150 15.15 12.19 17.65
C PHE B 150 14.30 12.80 18.77
N SER B 151 14.10 14.11 18.70
CA SER B 151 13.37 14.93 19.70
C SER B 151 11.91 14.47 19.79
N GLN B 152 11.30 14.15 18.65
CA GLN B 152 9.92 13.61 18.59
C GLN B 152 9.90 12.25 19.27
N THR B 153 10.95 11.46 19.10
CA THR B 153 11.09 10.09 19.68
C THR B 153 11.05 10.21 21.20
N VAL B 154 11.84 11.14 21.76
CA VAL B 154 11.95 11.34 23.23
C VAL B 154 10.61 11.85 23.77
N SER B 155 9.96 12.79 23.09
CA SER B 155 8.62 13.32 23.47
C SER B 155 7.64 12.16 23.64
N ILE B 156 7.60 11.25 22.68
CA ILE B 156 6.65 10.11 22.71
C ILE B 156 7.02 9.15 23.85
N LEU B 157 8.31 8.92 24.12
CA LEU B 157 8.75 8.02 25.22
C LEU B 157 8.31 8.56 26.59
N GLN B 158 8.06 9.87 26.69
CA GLN B 158 7.81 10.58 27.95
C GLN B 158 6.30 10.75 28.18
N LEU B 159 5.47 10.40 27.20
CA LEU B 159 3.98 10.40 27.32
C LEU B 159 3.57 9.38 28.38
N GLU B 160 2.49 9.63 29.14
CA GLU B 160 1.94 8.71 30.19
C GLU B 160 1.82 7.30 29.59
N GLY B 161 2.49 6.32 30.20
CA GLY B 161 2.36 4.88 29.85
C GLY B 161 3.04 4.52 28.53
N HIS B 162 3.95 5.34 28.00
CA HIS B 162 4.63 5.11 26.70
C HIS B 162 6.09 4.67 26.89
N ASN B 163 6.63 4.69 28.11
CA ASN B 163 8.08 4.42 28.34
C ASN B 163 8.34 2.91 28.32
N ILE B 164 8.56 2.38 27.12
CA ILE B 164 8.88 0.96 26.82
C ILE B 164 10.23 0.55 27.40
N PHE B 165 11.02 1.48 27.94
CA PHE B 165 12.35 1.19 28.53
C PHE B 165 12.30 1.35 30.07
N SER B 166 11.11 1.23 30.66
CA SER B 166 10.87 1.45 32.12
C SER B 166 11.74 0.48 32.94
N THR B 167 11.85 -0.78 32.53
CA THR B 167 12.53 -1.89 33.26
C THR B 167 14.05 -1.87 33.10
N LEU B 168 14.63 -0.93 32.34
CA LEU B 168 16.10 -0.77 32.17
C LEU B 168 16.63 0.01 33.36
N SER B 169 17.84 -0.33 33.86
CA SER B 169 18.58 0.50 34.85
C SER B 169 18.76 1.91 34.29
N SER B 170 19.03 2.89 35.16
CA SER B 170 19.30 4.29 34.77
C SER B 170 20.44 4.34 33.73
N SER B 171 21.44 3.47 33.88
CA SER B 171 22.62 3.39 32.99
C SER B 171 22.26 2.75 31.65
N GLU B 172 21.59 1.59 31.65
CA GLU B 172 21.11 0.94 30.41
C GLU B 172 20.15 1.87 29.67
N TYR B 173 19.29 2.60 30.38
CA TYR B 173 18.34 3.56 29.77
C TYR B 173 19.16 4.59 28.99
N GLU B 174 20.15 5.18 29.64
CA GLU B 174 20.99 6.27 29.05
C GLU B 174 21.76 5.73 27.83
N GLN B 175 22.18 4.47 27.84
CA GLN B 175 22.95 3.88 26.72
C GLN B 175 22.01 3.68 25.53
N VAL B 176 20.80 3.16 25.78
CA VAL B 176 19.85 2.80 24.69
C VAL B 176 19.39 4.10 23.99
N LEU B 177 19.19 5.19 24.73
CA LEU B 177 18.81 6.49 24.12
C LEU B 177 20.00 7.06 23.32
N GLU B 178 21.23 6.74 23.73
CA GLU B 178 22.44 7.20 23.00
C GLU B 178 22.60 6.38 21.71
N ILE B 179 22.31 5.09 21.75
CA ILE B 179 22.25 4.21 20.54
C ILE B 179 21.22 4.79 19.56
N ILE B 180 20.00 5.07 20.03
CA ILE B 180 18.87 5.61 19.20
C ILE B 180 19.24 6.99 18.63
N ARG B 181 19.82 7.90 19.42
CA ARG B 181 20.19 9.24 18.93
C ARG B 181 21.18 9.10 17.75
N LYS B 182 22.29 8.40 17.97
CA LYS B 182 23.33 8.25 16.93
C LYS B 182 22.72 7.53 15.72
N ALA B 183 21.93 6.48 15.92
CA ALA B 183 21.34 5.74 14.76
C ALA B 183 20.52 6.74 13.92
N ILE B 184 19.73 7.60 14.56
CA ILE B 184 18.78 8.49 13.84
C ILE B 184 19.56 9.60 13.12
N ILE B 185 20.56 10.20 13.79
CA ILE B 185 21.43 11.24 13.17
C ILE B 185 22.16 10.65 11.96
N ALA B 186 22.52 9.37 11.97
CA ALA B 186 23.24 8.69 10.87
C ALA B 186 22.39 8.63 9.58
N THR B 187 21.06 8.65 9.66
CA THR B 187 20.15 8.58 8.48
C THR B 187 20.21 9.88 7.66
N ASP B 188 20.88 10.93 8.15
CA ASP B 188 21.26 12.13 7.35
C ASP B 188 22.27 11.71 6.28
N LEU B 189 21.85 11.58 5.01
CA LEU B 189 22.72 11.02 3.95
C LEU B 189 23.97 11.89 3.79
N ALA B 190 23.95 13.17 4.16
CA ALA B 190 25.13 14.05 4.14
C ALA B 190 26.27 13.41 4.95
N LEU B 191 25.97 12.72 6.06
CA LEU B 191 27.01 12.16 6.98
C LEU B 191 27.46 10.79 6.50
N TYR B 192 26.70 10.14 5.63
CA TYR B 192 26.98 8.78 5.13
C TYR B 192 28.34 8.74 4.40
N PHE B 193 28.61 9.70 3.51
CA PHE B 193 29.80 9.68 2.59
C PHE B 193 31.10 9.55 3.43
N GLY B 194 31.27 10.41 4.43
CA GLY B 194 32.39 10.35 5.38
C GLY B 194 32.39 9.06 6.19
N ASN B 195 31.25 8.64 6.72
CA ASN B 195 31.16 7.42 7.57
C ASN B 195 31.67 6.22 6.76
N ARG B 196 31.10 5.96 5.59
CA ARG B 196 31.50 4.84 4.72
C ARG B 196 33.00 4.93 4.33
N LYS B 197 33.54 6.13 4.07
CA LYS B 197 34.98 6.24 3.71
C LYS B 197 35.87 5.81 4.88
N GLN B 198 35.57 6.24 6.11
CA GLN B 198 36.32 5.82 7.32
C GLN B 198 36.21 4.30 7.51
N LEU B 199 35.05 3.71 7.27
CA LEU B 199 34.82 2.26 7.51
C LEU B 199 35.58 1.43 6.48
N GLU B 200 35.47 1.82 5.20
CA GLU B 200 36.15 1.17 4.04
C GLU B 200 37.66 1.14 4.29
N GLU B 201 38.22 2.20 4.85
CA GLU B 201 39.68 2.35 5.10
C GLU B 201 40.07 1.50 6.31
N MET B 202 39.30 1.58 7.41
CA MET B 202 39.50 0.75 8.63
C MET B 202 39.43 -0.73 8.25
N TYR B 203 38.46 -1.12 7.44
CA TYR B 203 38.29 -2.51 7.01
C TYR B 203 39.54 -2.96 6.26
N GLN B 204 39.84 -2.30 5.16
CA GLN B 204 40.76 -2.85 4.13
C GLN B 204 42.20 -2.84 4.63
N THR B 205 42.49 -2.18 5.77
CA THR B 205 43.79 -2.26 6.46
C THR B 205 43.76 -3.31 7.59
N GLY B 206 42.58 -3.59 8.14
CA GLY B 206 42.36 -4.59 9.20
C GLY B 206 42.46 -3.96 10.57
N SER B 207 42.26 -2.65 10.70
CA SER B 207 42.24 -1.93 11.99
C SER B 207 40.81 -1.87 12.58
N LEU B 208 39.78 -2.28 11.82
CA LEU B 208 38.35 -2.19 12.24
C LEU B 208 38.11 -3.15 13.41
N ASN B 209 37.59 -2.62 14.53
CA ASN B 209 37.50 -3.35 15.82
C ASN B 209 36.09 -3.17 16.41
N LEU B 210 35.23 -4.17 16.28
CA LEU B 210 33.84 -4.15 16.81
C LEU B 210 33.81 -4.09 18.35
N ASN B 211 34.94 -4.20 19.05
CA ASN B 211 34.98 -4.01 20.52
C ASN B 211 35.38 -2.56 20.84
N ASN B 212 35.76 -1.80 19.82
CA ASN B 212 35.95 -0.32 19.89
C ASN B 212 34.56 0.31 19.68
N GLN B 213 34.07 1.12 20.62
CA GLN B 213 32.68 1.68 20.61
C GLN B 213 32.53 2.67 19.45
N SER B 214 33.54 3.52 19.27
CA SER B 214 33.72 4.45 18.12
C SER B 214 33.58 3.71 16.78
N HIS B 215 34.08 2.48 16.70
CA HIS B 215 33.98 1.65 15.48
C HIS B 215 32.57 1.05 15.38
N ARG B 216 32.00 0.57 16.49
CA ARG B 216 30.62 0.01 16.51
C ARG B 216 29.66 1.10 16.02
N ASP B 217 29.77 2.29 16.61
CA ASP B 217 28.97 3.49 16.23
C ASP B 217 28.97 3.62 14.70
N ARG B 218 30.14 3.49 14.04
CA ARG B 218 30.26 3.72 12.59
C ARG B 218 29.52 2.61 11.84
N VAL B 219 29.67 1.36 12.30
CA VAL B 219 29.05 0.19 11.61
C VAL B 219 27.53 0.31 11.78
N ILE B 220 27.04 0.79 12.93
CA ILE B 220 25.58 0.95 13.14
C ILE B 220 25.10 2.05 12.17
N GLY B 221 25.86 3.15 12.11
CA GLY B 221 25.61 4.25 11.16
C GLY B 221 25.39 3.71 9.77
N LEU B 222 26.27 2.84 9.29
CA LEU B 222 26.18 2.30 7.91
C LEU B 222 24.96 1.38 7.82
N MET B 223 24.70 0.61 8.87
CA MET B 223 23.51 -0.28 8.89
C MET B 223 22.25 0.58 8.71
N MET B 224 22.19 1.72 9.38
CA MET B 224 21.03 2.65 9.34
C MET B 224 20.89 3.23 7.93
N THR B 225 22.00 3.64 7.31
CA THR B 225 21.96 4.11 5.90
C THR B 225 21.40 2.98 5.03
N ALA B 226 21.93 1.76 5.15
CA ALA B 226 21.52 0.61 4.32
C ALA B 226 20.01 0.35 4.46
N CYS B 227 19.50 0.32 5.69
CA CYS B 227 18.05 0.12 5.96
C CYS B 227 17.24 1.28 5.35
N ASP B 228 17.72 2.51 5.53
CA ASP B 228 17.03 3.71 5.05
C ASP B 228 16.93 3.68 3.52
N LEU B 229 17.93 3.17 2.81
CA LEU B 229 17.91 3.16 1.33
C LEU B 229 17.30 1.86 0.79
N CYS B 230 16.76 0.98 1.63
CA CYS B 230 16.54 -0.45 1.25
C CYS B 230 15.54 -0.61 0.10
N SER B 231 14.79 0.43 -0.26
CA SER B 231 13.81 0.36 -1.38
C SER B 231 14.54 0.14 -2.72
N VAL B 232 15.84 0.46 -2.80
CA VAL B 232 16.67 0.20 -4.00
C VAL B 232 17.11 -1.28 -4.03
N THR B 233 16.79 -2.08 -3.01
CA THR B 233 17.23 -3.49 -2.88
C THR B 233 16.03 -4.46 -2.91
N LYS B 234 14.85 -3.97 -3.30
CA LYS B 234 13.65 -4.82 -3.42
C LYS B 234 13.71 -5.44 -4.81
N LEU B 235 12.81 -6.39 -5.09
CA LEU B 235 12.63 -6.90 -6.47
C LEU B 235 12.16 -5.74 -7.36
N TRP B 236 12.52 -5.78 -8.63
CA TRP B 236 12.37 -4.66 -9.60
C TRP B 236 10.96 -4.04 -9.55
N PRO B 237 9.87 -4.83 -9.58
CA PRO B 237 8.53 -4.24 -9.65
C PRO B 237 8.23 -3.35 -8.44
N VAL B 238 8.76 -3.71 -7.26
CA VAL B 238 8.63 -2.90 -6.01
C VAL B 238 9.52 -1.65 -6.09
N THR B 239 10.79 -1.81 -6.48
CA THR B 239 11.78 -0.71 -6.58
C THR B 239 11.27 0.38 -7.54
N LYS B 240 10.73 -0.03 -8.70
CA LYS B 240 10.18 0.85 -9.75
C LYS B 240 8.96 1.63 -9.23
N LEU B 241 8.00 0.95 -8.59
CA LEU B 241 6.79 1.63 -8.05
C LEU B 241 7.17 2.54 -6.89
N THR B 242 8.12 2.14 -6.02
CA THR B 242 8.56 2.97 -4.88
C THR B 242 9.27 4.23 -5.41
N ALA B 243 9.96 4.14 -6.55
CA ALA B 243 10.64 5.31 -7.18
C ALA B 243 9.61 6.40 -7.50
N ASN B 244 8.37 6.05 -7.89
CA ASN B 244 7.30 7.05 -8.15
C ASN B 244 7.01 7.84 -6.88
N ASP B 245 7.00 7.20 -5.71
CA ASP B 245 6.64 7.85 -4.43
C ASP B 245 7.76 8.84 -4.06
N ILE B 246 9.02 8.42 -4.13
CA ILE B 246 10.16 9.31 -3.74
C ILE B 246 10.18 10.53 -4.66
N TYR B 247 9.94 10.36 -5.97
CA TYR B 247 9.99 11.47 -6.97
C TYR B 247 8.78 12.39 -6.83
N ALA B 248 7.63 11.88 -6.39
CA ALA B 248 6.45 12.71 -6.06
C ALA B 248 6.86 13.73 -4.99
N GLU B 249 7.63 13.31 -3.98
CA GLU B 249 8.16 14.25 -2.95
C GLU B 249 9.19 15.19 -3.57
N PHE B 250 10.18 14.65 -4.29
CA PHE B 250 11.25 15.48 -4.91
C PHE B 250 10.61 16.56 -5.78
N TRP B 251 9.59 16.22 -6.57
CA TRP B 251 8.97 17.16 -7.54
C TRP B 251 8.23 18.28 -6.79
N ALA B 252 7.53 17.95 -5.70
CA ALA B 252 6.81 18.94 -4.87
C ALA B 252 7.83 19.86 -4.18
N GLU B 253 8.96 19.34 -3.74
CA GLU B 253 10.04 20.20 -3.18
C GLU B 253 10.57 21.10 -4.31
N GLY B 254 10.83 20.55 -5.49
CA GLY B 254 11.25 21.36 -6.66
C GLY B 254 10.28 22.50 -6.94
N ASP B 255 8.98 22.21 -6.86
CA ASP B 255 7.91 23.21 -7.09
C ASP B 255 8.05 24.30 -6.03
N GLU B 256 8.31 23.90 -4.78
CA GLU B 256 8.38 24.86 -3.64
C GLU B 256 9.68 25.68 -3.71
N MET B 257 10.76 25.11 -4.26
CA MET B 257 12.01 25.85 -4.56
C MET B 257 11.72 26.95 -5.59
N LYS B 258 10.99 26.62 -6.67
CA LYS B 258 10.63 27.59 -7.73
C LYS B 258 9.84 28.73 -7.12
N LYS B 259 8.91 28.44 -6.20
CA LYS B 259 8.06 29.44 -5.50
C LYS B 259 8.94 30.37 -4.66
N LEU B 260 10.09 29.90 -4.16
CA LEU B 260 11.06 30.76 -3.44
C LEU B 260 11.92 31.54 -4.45
N GLY B 261 11.81 31.25 -5.74
CA GLY B 261 12.62 31.93 -6.77
C GLY B 261 13.98 31.28 -6.94
N ILE B 262 14.08 29.98 -6.66
CA ILE B 262 15.34 29.19 -6.80
C ILE B 262 15.10 28.09 -7.82
N GLN B 263 15.97 27.96 -8.83
CA GLN B 263 15.86 26.85 -9.81
C GLN B 263 16.28 25.58 -9.08
N PRO B 264 15.42 24.55 -8.99
CA PRO B 264 15.80 23.33 -8.27
C PRO B 264 16.83 22.56 -9.12
N ILE B 265 17.57 21.67 -8.47
CA ILE B 265 18.44 20.69 -9.19
C ILE B 265 17.51 19.85 -10.08
N PRO B 266 18.04 19.27 -11.17
CA PRO B 266 17.20 18.53 -12.12
C PRO B 266 16.40 17.37 -11.49
N MET B 267 17.00 16.67 -10.53
CA MET B 267 16.37 15.52 -9.81
C MET B 267 14.99 15.93 -9.28
N MET B 268 14.83 17.17 -8.80
CA MET B 268 13.60 17.70 -8.14
C MET B 268 12.72 18.50 -9.13
N ASP B 269 13.11 18.65 -10.39
CA ASP B 269 12.39 19.47 -11.39
C ASP B 269 11.43 18.56 -12.17
N ARG B 270 10.12 18.76 -12.01
CA ARG B 270 9.12 17.86 -12.66
C ARG B 270 9.13 18.06 -14.18
N ASP B 271 9.58 19.22 -14.68
CA ASP B 271 9.73 19.47 -16.13
C ASP B 271 10.86 18.61 -16.72
N LYS B 272 11.72 17.98 -15.89
CA LYS B 272 12.88 17.17 -16.35
C LYS B 272 12.71 15.69 -15.98
N LYS B 273 11.49 15.16 -16.06
CA LYS B 273 11.16 13.73 -15.82
C LYS B 273 11.97 12.78 -16.73
N ASP B 274 12.24 13.16 -17.98
CA ASP B 274 12.97 12.30 -18.95
C ASP B 274 14.36 11.93 -18.37
N GLU B 275 14.94 12.78 -17.52
CA GLU B 275 16.31 12.59 -16.94
C GLU B 275 16.31 11.67 -15.71
N VAL B 276 15.17 11.05 -15.36
CA VAL B 276 15.02 10.25 -14.08
C VAL B 276 15.85 8.97 -14.15
N PRO B 277 15.78 8.16 -15.23
CA PRO B 277 16.58 6.95 -15.31
C PRO B 277 18.09 7.23 -15.13
N GLN B 278 18.61 8.31 -15.73
CA GLN B 278 20.05 8.68 -15.65
C GLN B 278 20.38 9.15 -14.22
N GLY B 279 19.43 9.82 -13.54
CA GLY B 279 19.58 10.26 -12.14
C GLY B 279 19.56 9.08 -11.16
N GLN B 280 18.75 8.03 -11.42
CA GLN B 280 18.73 6.77 -10.63
C GLN B 280 20.06 6.01 -10.81
N LEU B 281 20.53 5.88 -12.06
CA LEU B 281 21.87 5.29 -12.40
C LEU B 281 22.96 6.01 -11.58
N GLY B 282 22.89 7.33 -11.51
CA GLY B 282 23.86 8.13 -10.75
C GLY B 282 23.80 7.80 -9.27
N PHE B 283 22.58 7.61 -8.73
CA PHE B 283 22.37 7.34 -7.30
C PHE B 283 22.98 5.99 -6.94
N TYR B 284 22.73 4.95 -7.75
CA TYR B 284 23.22 3.57 -7.52
C TYR B 284 24.77 3.56 -7.54
N ASN B 285 25.37 4.17 -8.57
CA ASN B 285 26.85 4.18 -8.74
C ASN B 285 27.52 4.99 -7.62
N ALA B 286 26.96 6.14 -7.22
CA ALA B 286 27.58 7.11 -6.27
C ALA B 286 27.25 6.77 -4.81
N VAL B 287 26.10 6.16 -4.51
CA VAL B 287 25.63 6.00 -3.09
C VAL B 287 25.31 4.52 -2.81
N ALA B 288 24.34 3.93 -3.53
CA ALA B 288 23.76 2.62 -3.17
C ALA B 288 24.83 1.52 -3.24
N ILE B 289 25.53 1.36 -4.38
CA ILE B 289 26.47 0.22 -4.59
C ILE B 289 27.61 0.32 -3.59
N PRO B 290 28.28 1.47 -3.41
CA PRO B 290 29.31 1.58 -2.38
C PRO B 290 28.77 1.27 -0.98
N CYS B 291 27.51 1.64 -0.72
CA CYS B 291 26.86 1.41 0.60
C CYS B 291 26.79 -0.10 0.86
N TYR B 292 26.13 -0.86 -0.01
CA TYR B 292 25.88 -2.31 0.17
C TYR B 292 27.18 -3.11 -0.03
N THR B 293 28.19 -2.56 -0.73
CA THR B 293 29.49 -3.26 -0.89
C THR B 293 30.21 -3.23 0.46
N THR B 294 30.36 -2.05 1.07
CA THR B 294 31.07 -1.91 2.35
C THR B 294 30.34 -2.71 3.43
N LEU B 295 29.00 -2.75 3.39
CA LEU B 295 28.19 -3.45 4.44
C LEU B 295 28.52 -4.95 4.35
N THR B 296 28.53 -5.49 3.14
CA THR B 296 28.77 -6.94 2.88
C THR B 296 30.17 -7.33 3.34
N GLN B 297 31.16 -6.48 3.10
CA GLN B 297 32.55 -6.70 3.55
C GLN B 297 32.59 -6.79 5.08
N ILE B 298 31.86 -5.93 5.78
CA ILE B 298 31.90 -5.95 7.26
C ILE B 298 30.96 -7.04 7.78
N LEU B 299 29.82 -7.27 7.10
CA LEU B 299 28.73 -8.18 7.52
C LEU B 299 28.33 -9.02 6.31
N PRO B 300 29.10 -10.06 5.96
CA PRO B 300 28.86 -10.88 4.77
C PRO B 300 27.48 -11.49 4.58
N PRO B 301 26.73 -11.85 5.66
CA PRO B 301 25.33 -12.28 5.51
C PRO B 301 24.35 -11.22 4.93
N THR B 302 24.75 -9.93 4.86
CA THR B 302 23.96 -8.84 4.22
C THR B 302 24.16 -8.80 2.70
N GLU B 303 24.79 -9.82 2.12
CA GLU B 303 25.12 -9.98 0.68
C GLU B 303 23.89 -9.81 -0.21
N PRO B 304 22.73 -10.42 0.17
CA PRO B 304 21.54 -10.34 -0.69
C PRO B 304 21.09 -8.89 -1.00
N LEU B 305 21.36 -7.95 -0.09
CA LEU B 305 21.10 -6.50 -0.32
C LEU B 305 21.92 -6.03 -1.54
N LEU B 306 23.22 -6.33 -1.55
CA LEU B 306 24.13 -5.87 -2.64
C LEU B 306 23.70 -6.52 -3.95
N LYS B 307 23.34 -7.80 -3.91
CA LYS B 307 22.97 -8.56 -5.12
C LYS B 307 21.73 -7.88 -5.73
N ALA B 308 20.65 -7.74 -4.95
CA ALA B 308 19.40 -7.07 -5.39
C ALA B 308 19.73 -5.67 -5.91
N CYS B 309 20.67 -4.98 -5.25
CA CYS B 309 21.06 -3.61 -5.65
C CYS B 309 21.67 -3.65 -7.05
N ARG B 310 22.52 -4.65 -7.35
CA ARG B 310 23.18 -4.82 -8.68
CA ARG B 310 23.17 -4.81 -8.67
C ARG B 310 22.12 -5.12 -9.74
N ASP B 311 21.18 -6.02 -9.45
CA ASP B 311 20.06 -6.34 -10.37
C ASP B 311 19.28 -5.08 -10.73
N ASN B 312 18.96 -4.26 -9.72
CA ASN B 312 18.15 -3.04 -9.94
C ASN B 312 18.96 -2.04 -10.78
N LEU B 313 20.26 -1.87 -10.52
CA LEU B 313 21.17 -1.03 -11.36
C LEU B 313 21.06 -1.48 -12.83
N SER B 314 21.17 -2.78 -13.06
CA SER B 314 21.06 -3.42 -14.39
C SER B 314 19.70 -3.10 -15.04
N GLN B 315 18.58 -3.20 -14.30
CA GLN B 315 17.22 -2.88 -14.83
C GLN B 315 17.16 -1.39 -15.25
N TRP B 316 17.78 -0.49 -14.51
CA TRP B 316 17.76 0.98 -14.84
C TRP B 316 18.56 1.22 -16.12
N GLU B 317 19.63 0.45 -16.35
CA GLU B 317 20.43 0.52 -17.61
C GLU B 317 19.52 0.18 -18.77
N LYS B 318 18.77 -0.94 -18.67
CA LYS B 318 17.75 -1.37 -19.67
C LYS B 318 16.77 -0.24 -19.96
N VAL B 319 16.27 0.47 -18.92
CA VAL B 319 15.31 1.58 -19.11
C VAL B 319 15.97 2.70 -19.94
N ILE B 320 17.23 3.04 -19.65
CA ILE B 320 17.93 4.17 -20.33
C ILE B 320 18.10 3.86 -21.83
N ARG B 321 18.52 2.63 -22.15
CA ARG B 321 18.70 2.15 -23.55
C ARG B 321 17.33 2.00 -24.22
N GLY B 322 16.28 1.72 -23.46
CA GLY B 322 14.89 1.66 -23.95
C GLY B 322 14.38 0.24 -24.14
N GLU B 323 15.11 -0.76 -23.61
CA GLU B 323 14.73 -2.20 -23.67
C GLU B 323 13.66 -2.52 -22.62
N GLU B 324 13.34 -1.57 -21.72
CA GLU B 324 12.14 -1.62 -20.84
C GLU B 324 11.51 -0.23 -20.67
N THR B 325 10.19 -0.19 -20.46
CA THR B 325 9.40 0.98 -20.00
C THR B 325 9.38 1.01 -18.47
N GLY C 12 -43.44 7.91 11.75
CA GLY C 12 -42.77 9.20 12.16
C GLY C 12 -43.44 10.40 11.53
N LEU C 13 -43.40 11.56 12.19
CA LEU C 13 -44.08 12.81 11.74
C LEU C 13 -43.20 13.57 10.74
N MET C 14 -41.87 13.48 10.87
CA MET C 14 -40.90 14.11 9.93
C MET C 14 -40.76 13.23 8.68
N GLN C 15 -40.96 13.81 7.50
CA GLN C 15 -40.64 13.18 6.19
C GLN C 15 -39.54 14.00 5.52
N PHE C 16 -38.76 13.38 4.64
CA PHE C 16 -37.71 14.08 3.86
C PHE C 16 -38.31 14.56 2.54
N THR C 17 -37.91 15.75 2.12
CA THR C 17 -38.20 16.26 0.77
C THR C 17 -36.87 16.36 0.03
N LEU C 18 -36.94 16.41 -1.28
CA LEU C 18 -35.80 16.67 -2.17
C LEU C 18 -36.18 17.87 -3.02
N PRO C 19 -35.22 18.73 -3.38
CA PRO C 19 -35.46 19.75 -4.40
C PRO C 19 -36.22 19.09 -5.54
N VAL C 20 -36.98 19.87 -6.31
CA VAL C 20 -37.85 19.41 -7.44
C VAL C 20 -37.06 18.52 -8.43
N ARG C 21 -35.85 18.91 -8.85
CA ARG C 21 -35.11 18.14 -9.90
C ARG C 21 -34.82 16.73 -9.38
N LEU C 22 -34.42 16.58 -8.10
CA LEU C 22 -34.06 15.27 -7.48
C LEU C 22 -35.34 14.46 -7.25
N CYS C 23 -36.37 15.12 -6.71
CA CYS C 23 -37.70 14.51 -6.44
C CYS C 23 -38.18 13.76 -7.69
N LYS C 24 -37.98 14.35 -8.86
CA LYS C 24 -38.46 13.87 -10.17
C LYS C 24 -37.50 12.81 -10.73
N GLU C 25 -36.21 13.14 -10.76
CA GLU C 25 -35.14 12.34 -11.40
C GLU C 25 -34.83 11.08 -10.58
N ILE C 26 -35.12 11.03 -9.27
CA ILE C 26 -34.73 9.88 -8.39
C ILE C 26 -35.55 8.63 -8.75
N GLU C 27 -36.72 8.84 -9.36
CA GLU C 27 -37.64 7.74 -9.76
C GLU C 27 -37.07 7.03 -10.99
N LEU C 28 -36.12 7.65 -11.70
CA LEU C 28 -35.46 7.10 -12.92
C LEU C 28 -34.29 6.17 -12.54
N PHE C 29 -34.14 5.07 -13.27
CA PHE C 29 -33.11 4.04 -13.02
C PHE C 29 -31.71 4.65 -13.17
N HIS C 30 -31.54 5.65 -14.04
CA HIS C 30 -30.22 6.22 -14.40
C HIS C 30 -29.90 7.45 -13.55
N PHE C 31 -30.71 7.79 -12.56
CA PHE C 31 -30.40 8.88 -11.60
C PHE C 31 -28.94 8.71 -11.12
N ASP C 32 -28.19 9.81 -11.09
CA ASP C 32 -26.86 9.95 -10.45
C ASP C 32 -27.05 10.71 -9.14
N ILE C 33 -26.51 10.25 -7.99
CA ILE C 33 -26.79 10.92 -6.68
C ILE C 33 -26.02 12.26 -6.52
N GLY C 34 -25.15 12.64 -7.44
CA GLY C 34 -24.46 13.95 -7.39
C GLY C 34 -23.25 13.96 -6.45
N PRO C 35 -22.41 15.03 -6.49
CA PRO C 35 -21.17 15.11 -5.72
C PRO C 35 -21.29 15.65 -4.29
N PHE C 36 -22.48 15.98 -3.80
CA PHE C 36 -22.65 16.55 -2.44
C PHE C 36 -22.86 15.41 -1.43
N GLU C 37 -21.81 15.02 -0.72
CA GLU C 37 -21.85 13.86 0.22
C GLU C 37 -22.87 14.11 1.33
N ASN C 38 -22.98 15.34 1.80
CA ASN C 38 -23.85 15.66 2.96
C ASN C 38 -25.32 15.45 2.61
N MET C 39 -25.65 15.30 1.32
CA MET C 39 -27.05 15.03 0.87
C MET C 39 -27.37 13.53 0.75
N TRP C 40 -26.36 12.66 0.68
CA TRP C 40 -26.59 11.22 0.41
C TRP C 40 -27.42 10.60 1.54
N PRO C 41 -27.13 10.85 2.85
CA PRO C 41 -27.92 10.25 3.93
C PRO C 41 -29.42 10.54 3.78
N GLY C 42 -29.77 11.80 3.51
CA GLY C 42 -31.16 12.27 3.34
C GLY C 42 -31.83 11.61 2.13
N ILE C 43 -31.08 11.44 1.03
CA ILE C 43 -31.53 10.69 -0.19
C ILE C 43 -31.87 9.25 0.17
N PHE C 44 -31.04 8.59 0.97
CA PHE C 44 -31.30 7.20 1.44
C PHE C 44 -32.61 7.19 2.26
N VAL C 45 -32.74 8.08 3.25
CA VAL C 45 -33.92 8.09 4.16
C VAL C 45 -35.19 8.28 3.30
N TYR C 46 -35.14 9.20 2.33
CA TYR C 46 -36.26 9.47 1.40
C TYR C 46 -36.71 8.17 0.72
N MET C 47 -35.73 7.41 0.22
CA MET C 47 -36.03 6.15 -0.52
C MET C 47 -36.62 5.13 0.47
N VAL C 48 -36.12 5.07 1.70
CA VAL C 48 -36.66 4.17 2.77
C VAL C 48 -38.10 4.57 3.09
N HIS C 49 -38.41 5.87 3.27
CA HIS C 49 -39.79 6.35 3.60
C HIS C 49 -40.77 6.01 2.47
N ARG C 50 -40.36 6.17 1.22
CA ARG C 50 -41.23 5.97 0.03
C ARG C 50 -41.42 4.48 -0.27
N SER C 51 -40.37 3.65 -0.19
CA SER C 51 -40.41 2.22 -0.64
C SER C 51 -40.78 1.30 0.52
N CYS C 52 -40.50 1.72 1.74
CA CYS C 52 -40.75 0.92 2.95
C CYS C 52 -41.95 1.49 3.72
N GLY C 53 -41.97 2.81 3.96
CA GLY C 53 -42.99 3.51 4.76
C GLY C 53 -42.33 4.26 5.90
N THR C 54 -42.91 5.40 6.32
CA THR C 54 -42.36 6.30 7.38
C THR C 54 -42.28 5.58 8.74
N SER C 55 -42.87 4.39 8.85
CA SER C 55 -43.01 3.62 10.11
C SER C 55 -41.95 2.51 10.21
N CYS C 56 -41.39 2.07 9.08
CA CYS C 56 -40.48 0.89 8.99
C CYS C 56 -39.37 0.96 10.05
N PHE C 57 -38.85 2.16 10.30
CA PHE C 57 -37.69 2.38 11.20
C PHE C 57 -37.95 3.61 12.06
N GLU C 58 -37.38 3.65 13.25
CA GLU C 58 -37.32 4.86 14.12
C GLU C 58 -36.18 5.75 13.59
N LEU C 59 -36.50 7.00 13.25
CA LEU C 59 -35.59 7.95 12.55
C LEU C 59 -34.28 8.13 13.32
N GLU C 60 -34.32 8.36 14.64
CA GLU C 60 -33.10 8.55 15.47
C GLU C 60 -32.15 7.39 15.20
N LYS C 61 -32.67 6.16 15.30
CA LYS C 61 -31.88 4.89 15.20
C LYS C 61 -31.36 4.72 13.78
N LEU C 62 -32.19 5.01 12.77
CA LEU C 62 -31.81 4.91 11.34
C LEU C 62 -30.64 5.86 11.10
N CME C 63 -30.76 7.12 11.54
CA CME C 63 -29.75 8.17 11.26
CB CME C 63 -30.28 9.57 11.59
SG CME C 63 -31.31 10.32 10.29
SD CME C 63 -29.99 10.47 8.73
CE CME C 63 -30.21 12.14 8.04
CZ CME C 63 -28.95 12.92 8.20
OH CME C 63 -28.96 14.07 7.39
C CME C 63 -28.43 7.79 11.91
O CME C 63 -27.38 7.98 11.25
N ARG C 64 -28.41 7.23 13.12
CA ARG C 64 -27.08 6.90 13.71
C ARG C 64 -26.56 5.61 13.06
N PHE C 65 -27.42 4.68 12.65
CA PHE C 65 -27.02 3.49 11.84
C PHE C 65 -26.34 3.98 10.56
N ILE C 66 -27.01 4.87 9.82
CA ILE C 66 -26.51 5.38 8.51
C ILE C 66 -25.12 5.99 8.73
N MET C 67 -24.92 6.75 9.80
CA MET C 67 -23.67 7.54 10.00
C MET C 67 -22.55 6.61 10.49
N SER C 68 -22.89 5.52 11.17
CA SER C 68 -21.92 4.47 11.56
C SER C 68 -21.48 3.67 10.33
N VAL C 69 -22.41 3.41 9.41
CA VAL C 69 -22.10 2.68 8.15
C VAL C 69 -21.15 3.51 7.28
N LYS C 70 -21.45 4.80 7.05
CA LYS C 70 -20.61 5.76 6.28
C LYS C 70 -19.17 5.73 6.80
N LYS C 71 -19.03 5.88 8.12
CA LYS C 71 -17.76 5.86 8.89
C LYS C 71 -16.96 4.59 8.57
N ASN C 72 -17.61 3.48 8.25
CA ASN C 72 -16.90 2.18 8.04
C ASN C 72 -16.68 1.89 6.56
N TYR C 73 -17.05 2.82 5.67
CA TYR C 73 -16.55 2.87 4.27
C TYR C 73 -15.22 3.63 4.24
N ARG C 74 -14.31 3.20 3.36
CA ARG C 74 -12.95 3.75 3.24
C ARG C 74 -12.87 4.69 2.05
N ARG C 75 -11.86 5.54 2.03
CA ARG C 75 -11.66 6.55 0.97
C ARG C 75 -10.86 5.86 -0.12
N VAL C 76 -11.55 5.02 -0.89
CA VAL C 76 -10.99 4.30 -2.06
C VAL C 76 -11.67 4.91 -3.28
N PRO C 77 -11.12 4.74 -4.49
CA PRO C 77 -11.65 5.43 -5.67
C PRO C 77 -13.09 5.03 -6.06
N TYR C 78 -13.47 3.76 -5.89
CA TYR C 78 -14.78 3.24 -6.36
C TYR C 78 -15.61 2.58 -5.25
N HIS C 79 -15.06 1.64 -4.48
CA HIS C 79 -15.78 0.84 -3.44
C HIS C 79 -15.97 1.66 -2.15
N ASN C 80 -16.68 2.77 -2.28
CA ASN C 80 -16.76 3.86 -1.27
C ASN C 80 -18.22 4.10 -0.87
N TRP C 81 -18.45 5.06 0.00
CA TRP C 81 -19.81 5.49 0.44
C TRP C 81 -20.70 5.81 -0.75
N LYS C 82 -20.16 6.50 -1.76
CA LYS C 82 -20.98 6.90 -2.94
C LYS C 82 -21.53 5.65 -3.64
N HIS C 83 -20.73 4.59 -3.76
CA HIS C 83 -21.13 3.32 -4.42
C HIS C 83 -22.26 2.65 -3.62
N ALA C 84 -22.15 2.66 -2.29
CA ALA C 84 -23.17 2.12 -1.36
C ALA C 84 -24.54 2.78 -1.60
N VAL C 85 -24.60 4.11 -1.62
CA VAL C 85 -25.90 4.83 -1.80
C VAL C 85 -26.39 4.61 -3.25
N THR C 86 -25.48 4.59 -4.24
CA THR C 86 -25.82 4.38 -5.68
C THR C 86 -26.47 3.00 -5.85
N VAL C 87 -25.90 1.99 -5.22
CA VAL C 87 -26.45 0.60 -5.28
C VAL C 87 -27.82 0.56 -4.58
N ALA C 88 -27.97 1.19 -3.41
CA ALA C 88 -29.25 1.31 -2.70
C ALA C 88 -30.30 1.98 -3.60
N HIS C 89 -29.92 3.02 -4.36
CA HIS C 89 -30.86 3.75 -5.24
C HIS C 89 -31.37 2.84 -6.36
N CYS C 90 -30.53 1.99 -6.95
CA CYS C 90 -30.97 1.07 -8.03
C CYS C 90 -31.99 0.10 -7.44
N MET C 91 -31.70 -0.48 -6.28
CA MET C 91 -32.68 -1.32 -5.53
C MET C 91 -33.97 -0.53 -5.30
N TYR C 92 -33.90 0.73 -4.84
CA TYR C 92 -35.10 1.61 -4.68
C TYR C 92 -35.93 1.62 -5.96
N ALA C 93 -35.29 1.85 -7.10
CA ALA C 93 -35.94 1.90 -8.43
C ALA C 93 -36.60 0.54 -8.73
N ILE C 94 -35.91 -0.59 -8.51
CA ILE C 94 -36.49 -1.93 -8.81
C ILE C 94 -37.73 -2.16 -7.93
N LEU C 95 -37.67 -1.84 -6.64
CA LEU C 95 -38.78 -2.06 -5.68
C LEU C 95 -39.98 -1.19 -6.05
N GLN C 96 -39.79 0.08 -6.41
CA GLN C 96 -40.93 1.00 -6.67
C GLN C 96 -41.63 0.61 -7.98
N ASN C 97 -40.93 0.00 -8.94
CA ASN C 97 -41.51 -0.43 -10.23
C ASN C 97 -41.99 -1.88 -10.15
N ASN C 98 -41.91 -2.51 -8.97
CA ASN C 98 -42.33 -3.92 -8.77
C ASN C 98 -42.96 -4.04 -7.37
N HIS C 99 -43.73 -3.05 -6.91
CA HIS C 99 -44.10 -2.92 -5.47
C HIS C 99 -44.97 -4.09 -5.00
N THR C 100 -45.78 -4.71 -5.86
CA THR C 100 -46.68 -5.83 -5.45
C THR C 100 -45.90 -7.12 -5.16
N LEU C 101 -44.65 -7.25 -5.61
CA LEU C 101 -43.93 -8.56 -5.60
C LEU C 101 -43.15 -8.82 -4.30
N PHE C 102 -42.85 -7.83 -3.49
CA PHE C 102 -41.95 -8.05 -2.33
C PHE C 102 -42.67 -7.80 -1.01
N THR C 103 -42.38 -8.65 -0.02
CA THR C 103 -42.89 -8.54 1.37
C THR C 103 -42.34 -7.27 2.02
N ASP C 104 -42.83 -6.96 3.22
CA ASP C 104 -42.42 -5.77 4.00
C ASP C 104 -40.97 -5.96 4.50
N LEU C 105 -40.69 -7.10 5.11
CA LEU C 105 -39.34 -7.48 5.60
C LEU C 105 -38.33 -7.34 4.44
N GLU C 106 -38.71 -7.77 3.23
CA GLU C 106 -37.85 -7.75 2.03
C GLU C 106 -37.48 -6.30 1.70
N ARG C 107 -38.44 -5.37 1.75
CA ARG C 107 -38.16 -3.95 1.40
C ARG C 107 -37.21 -3.35 2.44
N LYS C 108 -37.52 -3.54 3.74
CA LYS C 108 -36.65 -3.14 4.88
C LYS C 108 -35.24 -3.71 4.64
N GLY C 109 -35.15 -5.02 4.44
CA GLY C 109 -33.88 -5.77 4.39
C GLY C 109 -33.00 -5.37 3.22
N LEU C 110 -33.57 -5.16 2.04
CA LEU C 110 -32.77 -5.07 0.78
C LEU C 110 -32.11 -3.69 0.70
N LEU C 111 -32.78 -2.62 1.09
CA LEU C 111 -32.18 -1.26 1.01
C LEU C 111 -31.03 -1.18 2.00
N ILE C 112 -31.17 -1.81 3.16
CA ILE C 112 -30.12 -1.87 4.22
C ILE C 112 -28.96 -2.74 3.71
N ALA C 113 -29.25 -3.91 3.11
CA ALA C 113 -28.22 -4.81 2.55
C ALA C 113 -27.40 -4.06 1.49
N CYS C 114 -28.07 -3.33 0.60
CA CYS C 114 -27.38 -2.54 -0.47
C CYS C 114 -26.49 -1.47 0.19
N LEU C 115 -26.99 -0.78 1.20
CA LEU C 115 -26.17 0.27 1.88
C LEU C 115 -24.93 -0.38 2.53
N CYS C 116 -25.04 -1.62 2.99
CA CYS C 116 -23.99 -2.27 3.82
C CYS C 116 -23.09 -3.20 2.99
N HIS C 117 -23.37 -3.45 1.71
CA HIS C 117 -22.87 -4.64 0.95
C HIS C 117 -21.36 -4.60 0.69
N ASP C 118 -20.72 -3.42 0.74
CA ASP C 118 -19.25 -3.31 0.55
C ASP C 118 -18.58 -2.66 1.77
N LEU C 119 -19.13 -2.85 2.97
CA LEU C 119 -18.62 -2.27 4.24
C LEU C 119 -17.16 -2.64 4.41
N ASP C 120 -16.32 -1.63 4.59
CA ASP C 120 -14.90 -1.81 4.94
C ASP C 120 -14.10 -2.44 3.79
N HIS C 121 -14.53 -2.21 2.55
CA HIS C 121 -13.79 -2.62 1.32
C HIS C 121 -12.48 -1.85 1.23
N ARG C 122 -11.39 -2.49 0.82
CA ARG C 122 -10.05 -1.82 0.79
CA ARG C 122 -10.05 -1.85 0.79
C ARG C 122 -9.62 -1.60 -0.65
N GLY C 123 -10.50 -1.84 -1.62
CA GLY C 123 -10.23 -1.67 -3.05
C GLY C 123 -9.52 -2.86 -3.67
N PHE C 124 -9.51 -4.02 -2.99
CA PHE C 124 -8.84 -5.24 -3.47
C PHE C 124 -9.86 -6.38 -3.59
N SER C 125 -9.68 -7.21 -4.61
CA SER C 125 -10.58 -8.33 -4.96
C SER C 125 -10.35 -9.47 -3.99
N ASN C 126 -11.24 -10.48 -4.01
CA ASN C 126 -11.08 -11.75 -3.25
C ASN C 126 -9.80 -12.47 -3.71
N SER C 127 -9.47 -12.45 -5.01
CA SER C 127 -8.22 -13.04 -5.58
C SER C 127 -6.98 -12.45 -4.89
N TYR C 128 -6.86 -11.13 -4.87
CA TYR C 128 -5.67 -10.45 -4.28
C TYR C 128 -5.55 -10.86 -2.80
N LEU C 129 -6.63 -10.83 -2.01
CA LEU C 129 -6.58 -11.20 -0.58
C LEU C 129 -6.07 -12.65 -0.47
N GLN C 130 -6.46 -13.50 -1.41
CA GLN C 130 -6.12 -14.94 -1.37
C GLN C 130 -4.62 -15.09 -1.66
N LYS C 131 -4.16 -14.47 -2.74
CA LYS C 131 -2.74 -14.53 -3.16
C LYS C 131 -1.84 -13.85 -2.12
N PHE C 132 -2.30 -12.78 -1.50
CA PHE C 132 -1.55 -12.04 -0.44
C PHE C 132 -1.46 -12.90 0.82
N ASP C 133 -2.45 -13.79 1.01
CA ASP C 133 -2.60 -14.62 2.24
C ASP C 133 -3.07 -13.70 3.39
N HIS C 134 -4.16 -12.96 3.14
CA HIS C 134 -4.77 -12.05 4.15
C HIS C 134 -5.47 -12.87 5.21
N PRO C 135 -5.39 -12.49 6.49
CA PRO C 135 -6.10 -13.22 7.54
C PRO C 135 -7.58 -13.47 7.22
N LEU C 136 -8.25 -12.52 6.57
CA LEU C 136 -9.68 -12.63 6.16
C LEU C 136 -9.88 -13.86 5.25
N ALA C 137 -8.91 -14.22 4.43
CA ALA C 137 -8.97 -15.36 3.49
C ALA C 137 -8.87 -16.71 4.22
N ALA C 138 -8.30 -16.76 5.42
CA ALA C 138 -8.23 -17.98 6.28
C ALA C 138 -9.56 -18.15 7.00
N LEU C 139 -10.05 -17.05 7.59
CA LEU C 139 -11.38 -16.92 8.23
C LEU C 139 -12.53 -17.28 7.27
N TYR C 140 -12.49 -16.80 6.03
CA TYR C 140 -13.59 -16.96 5.04
C TYR C 140 -12.98 -17.46 3.73
N SER C 141 -13.05 -18.77 3.50
CA SER C 141 -12.34 -19.43 2.37
C SER C 141 -12.95 -19.00 1.04
N THR C 142 -14.28 -18.85 0.93
CA THR C 142 -14.95 -18.34 -0.31
C THR C 142 -15.71 -17.04 0.01
N SER C 143 -16.06 -16.28 -1.01
CA SER C 143 -16.74 -14.96 -0.89
C SER C 143 -16.11 -14.16 0.28
N THR C 144 -14.78 -14.07 0.31
CA THR C 144 -14.02 -13.58 1.49
C THR C 144 -14.51 -12.19 1.92
N MET C 145 -14.51 -11.23 0.99
CA MET C 145 -14.84 -9.82 1.32
C MET C 145 -16.33 -9.76 1.70
N GLU C 146 -17.17 -10.57 1.05
CA GLU C 146 -18.64 -10.46 1.21
C GLU C 146 -19.01 -10.97 2.61
N GLN C 147 -18.37 -12.03 3.09
CA GLN C 147 -18.56 -12.52 4.48
C GLN C 147 -18.08 -11.45 5.48
N HIS C 148 -16.98 -10.76 5.17
CA HIS C 148 -16.52 -9.60 5.98
C HIS C 148 -17.62 -8.53 6.01
N HIS C 149 -18.22 -8.22 4.85
CA HIS C 149 -19.21 -7.10 4.74
C HIS C 149 -20.40 -7.42 5.63
N PHE C 150 -20.93 -8.64 5.54
CA PHE C 150 -22.06 -9.07 6.38
C PHE C 150 -21.66 -9.00 7.85
N SER C 151 -20.47 -9.52 8.18
CA SER C 151 -19.93 -9.51 9.55
C SER C 151 -19.87 -8.07 10.08
N GLN C 152 -19.39 -7.11 9.28
CA GLN C 152 -19.30 -5.67 9.66
C GLN C 152 -20.70 -5.09 9.87
N THR C 153 -21.68 -5.55 9.08
CA THR C 153 -23.11 -5.13 9.16
C THR C 153 -23.68 -5.53 10.53
N VAL C 154 -23.49 -6.78 10.93
CA VAL C 154 -23.98 -7.32 12.24
C VAL C 154 -23.29 -6.54 13.38
N SER C 155 -21.99 -6.27 13.30
CA SER C 155 -21.23 -5.44 14.29
C SER C 155 -21.90 -4.09 14.52
N ILE C 156 -22.28 -3.39 13.45
CA ILE C 156 -22.91 -2.03 13.55
C ILE C 156 -24.32 -2.17 14.15
N LEU C 157 -25.08 -3.19 13.79
CA LEU C 157 -26.45 -3.42 14.35
C LEU C 157 -26.37 -3.63 15.88
N GLN C 158 -25.28 -4.22 16.39
CA GLN C 158 -25.14 -4.57 17.83
C GLN C 158 -24.52 -3.42 18.63
N LEU C 159 -24.10 -2.33 17.97
CA LEU C 159 -23.70 -1.07 18.66
C LEU C 159 -24.92 -0.52 19.44
N GLU C 160 -24.66 0.12 20.59
CA GLU C 160 -25.71 0.73 21.43
C GLU C 160 -26.47 1.76 20.57
N GLY C 161 -27.79 1.72 20.59
CA GLY C 161 -28.67 2.68 19.92
C GLY C 161 -28.73 2.48 18.40
N HIS C 162 -28.21 1.36 17.88
CA HIS C 162 -28.08 1.12 16.40
C HIS C 162 -29.05 0.05 15.90
N ASN C 163 -29.77 -0.65 16.79
CA ASN C 163 -30.66 -1.77 16.38
C ASN C 163 -31.94 -1.22 15.76
N ILE C 164 -31.88 -0.87 14.48
CA ILE C 164 -33.01 -0.37 13.64
C ILE C 164 -34.09 -1.45 13.48
N PHE C 165 -33.83 -2.71 13.85
CA PHE C 165 -34.81 -3.82 13.76
C PHE C 165 -35.33 -4.23 15.15
N SER C 166 -35.34 -3.33 16.12
CA SER C 166 -35.70 -3.65 17.54
C SER C 166 -37.21 -3.93 17.68
N THR C 167 -38.07 -3.39 16.82
CA THR C 167 -39.55 -3.59 16.90
C THR C 167 -39.93 -4.95 16.34
N LEU C 168 -39.10 -5.56 15.47
CA LEU C 168 -39.44 -6.87 14.85
C LEU C 168 -39.59 -7.90 15.96
N SER C 169 -40.43 -8.92 15.75
CA SER C 169 -40.46 -10.17 16.57
C SER C 169 -39.13 -10.89 16.38
N SER C 170 -38.80 -11.83 17.27
CA SER C 170 -37.57 -12.65 17.21
C SER C 170 -37.48 -13.36 15.85
N SER C 171 -38.61 -13.85 15.33
CA SER C 171 -38.68 -14.67 14.09
C SER C 171 -38.40 -13.79 12.87
N GLU C 172 -39.06 -12.63 12.83
CA GLU C 172 -38.89 -11.59 11.80
C GLU C 172 -37.43 -11.11 11.79
N TYR C 173 -36.84 -10.92 12.97
CA TYR C 173 -35.45 -10.44 13.14
C TYR C 173 -34.49 -11.43 12.49
N GLU C 174 -34.68 -12.70 12.80
CA GLU C 174 -33.91 -13.83 12.23
C GLU C 174 -34.08 -13.85 10.69
N GLN C 175 -35.29 -13.62 10.19
CA GLN C 175 -35.61 -13.66 8.74
C GLN C 175 -34.91 -12.49 8.02
N VAL C 176 -35.05 -11.28 8.55
CA VAL C 176 -34.50 -10.07 7.88
C VAL C 176 -32.97 -10.17 7.87
N LEU C 177 -32.36 -10.70 8.94
CA LEU C 177 -30.88 -10.85 8.98
C LEU C 177 -30.45 -11.88 7.92
N GLU C 178 -31.27 -12.91 7.69
CA GLU C 178 -30.99 -13.96 6.69
C GLU C 178 -31.19 -13.42 5.26
N ILE C 179 -32.24 -12.63 5.00
CA ILE C 179 -32.42 -11.89 3.73
C ILE C 179 -31.15 -11.09 3.43
N ILE C 180 -30.65 -10.36 4.43
CA ILE C 180 -29.49 -9.43 4.30
C ILE C 180 -28.22 -10.24 4.01
N ARG C 181 -28.00 -11.33 4.74
CA ARG C 181 -26.80 -12.21 4.55
C ARG C 181 -26.79 -12.71 3.10
N LYS C 182 -27.82 -13.41 2.67
CA LYS C 182 -27.86 -13.99 1.28
C LYS C 182 -27.66 -12.88 0.25
N ALA C 183 -28.29 -11.72 0.44
CA ALA C 183 -28.25 -10.57 -0.48
C ALA C 183 -26.79 -10.07 -0.61
N ILE C 184 -26.07 -9.97 0.51
CA ILE C 184 -24.66 -9.46 0.52
C ILE C 184 -23.71 -10.51 -0.09
N ILE C 185 -23.88 -11.78 0.25
CA ILE C 185 -23.06 -12.89 -0.32
C ILE C 185 -23.28 -12.95 -1.84
N ALA C 186 -24.51 -12.66 -2.30
CA ALA C 186 -24.88 -12.64 -3.74
C ALA C 186 -24.04 -11.61 -4.53
N THR C 187 -23.60 -10.50 -3.92
CA THR C 187 -22.74 -9.48 -4.59
C THR C 187 -21.35 -10.05 -4.92
N ASP C 188 -21.04 -11.29 -4.54
CA ASP C 188 -19.79 -11.94 -5.02
C ASP C 188 -20.00 -12.37 -6.48
N LEU C 189 -19.38 -11.67 -7.42
CA LEU C 189 -19.58 -11.91 -8.87
C LEU C 189 -19.24 -13.37 -9.22
N ALA C 190 -18.40 -14.05 -8.45
CA ALA C 190 -18.06 -15.47 -8.73
C ALA C 190 -19.32 -16.33 -8.60
N LEU C 191 -20.28 -15.92 -7.76
CA LEU C 191 -21.53 -16.70 -7.53
C LEU C 191 -22.59 -16.33 -8.59
N TYR C 192 -22.46 -15.17 -9.23
CA TYR C 192 -23.46 -14.64 -10.18
C TYR C 192 -23.67 -15.61 -11.36
N PHE C 193 -22.59 -16.16 -11.92
CA PHE C 193 -22.62 -16.95 -13.18
C PHE C 193 -23.55 -18.14 -12.98
N GLY C 194 -23.28 -18.94 -11.93
CA GLY C 194 -24.12 -20.07 -11.48
C GLY C 194 -25.57 -19.67 -11.24
N ASN C 195 -25.78 -18.58 -10.49
CA ASN C 195 -27.13 -18.09 -10.07
C ASN C 195 -27.95 -17.78 -11.32
N ARG C 196 -27.41 -16.97 -12.24
CA ARG C 196 -28.13 -16.52 -13.46
C ARG C 196 -28.47 -17.72 -14.34
N LYS C 197 -27.53 -18.66 -14.50
CA LYS C 197 -27.71 -19.88 -15.32
C LYS C 197 -28.90 -20.68 -14.78
N GLN C 198 -28.96 -20.92 -13.47
CA GLN C 198 -30.07 -21.64 -12.80
C GLN C 198 -31.37 -20.87 -13.01
N LEU C 199 -31.35 -19.55 -12.79
CA LEU C 199 -32.56 -18.69 -12.92
C LEU C 199 -33.05 -18.73 -14.36
N GLU C 200 -32.14 -18.63 -15.32
CA GLU C 200 -32.47 -18.66 -16.77
C GLU C 200 -33.18 -19.99 -17.08
N GLU C 201 -32.63 -21.14 -16.68
CA GLU C 201 -33.29 -22.46 -16.88
C GLU C 201 -34.68 -22.45 -16.24
N MET C 202 -34.84 -21.91 -15.04
CA MET C 202 -36.12 -21.96 -14.30
C MET C 202 -37.15 -21.12 -15.05
N TYR C 203 -36.77 -19.92 -15.47
CA TYR C 203 -37.64 -19.01 -16.25
C TYR C 203 -38.07 -19.68 -17.57
N GLN C 204 -37.12 -20.21 -18.35
CA GLN C 204 -37.34 -20.75 -19.72
C GLN C 204 -38.24 -22.00 -19.65
N THR C 205 -38.08 -22.86 -18.64
CA THR C 205 -38.86 -24.12 -18.47
C THR C 205 -40.20 -23.81 -17.79
N GLY C 206 -40.37 -22.62 -17.23
CA GLY C 206 -41.61 -22.16 -16.59
C GLY C 206 -41.79 -22.73 -15.18
N SER C 207 -40.74 -23.31 -14.58
CA SER C 207 -40.75 -23.81 -13.19
C SER C 207 -40.50 -22.68 -12.17
N LEU C 208 -40.09 -21.48 -12.62
CA LEU C 208 -39.82 -20.33 -11.70
C LEU C 208 -41.09 -20.00 -10.92
N ASN C 209 -40.97 -19.83 -9.61
CA ASN C 209 -42.14 -19.76 -8.70
C ASN C 209 -41.75 -18.88 -7.51
N LEU C 210 -42.26 -17.65 -7.48
CA LEU C 210 -41.90 -16.66 -6.41
C LEU C 210 -42.47 -17.07 -5.05
N ASN C 211 -43.30 -18.13 -4.96
CA ASN C 211 -43.81 -18.67 -3.68
C ASN C 211 -42.83 -19.69 -3.12
N ASN C 212 -41.84 -20.12 -3.92
CA ASN C 212 -40.76 -21.02 -3.46
C ASN C 212 -39.62 -20.13 -2.94
N GLN C 213 -39.17 -20.33 -1.68
CA GLN C 213 -38.21 -19.42 -0.99
C GLN C 213 -36.84 -19.51 -1.66
N SER C 214 -36.41 -20.71 -2.11
CA SER C 214 -35.12 -20.86 -2.80
C SER C 214 -35.13 -20.13 -4.16
N HIS C 215 -36.28 -20.05 -4.85
CA HIS C 215 -36.44 -19.29 -6.11
C HIS C 215 -36.35 -17.79 -5.78
N ARG C 216 -37.09 -17.33 -4.77
CA ARG C 216 -37.08 -15.92 -4.33
C ARG C 216 -35.64 -15.48 -4.06
N ASP C 217 -34.89 -16.32 -3.33
CA ASP C 217 -33.48 -16.06 -2.92
C ASP C 217 -32.63 -15.84 -4.17
N ARG C 218 -32.80 -16.68 -5.18
CA ARG C 218 -32.08 -16.57 -6.47
C ARG C 218 -32.44 -15.25 -7.15
N VAL C 219 -33.74 -14.92 -7.26
CA VAL C 219 -34.20 -13.65 -7.89
C VAL C 219 -33.58 -12.45 -7.14
N ILE C 220 -33.63 -12.47 -5.81
CA ILE C 220 -33.04 -11.36 -4.99
C ILE C 220 -31.52 -11.33 -5.22
N GLY C 221 -30.89 -12.50 -5.37
CA GLY C 221 -29.45 -12.60 -5.70
C GLY C 221 -29.11 -11.84 -6.98
N LEU C 222 -29.89 -12.05 -8.02
CA LEU C 222 -29.74 -11.41 -9.35
C LEU C 222 -30.06 -9.90 -9.27
N MET C 223 -31.09 -9.53 -8.51
CA MET C 223 -31.39 -8.11 -8.20
C MET C 223 -30.13 -7.46 -7.59
N MET C 224 -29.45 -8.16 -6.67
CA MET C 224 -28.27 -7.59 -5.98
C MET C 224 -27.14 -7.37 -7.01
N THR C 225 -26.91 -8.34 -7.89
CA THR C 225 -25.88 -8.23 -8.93
C THR C 225 -26.17 -6.99 -9.78
N ALA C 226 -27.41 -6.86 -10.24
CA ALA C 226 -27.87 -5.81 -11.17
C ALA C 226 -27.64 -4.44 -10.52
N CYS C 227 -27.99 -4.30 -9.24
CA CYS C 227 -27.80 -3.05 -8.44
C CYS C 227 -26.30 -2.75 -8.28
N ASP C 228 -25.52 -3.80 -7.98
CA ASP C 228 -24.06 -3.70 -7.79
C ASP C 228 -23.37 -3.20 -9.08
N LEU C 229 -23.85 -3.65 -10.25
CA LEU C 229 -23.21 -3.30 -11.55
C LEU C 229 -23.81 -2.04 -12.18
N CYS C 230 -24.73 -1.34 -11.50
CA CYS C 230 -25.64 -0.36 -12.16
C CYS C 230 -24.85 0.79 -12.77
N SER C 231 -23.57 0.95 -12.40
CA SER C 231 -22.72 2.01 -12.99
C SER C 231 -22.64 1.84 -14.51
N VAL C 232 -22.80 0.60 -15.01
CA VAL C 232 -22.81 0.30 -16.49
C VAL C 232 -24.16 0.65 -17.11
N THR C 233 -25.12 1.19 -16.35
CA THR C 233 -26.49 1.49 -16.86
C THR C 233 -26.82 2.98 -16.74
N LYS C 234 -25.82 3.78 -16.39
CA LYS C 234 -25.98 5.26 -16.31
C LYS C 234 -25.93 5.81 -17.74
N LEU C 235 -26.28 7.08 -17.90
CA LEU C 235 -26.07 7.80 -19.17
C LEU C 235 -24.56 7.81 -19.41
N TRP C 236 -24.15 7.83 -20.69
CA TRP C 236 -22.75 7.55 -21.13
C TRP C 236 -21.76 8.43 -20.35
N PRO C 237 -22.02 9.74 -20.17
CA PRO C 237 -21.06 10.60 -19.47
C PRO C 237 -20.79 10.11 -18.04
N VAL C 238 -21.81 9.65 -17.34
CA VAL C 238 -21.65 9.07 -15.96
C VAL C 238 -20.88 7.74 -16.04
N THR C 239 -21.25 6.84 -16.95
CA THR C 239 -20.64 5.49 -17.05
C THR C 239 -19.15 5.64 -17.37
N LYS C 240 -18.83 6.60 -18.25
CA LYS C 240 -17.44 6.89 -18.72
C LYS C 240 -16.58 7.37 -17.54
N LEU C 241 -17.08 8.34 -16.76
CA LEU C 241 -16.32 8.88 -15.61
C LEU C 241 -16.21 7.81 -14.53
N THR C 242 -17.26 7.05 -14.22
CA THR C 242 -17.18 5.99 -13.17
C THR C 242 -16.13 4.93 -13.56
N ALA C 243 -15.97 4.65 -14.86
CA ALA C 243 -15.03 3.63 -15.37
C ALA C 243 -13.59 3.98 -14.95
N ASN C 244 -13.23 5.26 -14.94
CA ASN C 244 -11.94 5.77 -14.37
C ASN C 244 -11.74 5.31 -12.92
N ASP C 245 -12.80 5.44 -12.10
CA ASP C 245 -12.73 5.14 -10.65
C ASP C 245 -12.52 3.63 -10.46
N ILE C 246 -13.29 2.79 -11.15
CA ILE C 246 -13.14 1.30 -11.07
C ILE C 246 -11.71 0.92 -11.51
N TYR C 247 -11.20 1.51 -12.58
CA TYR C 247 -9.87 1.12 -13.14
C TYR C 247 -8.77 1.65 -12.21
N ALA C 248 -8.99 2.77 -11.54
CA ALA C 248 -7.99 3.27 -10.56
C ALA C 248 -7.74 2.15 -9.54
N GLU C 249 -8.82 1.48 -9.08
CA GLU C 249 -8.70 0.35 -8.12
C GLU C 249 -8.01 -0.84 -8.79
N PHE C 250 -8.43 -1.22 -9.99
CA PHE C 250 -7.85 -2.37 -10.73
C PHE C 250 -6.33 -2.17 -10.90
N TRP C 251 -5.93 -0.98 -11.32
CA TRP C 251 -4.49 -0.64 -11.56
C TRP C 251 -3.70 -0.76 -10.27
N ALA C 252 -4.21 -0.20 -9.15
CA ALA C 252 -3.57 -0.37 -7.83
C ALA C 252 -3.48 -1.85 -7.49
N GLU C 253 -4.52 -2.64 -7.76
CA GLU C 253 -4.49 -4.08 -7.41
C GLU C 253 -3.41 -4.75 -8.27
N GLY C 254 -3.38 -4.44 -9.57
CA GLY C 254 -2.31 -4.88 -10.50
C GLY C 254 -0.92 -4.58 -9.98
N ASP C 255 -0.69 -3.34 -9.52
CA ASP C 255 0.62 -2.92 -8.95
C ASP C 255 0.96 -3.84 -7.79
N GLU C 256 0.00 -4.12 -6.90
CA GLU C 256 0.23 -4.92 -5.67
C GLU C 256 0.48 -6.38 -6.07
N MET C 257 -0.16 -6.84 -7.15
CA MET C 257 0.08 -8.18 -7.75
C MET C 257 1.54 -8.25 -8.21
N LYS C 258 2.06 -7.20 -8.87
CA LYS C 258 3.45 -7.16 -9.35
C LYS C 258 4.41 -7.23 -8.16
N LYS C 259 4.06 -6.59 -7.05
CA LYS C 259 4.90 -6.58 -5.83
C LYS C 259 4.91 -7.96 -5.17
N LEU C 260 3.93 -8.82 -5.45
CA LEU C 260 3.89 -10.21 -4.91
C LEU C 260 4.69 -11.15 -5.82
N GLY C 261 5.19 -10.64 -6.95
CA GLY C 261 5.88 -11.43 -7.98
C GLY C 261 4.92 -12.17 -8.91
N ILE C 262 3.71 -11.66 -9.11
CA ILE C 262 2.68 -12.27 -10.01
C ILE C 262 2.29 -11.24 -11.06
N GLN C 263 2.42 -11.58 -12.34
CA GLN C 263 1.96 -10.71 -13.45
C GLN C 263 0.45 -10.68 -13.35
N PRO C 264 -0.18 -9.49 -13.30
CA PRO C 264 -1.63 -9.39 -13.22
C PRO C 264 -2.27 -9.66 -14.59
N ILE C 265 -3.57 -9.90 -14.61
CA ILE C 265 -4.36 -10.01 -15.87
C ILE C 265 -4.37 -8.62 -16.50
N PRO C 266 -4.34 -8.52 -17.84
CA PRO C 266 -4.23 -7.21 -18.51
C PRO C 266 -5.17 -6.11 -18.00
N MET C 267 -6.39 -6.47 -17.59
CA MET C 267 -7.44 -5.53 -17.09
C MET C 267 -6.88 -4.71 -15.91
N MET C 268 -6.01 -5.30 -15.09
CA MET C 268 -5.46 -4.67 -13.86
C MET C 268 -4.02 -4.13 -14.07
N ASP C 269 -3.48 -4.17 -15.29
CA ASP C 269 -2.08 -3.74 -15.59
C ASP C 269 -2.11 -2.31 -16.09
N ARG C 270 -1.49 -1.36 -15.38
CA ARG C 270 -1.62 0.08 -15.74
C ARG C 270 -0.75 0.40 -16.98
N ASP C 271 0.12 -0.52 -17.40
CA ASP C 271 0.93 -0.35 -18.64
C ASP C 271 0.10 -0.72 -19.87
N LYS C 272 -1.06 -1.37 -19.70
CA LYS C 272 -1.89 -1.90 -20.82
C LYS C 272 -3.27 -1.22 -20.86
N LYS C 273 -3.34 0.10 -20.70
CA LYS C 273 -4.61 0.87 -20.70
C LYS C 273 -5.28 0.84 -22.08
N ASP C 274 -4.51 0.76 -23.16
CA ASP C 274 -5.04 0.72 -24.55
C ASP C 274 -5.97 -0.49 -24.73
N GLU C 275 -5.95 -1.49 -23.84
CA GLU C 275 -6.82 -2.69 -23.92
C GLU C 275 -8.10 -2.53 -23.08
N VAL C 276 -8.32 -1.36 -22.47
CA VAL C 276 -9.49 -1.10 -21.57
C VAL C 276 -10.79 -1.13 -22.38
N PRO C 277 -10.93 -0.40 -23.51
CA PRO C 277 -12.17 -0.43 -24.29
C PRO C 277 -12.60 -1.85 -24.63
N GLN C 278 -11.66 -2.66 -25.11
CA GLN C 278 -11.86 -4.09 -25.47
C GLN C 278 -12.30 -4.85 -24.21
N GLY C 279 -11.77 -4.47 -23.03
CA GLY C 279 -12.01 -5.14 -21.75
C GLY C 279 -13.43 -4.93 -21.27
N GLN C 280 -13.95 -3.72 -21.47
CA GLN C 280 -15.34 -3.33 -21.16
C GLN C 280 -16.29 -4.10 -22.08
N LEU C 281 -16.03 -4.11 -23.41
CA LEU C 281 -16.78 -4.94 -24.39
C LEU C 281 -16.98 -6.35 -23.83
N GLY C 282 -15.88 -7.01 -23.48
CA GLY C 282 -15.87 -8.38 -22.94
C GLY C 282 -16.68 -8.48 -21.66
N PHE C 283 -16.70 -7.42 -20.85
CA PHE C 283 -17.49 -7.39 -19.59
C PHE C 283 -18.98 -7.29 -19.92
N TYR C 284 -19.37 -6.35 -20.80
CA TYR C 284 -20.79 -6.13 -21.16
C TYR C 284 -21.35 -7.42 -21.79
N ASN C 285 -20.60 -8.05 -22.69
CA ASN C 285 -21.00 -9.27 -23.43
C ASN C 285 -21.12 -10.46 -22.48
N ALA C 286 -20.14 -10.67 -21.60
CA ALA C 286 -20.03 -11.89 -20.76
C ALA C 286 -20.79 -11.74 -19.43
N VAL C 287 -21.02 -10.52 -18.93
CA VAL C 287 -21.54 -10.31 -17.55
C VAL C 287 -22.80 -9.44 -17.57
N ALA C 288 -22.66 -8.19 -17.99
CA ALA C 288 -23.67 -7.13 -17.81
C ALA C 288 -24.92 -7.43 -18.65
N ILE C 289 -24.79 -7.64 -19.97
CA ILE C 289 -25.98 -7.82 -20.87
C ILE C 289 -26.77 -9.04 -20.40
N PRO C 290 -26.15 -10.23 -20.17
CA PRO C 290 -26.89 -11.40 -19.70
C PRO C 290 -27.62 -11.18 -18.36
N CYS C 291 -26.98 -10.44 -17.45
CA CYS C 291 -27.54 -10.08 -16.12
C CYS C 291 -28.82 -9.26 -16.31
N TYR C 292 -28.76 -8.13 -17.02
CA TYR C 292 -29.94 -7.25 -17.23
C TYR C 292 -30.98 -7.95 -18.13
N THR C 293 -30.55 -8.82 -19.04
CA THR C 293 -31.46 -9.58 -19.95
C THR C 293 -32.33 -10.53 -19.12
N THR C 294 -31.71 -11.37 -18.30
CA THR C 294 -32.42 -12.31 -17.39
C THR C 294 -33.27 -11.51 -16.40
N LEU C 295 -32.79 -10.38 -15.88
CA LEU C 295 -33.57 -9.59 -14.90
C LEU C 295 -34.83 -9.02 -15.57
N THR C 296 -34.74 -8.55 -16.83
CA THR C 296 -35.92 -7.99 -17.55
C THR C 296 -36.95 -9.09 -17.86
N GLN C 297 -36.51 -10.32 -18.15
CA GLN C 297 -37.40 -11.49 -18.35
C GLN C 297 -38.21 -11.74 -17.07
N ILE C 298 -37.56 -11.77 -15.91
CA ILE C 298 -38.23 -12.09 -14.63
C ILE C 298 -39.00 -10.86 -14.16
N LEU C 299 -38.47 -9.64 -14.35
CA LEU C 299 -39.13 -8.37 -13.90
C LEU C 299 -39.13 -7.36 -15.03
N PRO C 300 -40.15 -7.41 -15.93
CA PRO C 300 -40.20 -6.55 -17.11
C PRO C 300 -40.08 -5.05 -16.87
N PRO C 301 -40.59 -4.50 -15.74
CA PRO C 301 -40.39 -3.07 -15.44
C PRO C 301 -38.92 -2.62 -15.23
N THR C 302 -37.95 -3.53 -15.14
CA THR C 302 -36.51 -3.21 -14.98
C THR C 302 -35.85 -2.99 -16.34
N GLU C 303 -36.64 -2.99 -17.43
CA GLU C 303 -36.21 -2.88 -18.85
C GLU C 303 -35.30 -1.68 -19.08
N PRO C 304 -35.58 -0.48 -18.53
CA PRO C 304 -34.67 0.66 -18.70
C PRO C 304 -33.20 0.36 -18.35
N LEU C 305 -32.91 -0.54 -17.39
CA LEU C 305 -31.51 -0.92 -17.06
C LEU C 305 -30.89 -1.65 -18.27
N LEU C 306 -31.62 -2.56 -18.91
CA LEU C 306 -31.10 -3.35 -20.05
C LEU C 306 -30.88 -2.42 -21.25
N LYS C 307 -31.84 -1.54 -21.51
CA LYS C 307 -31.77 -0.59 -22.64
C LYS C 307 -30.52 0.27 -22.48
N ALA C 308 -30.33 0.86 -21.30
CA ALA C 308 -29.19 1.77 -21.01
C ALA C 308 -27.88 0.99 -21.15
N CYS C 309 -27.88 -0.28 -20.75
CA CYS C 309 -26.69 -1.18 -20.83
C CYS C 309 -26.33 -1.42 -22.31
N ARG C 310 -27.33 -1.68 -23.17
CA ARG C 310 -27.14 -1.87 -24.63
CA ARG C 310 -27.13 -1.86 -24.64
C ARG C 310 -26.59 -0.57 -25.24
N ASP C 311 -27.12 0.58 -24.81
CA ASP C 311 -26.64 1.91 -25.29
C ASP C 311 -25.16 2.09 -24.95
N ASN C 312 -24.73 1.81 -23.72
CA ASN C 312 -23.31 1.97 -23.27
C ASN C 312 -22.40 0.99 -24.04
N LEU C 313 -22.89 -0.19 -24.40
CA LEU C 313 -22.12 -1.21 -25.16
C LEU C 313 -21.80 -0.64 -26.54
N SER C 314 -22.81 -0.02 -27.17
CA SER C 314 -22.71 0.70 -28.45
C SER C 314 -21.72 1.87 -28.33
N GLN C 315 -21.70 2.59 -27.20
CA GLN C 315 -20.70 3.66 -26.95
C GLN C 315 -19.28 3.08 -26.88
N TRP C 316 -19.09 1.93 -26.23
CA TRP C 316 -17.71 1.37 -26.06
C TRP C 316 -17.20 0.90 -27.43
N GLU C 317 -18.07 0.41 -28.30
CA GLU C 317 -17.72 -0.01 -29.68
C GLU C 317 -17.26 1.24 -30.45
N LYS C 318 -17.99 2.36 -30.31
CA LYS C 318 -17.63 3.66 -30.94
C LYS C 318 -16.22 4.08 -30.52
N VAL C 319 -15.86 3.86 -29.24
CA VAL C 319 -14.50 4.14 -28.69
C VAL C 319 -13.48 3.18 -29.34
N ILE C 320 -13.82 1.89 -29.47
CA ILE C 320 -12.91 0.84 -30.04
C ILE C 320 -12.59 1.18 -31.50
N ARG C 321 -13.53 1.82 -32.22
CA ARG C 321 -13.38 2.21 -33.64
C ARG C 321 -12.74 3.61 -33.75
N GLY C 322 -12.30 4.22 -32.67
CA GLY C 322 -11.59 5.51 -32.69
C GLY C 322 -12.51 6.70 -32.97
N GLU C 323 -13.82 6.59 -32.72
CA GLU C 323 -14.82 7.69 -32.89
C GLU C 323 -15.04 8.42 -31.54
N GLU C 324 -14.37 7.98 -30.47
CA GLU C 324 -14.27 8.70 -29.17
C GLU C 324 -13.16 8.08 -28.32
N LEU D 13 -4.32 -56.06 2.84
CA LEU D 13 -4.81 -55.75 4.24
C LEU D 13 -3.65 -55.86 5.26
N MET D 14 -2.40 -55.92 4.82
CA MET D 14 -1.21 -56.17 5.68
C MET D 14 -0.39 -54.88 5.80
N GLN D 15 -0.86 -53.92 6.59
CA GLN D 15 -0.22 -52.58 6.75
C GLN D 15 0.82 -52.64 7.87
N PHE D 16 1.90 -51.87 7.72
CA PHE D 16 2.95 -51.72 8.76
C PHE D 16 2.51 -50.66 9.76
N THR D 17 2.84 -50.90 11.03
CA THR D 17 2.56 -50.00 12.18
C THR D 17 3.90 -49.78 12.91
N LEU D 18 4.20 -48.53 13.25
CA LEU D 18 5.38 -48.17 14.08
C LEU D 18 4.94 -48.07 15.53
N PRO D 19 5.86 -48.21 16.51
CA PRO D 19 5.56 -47.86 17.89
C PRO D 19 5.16 -46.38 18.04
N VAL D 20 4.34 -46.09 19.04
CA VAL D 20 3.66 -44.77 19.21
C VAL D 20 4.66 -43.66 18.88
N ARG D 21 5.83 -43.59 19.54
CA ARG D 21 6.74 -42.42 19.41
C ARG D 21 7.18 -42.25 17.95
N LEU D 22 7.48 -43.35 17.25
CA LEU D 22 7.95 -43.32 15.83
C LEU D 22 6.79 -42.92 14.91
N CYS D 23 5.62 -43.56 15.09
CA CYS D 23 4.38 -43.26 14.35
C CYS D 23 4.12 -41.74 14.37
N LYS D 24 4.36 -41.08 15.51
CA LYS D 24 4.15 -39.63 15.66
C LYS D 24 5.34 -38.82 15.12
N GLU D 25 6.57 -39.16 15.51
CA GLU D 25 7.77 -38.30 15.24
C GLU D 25 8.23 -38.44 13.78
N ILE D 26 7.86 -39.53 13.10
CA ILE D 26 8.22 -39.78 11.67
C ILE D 26 7.63 -38.66 10.80
N GLU D 27 6.55 -38.03 11.25
CA GLU D 27 5.85 -36.96 10.49
C GLU D 27 6.63 -35.65 10.59
N LEU D 28 7.53 -35.50 11.57
CA LEU D 28 8.42 -34.29 11.70
C LEU D 28 9.58 -34.39 10.69
N PHE D 29 9.99 -33.27 10.10
CA PHE D 29 11.15 -33.22 9.16
C PHE D 29 12.43 -33.69 9.87
N HIS D 30 12.60 -33.43 11.17
CA HIS D 30 13.88 -33.66 11.88
C HIS D 30 13.97 -35.08 12.47
N PHE D 31 12.97 -35.92 12.27
CA PHE D 31 13.00 -37.36 12.68
C PHE D 31 14.34 -38.02 12.32
N ASP D 32 14.91 -38.75 13.28
CA ASP D 32 16.08 -39.64 13.13
C ASP D 32 15.54 -41.07 13.16
N ILE D 33 15.99 -41.92 12.24
CA ILE D 33 15.46 -43.30 12.06
C ILE D 33 16.03 -44.25 13.13
N GLY D 34 16.93 -43.76 14.01
CA GLY D 34 17.46 -44.53 15.15
C GLY D 34 18.56 -45.50 14.72
N PRO D 35 19.15 -46.24 15.69
CA PRO D 35 20.30 -47.11 15.41
C PRO D 35 19.98 -48.59 15.17
N PHE D 36 18.70 -48.99 15.19
CA PHE D 36 18.27 -50.39 14.92
C PHE D 36 18.07 -50.63 13.41
N GLU D 37 19.14 -51.02 12.71
CA GLU D 37 19.16 -51.35 11.25
C GLU D 37 17.94 -52.18 10.84
N ASN D 38 17.52 -53.15 11.65
CA ASN D 38 16.48 -54.15 11.29
C ASN D 38 15.09 -53.52 11.22
N MET D 39 14.90 -52.29 11.69
CA MET D 39 13.59 -51.59 11.59
C MET D 39 13.54 -50.68 10.34
N TRP D 40 14.68 -50.35 9.72
CA TRP D 40 14.69 -49.36 8.61
C TRP D 40 13.84 -49.84 7.44
N PRO D 41 13.89 -51.13 7.01
CA PRO D 41 13.01 -51.60 5.95
C PRO D 41 11.52 -51.38 6.26
N GLY D 42 11.07 -51.68 7.49
CA GLY D 42 9.70 -51.44 7.95
C GLY D 42 9.34 -49.95 7.93
N ILE D 43 10.29 -49.09 8.30
CA ILE D 43 10.10 -47.61 8.33
C ILE D 43 9.86 -47.14 6.90
N PHE D 44 10.62 -47.67 5.92
CA PHE D 44 10.48 -47.30 4.49
C PHE D 44 9.15 -47.78 3.93
N VAL D 45 8.77 -49.03 4.22
CA VAL D 45 7.48 -49.60 3.73
C VAL D 45 6.32 -48.77 4.29
N TYR D 46 6.42 -48.33 5.55
CA TYR D 46 5.39 -47.53 6.26
C TYR D 46 5.17 -46.23 5.46
N MET D 47 6.28 -45.57 5.11
CA MET D 47 6.30 -44.26 4.40
C MET D 47 5.71 -44.45 2.99
N VAL D 48 6.07 -45.54 2.31
CA VAL D 48 5.60 -45.87 0.92
C VAL D 48 4.08 -46.06 0.98
N HIS D 49 3.55 -46.72 2.01
CA HIS D 49 2.08 -46.99 2.15
C HIS D 49 1.30 -45.69 2.34
N ARG D 50 1.74 -44.81 3.24
CA ARG D 50 0.99 -43.58 3.61
C ARG D 50 1.15 -42.49 2.54
N SER D 51 2.26 -42.52 1.80
CA SER D 51 2.70 -41.47 0.86
C SER D 51 2.12 -41.72 -0.53
N CYS D 52 2.00 -43.00 -0.87
CA CYS D 52 1.70 -43.50 -2.22
C CYS D 52 0.35 -44.22 -2.18
N GLY D 53 0.16 -45.09 -1.18
CA GLY D 53 -1.04 -45.92 -1.00
C GLY D 53 -0.64 -47.37 -0.78
N THR D 54 -1.49 -48.16 -0.12
CA THR D 54 -1.19 -49.53 0.36
C THR D 54 -1.03 -50.49 -0.84
N SER D 55 -1.44 -50.07 -2.05
CA SER D 55 -1.54 -50.89 -3.28
C SER D 55 -0.50 -50.49 -4.34
N CYS D 56 0.27 -49.41 -4.13
CA CYS D 56 1.29 -48.90 -5.07
C CYS D 56 2.23 -50.01 -5.56
N PHE D 57 2.66 -50.90 -4.66
CA PHE D 57 3.58 -52.02 -4.98
C PHE D 57 3.03 -53.30 -4.37
N GLU D 58 3.23 -54.43 -5.05
CA GLU D 58 3.08 -55.79 -4.46
C GLU D 58 4.14 -55.92 -3.35
N LEU D 59 3.73 -56.37 -2.16
CA LEU D 59 4.58 -56.34 -0.94
C LEU D 59 5.78 -57.28 -1.09
N GLU D 60 5.59 -58.48 -1.65
CA GLU D 60 6.67 -59.49 -1.86
C GLU D 60 7.77 -58.88 -2.73
N LYS D 61 7.42 -58.24 -3.85
CA LYS D 61 8.41 -57.63 -4.78
C LYS D 61 9.11 -56.46 -4.09
N LEU D 62 8.36 -55.60 -3.40
CA LEU D 62 8.89 -54.41 -2.69
C LEU D 62 9.92 -54.89 -1.66
N CME D 63 9.57 -55.86 -0.83
CA CME D 63 10.43 -56.36 0.28
CB CME D 63 9.70 -57.31 1.23
SG CME D 63 8.70 -56.55 2.54
SD CME D 63 9.96 -55.31 3.58
CE CME D 63 11.09 -56.42 4.48
CZ CME D 63 10.60 -56.80 5.83
OH CME D 63 11.59 -57.49 6.57
C CME D 63 11.71 -56.94 -0.29
O CME D 63 12.78 -56.67 0.28
N ARG D 64 11.67 -57.70 -1.40
CA ARG D 64 12.91 -58.33 -1.92
C ARG D 64 13.73 -57.24 -2.63
N PHE D 65 13.07 -56.29 -3.30
CA PHE D 65 13.73 -55.10 -3.89
C PHE D 65 14.52 -54.33 -2.82
N ILE D 66 13.88 -54.00 -1.69
CA ILE D 66 14.53 -53.26 -0.57
C ILE D 66 15.79 -54.01 -0.09
N MET D 67 15.71 -55.34 0.06
CA MET D 67 16.80 -56.16 0.65
C MET D 67 17.95 -56.30 -0.35
N SER D 68 17.66 -56.27 -1.66
CA SER D 68 18.69 -56.17 -2.73
C SER D 68 19.38 -54.79 -2.71
N VAL D 69 18.60 -53.72 -2.56
CA VAL D 69 19.14 -52.33 -2.46
C VAL D 69 20.12 -52.27 -1.29
N LYS D 70 19.67 -52.63 -0.08
CA LYS D 70 20.50 -52.67 1.16
C LYS D 70 21.83 -53.40 0.90
N LYS D 71 21.75 -54.58 0.28
CA LYS D 71 22.90 -55.48 0.03
C LYS D 71 23.91 -54.76 -0.88
N ASN D 72 23.46 -53.83 -1.74
CA ASN D 72 24.34 -53.13 -2.70
C ASN D 72 24.80 -51.76 -2.17
N TYR D 73 24.43 -51.37 -0.94
CA TYR D 73 25.10 -50.28 -0.18
C TYR D 73 26.28 -50.88 0.58
N ARG D 74 27.36 -50.13 0.72
CA ARG D 74 28.63 -50.59 1.33
C ARG D 74 28.78 -50.05 2.75
N ARG D 75 29.61 -50.71 3.55
CA ARG D 75 29.80 -50.38 5.00
C ARG D 75 30.83 -49.26 5.09
N VAL D 76 30.46 -48.07 4.65
CA VAL D 76 31.30 -46.84 4.69
C VAL D 76 30.72 -45.94 5.78
N PRO D 77 31.48 -44.95 6.29
CA PRO D 77 31.01 -44.13 7.41
C PRO D 77 29.71 -43.33 7.20
N TYR D 78 29.48 -42.79 6.00
CA TYR D 78 28.35 -41.86 5.73
C TYR D 78 27.46 -42.33 4.57
N HIS D 79 28.04 -42.66 3.40
CA HIS D 79 27.28 -42.93 2.14
C HIS D 79 26.79 -44.37 2.13
N ASN D 80 25.98 -44.72 3.12
CA ASN D 80 25.64 -46.10 3.52
C ASN D 80 24.12 -46.25 3.56
N TRP D 81 23.65 -47.46 3.86
CA TRP D 81 22.20 -47.82 3.95
C TRP D 81 21.44 -46.81 4.80
N LYS D 82 22.03 -46.35 5.92
CA LYS D 82 21.35 -45.43 6.87
C LYS D 82 21.04 -44.12 6.15
N HIS D 83 22.00 -43.60 5.37
CA HIS D 83 21.84 -42.37 4.56
C HIS D 83 20.72 -42.54 3.52
N ALA D 84 20.64 -43.68 2.85
CA ALA D 84 19.58 -44.01 1.85
C ALA D 84 18.18 -43.76 2.46
N VAL D 85 17.88 -44.37 3.61
CA VAL D 85 16.53 -44.34 4.26
C VAL D 85 16.28 -42.95 4.83
N THR D 86 17.31 -42.31 5.40
CA THR D 86 17.26 -40.93 5.95
C THR D 86 16.84 -39.96 4.85
N VAL D 87 17.47 -40.02 3.68
CA VAL D 87 17.11 -39.19 2.50
C VAL D 87 15.68 -39.52 2.05
N ALA D 88 15.30 -40.79 2.02
CA ALA D 88 13.93 -41.23 1.65
C ALA D 88 12.90 -40.66 2.64
N HIS D 89 13.23 -40.58 3.93
CA HIS D 89 12.34 -40.03 4.98
C HIS D 89 12.05 -38.55 4.71
N CYS D 90 13.08 -37.77 4.36
CA CYS D 90 12.96 -36.33 4.08
C CYS D 90 12.03 -36.15 2.88
N MET D 91 12.15 -36.99 1.85
CA MET D 91 11.23 -36.93 0.68
C MET D 91 9.81 -37.25 1.15
N TYR D 92 9.65 -38.28 2.00
CA TYR D 92 8.35 -38.64 2.64
C TYR D 92 7.71 -37.39 3.26
N ALA D 93 8.41 -36.74 4.21
CA ALA D 93 7.95 -35.50 4.89
C ALA D 93 7.54 -34.46 3.85
N ILE D 94 8.37 -34.22 2.83
CA ILE D 94 8.08 -33.19 1.77
C ILE D 94 6.76 -33.57 1.09
N LEU D 95 6.62 -34.82 0.66
CA LEU D 95 5.44 -35.31 -0.10
C LEU D 95 4.18 -35.23 0.77
N GLN D 96 4.24 -35.62 2.04
CA GLN D 96 3.04 -35.63 2.90
C GLN D 96 2.53 -34.19 3.07
N ASN D 97 3.44 -33.21 3.22
CA ASN D 97 3.12 -31.80 3.54
C ASN D 97 2.90 -30.95 2.27
N ASN D 98 2.97 -31.55 1.07
CA ASN D 98 2.65 -30.88 -0.22
C ASN D 98 1.88 -31.86 -1.12
N HIS D 99 0.93 -32.62 -0.57
CA HIS D 99 0.41 -33.87 -1.18
C HIS D 99 -0.43 -33.59 -2.43
N THR D 100 -1.00 -32.39 -2.61
CA THR D 100 -1.85 -32.03 -3.78
C THR D 100 -0.97 -31.67 -4.98
N LEU D 101 0.33 -31.45 -4.79
CA LEU D 101 1.23 -30.90 -5.86
C LEU D 101 1.81 -32.00 -6.78
N PHE D 102 1.80 -33.28 -6.39
CA PHE D 102 2.53 -34.34 -7.13
C PHE D 102 1.60 -35.44 -7.66
N THR D 103 1.98 -36.00 -8.80
CA THR D 103 1.25 -37.08 -9.50
C THR D 103 1.52 -38.39 -8.76
N ASP D 104 0.75 -39.43 -9.08
CA ASP D 104 0.86 -40.81 -8.51
C ASP D 104 2.22 -41.42 -8.88
N LEU D 105 2.71 -41.16 -10.10
CA LEU D 105 4.01 -41.67 -10.62
C LEU D 105 5.17 -41.00 -9.90
N GLU D 106 5.05 -39.69 -9.62
CA GLU D 106 6.08 -38.92 -8.87
C GLU D 106 6.14 -39.45 -7.43
N ARG D 107 4.98 -39.65 -6.78
CA ARG D 107 4.94 -40.23 -5.42
C ARG D 107 5.71 -41.57 -5.44
N LYS D 108 5.29 -42.51 -6.30
CA LYS D 108 5.96 -43.83 -6.51
C LYS D 108 7.46 -43.64 -6.78
N GLY D 109 7.81 -42.81 -7.78
CA GLY D 109 9.18 -42.68 -8.33
C GLY D 109 10.19 -42.14 -7.33
N LEU D 110 9.84 -41.09 -6.58
CA LEU D 110 10.80 -40.25 -5.82
C LEU D 110 11.32 -40.97 -4.56
N LEU D 111 10.46 -41.70 -3.85
CA LEU D 111 10.89 -42.48 -2.66
C LEU D 111 11.90 -43.56 -3.09
N ILE D 112 11.59 -44.32 -4.15
CA ILE D 112 12.52 -45.33 -4.74
C ILE D 112 13.82 -44.61 -5.13
N ALA D 113 13.72 -43.48 -5.81
CA ALA D 113 14.91 -42.71 -6.27
C ALA D 113 15.76 -42.37 -5.06
N CYS D 114 15.16 -41.84 -3.99
CA CYS D 114 15.90 -41.47 -2.74
C CYS D 114 16.55 -42.72 -2.13
N LEU D 115 15.83 -43.85 -2.09
CA LEU D 115 16.39 -45.10 -1.50
C LEU D 115 17.60 -45.58 -2.31
N CYS D 116 17.59 -45.38 -3.63
CA CYS D 116 18.62 -45.91 -4.56
C CYS D 116 19.69 -44.86 -4.91
N HIS D 117 19.56 -43.61 -4.47
CA HIS D 117 20.30 -42.46 -5.05
C HIS D 117 21.82 -42.56 -4.86
N ASP D 118 22.31 -43.37 -3.93
CA ASP D 118 23.78 -43.49 -3.69
C ASP D 118 24.25 -44.95 -3.77
N LEU D 119 23.56 -45.80 -4.54
CA LEU D 119 23.87 -47.26 -4.64
C LEU D 119 25.35 -47.48 -4.97
N ASP D 120 26.02 -48.32 -4.18
CA ASP D 120 27.39 -48.83 -4.44
C ASP D 120 28.39 -47.67 -4.40
N HIS D 121 28.16 -46.73 -3.49
CA HIS D 121 29.09 -45.63 -3.13
C HIS D 121 30.27 -46.20 -2.34
N ARG D 122 31.51 -45.78 -2.64
CA ARG D 122 32.76 -46.25 -2.00
C ARG D 122 33.31 -45.20 -1.03
N GLY D 123 32.63 -44.06 -0.86
CA GLY D 123 33.04 -42.98 0.05
C GLY D 123 33.90 -41.94 -0.65
N PHE D 124 33.97 -41.97 -1.98
CA PHE D 124 34.89 -41.11 -2.78
C PHE D 124 34.06 -40.27 -3.74
N SER D 125 34.41 -38.98 -3.82
CA SER D 125 33.83 -37.96 -4.73
C SER D 125 34.19 -38.25 -6.19
N ASN D 126 33.40 -37.71 -7.11
CA ASN D 126 33.66 -37.73 -8.58
C ASN D 126 35.09 -37.25 -8.87
N SER D 127 35.57 -36.19 -8.21
CA SER D 127 36.91 -35.58 -8.46
C SER D 127 37.98 -36.65 -8.24
N TYR D 128 37.86 -37.42 -7.17
CA TYR D 128 38.89 -38.42 -6.79
C TYR D 128 38.90 -39.55 -7.86
N LEU D 129 37.73 -40.05 -8.28
CA LEU D 129 37.64 -41.09 -9.35
C LEU D 129 38.38 -40.58 -10.60
N GLN D 130 38.16 -39.31 -10.96
CA GLN D 130 38.78 -38.69 -12.17
C GLN D 130 40.29 -38.65 -12.00
N LYS D 131 40.78 -38.26 -10.83
CA LYS D 131 42.23 -38.09 -10.54
C LYS D 131 42.91 -39.45 -10.36
N PHE D 132 42.21 -40.42 -9.80
CA PHE D 132 42.71 -41.82 -9.69
C PHE D 132 42.74 -42.45 -11.09
N ASP D 133 41.85 -42.00 -11.97
CA ASP D 133 41.68 -42.53 -13.34
C ASP D 133 40.87 -43.84 -13.23
N HIS D 134 39.83 -43.82 -12.38
CA HIS D 134 38.93 -44.99 -12.17
C HIS D 134 38.19 -45.29 -13.47
N PRO D 135 38.02 -46.59 -13.85
CA PRO D 135 37.24 -46.97 -15.02
C PRO D 135 35.88 -46.27 -15.13
N LEU D 136 35.18 -46.05 -14.00
CA LEU D 136 33.86 -45.36 -13.97
C LEU D 136 33.96 -43.95 -14.59
N ALA D 137 35.09 -43.25 -14.43
CA ALA D 137 35.35 -41.89 -14.98
C ALA D 137 35.54 -41.94 -16.51
N ALA D 138 35.96 -43.09 -17.06
CA ALA D 138 36.05 -43.31 -18.51
C ALA D 138 34.64 -43.58 -19.06
N LEU D 139 33.84 -44.35 -18.34
CA LEU D 139 32.47 -44.76 -18.76
C LEU D 139 31.53 -43.55 -18.69
N TYR D 140 31.70 -42.71 -17.66
CA TYR D 140 30.82 -41.56 -17.30
C TYR D 140 31.68 -40.32 -17.05
N SER D 141 31.80 -39.44 -18.04
CA SER D 141 32.68 -38.25 -18.02
C SER D 141 32.17 -37.21 -17.02
N THR D 142 30.85 -37.10 -16.83
CA THR D 142 30.22 -36.15 -15.86
C THR D 142 29.24 -36.90 -14.95
N SER D 143 29.02 -36.37 -13.75
CA SER D 143 28.16 -36.95 -12.70
C SER D 143 28.47 -38.46 -12.57
N THR D 144 29.76 -38.79 -12.43
CA THR D 144 30.30 -40.16 -12.61
C THR D 144 29.54 -41.13 -11.69
N MET D 145 29.59 -40.88 -10.38
CA MET D 145 29.00 -41.79 -9.36
C MET D 145 27.48 -41.86 -9.56
N GLU D 146 26.85 -40.72 -9.90
CA GLU D 146 25.37 -40.60 -10.02
C GLU D 146 24.85 -41.41 -11.21
N GLN D 147 25.57 -41.46 -12.33
CA GLN D 147 25.19 -42.32 -13.48
C GLN D 147 25.35 -43.80 -13.07
N HIS D 148 26.40 -44.13 -12.30
CA HIS D 148 26.60 -45.49 -11.73
C HIS D 148 25.39 -45.82 -10.85
N HIS D 149 25.00 -44.91 -9.94
CA HIS D 149 23.87 -45.13 -8.99
C HIS D 149 22.62 -45.52 -9.79
N PHE D 150 22.34 -44.77 -10.88
CA PHE D 150 21.16 -45.03 -11.74
C PHE D 150 21.30 -46.42 -12.40
N SER D 151 22.49 -46.75 -12.89
CA SER D 151 22.82 -48.02 -13.58
C SER D 151 22.56 -49.20 -12.63
N GLN D 152 23.02 -49.11 -11.38
CA GLN D 152 22.79 -50.12 -10.31
C GLN D 152 21.29 -50.25 -10.03
N THR D 153 20.55 -49.14 -10.03
CA THR D 153 19.10 -49.10 -9.77
C THR D 153 18.37 -49.96 -10.82
N VAL D 154 18.68 -49.78 -12.10
CA VAL D 154 18.09 -50.55 -13.24
C VAL D 154 18.46 -52.03 -13.10
N SER D 155 19.73 -52.34 -12.88
CA SER D 155 20.20 -53.75 -12.69
C SER D 155 19.32 -54.47 -11.66
N ILE D 156 19.07 -53.86 -10.49
CA ILE D 156 18.31 -54.48 -9.39
C ILE D 156 16.84 -54.66 -9.82
N LEU D 157 16.26 -53.66 -10.51
CA LEU D 157 14.86 -53.70 -11.01
C LEU D 157 14.65 -54.83 -12.02
N GLN D 158 15.72 -55.28 -12.69
CA GLN D 158 15.67 -56.31 -13.76
C GLN D 158 16.11 -57.67 -13.19
N LEU D 159 16.42 -57.75 -11.89
CA LEU D 159 16.61 -59.02 -11.16
C LEU D 159 15.26 -59.76 -11.11
N GLU D 160 15.27 -61.09 -11.18
CA GLU D 160 14.03 -61.93 -11.19
C GLU D 160 13.22 -61.61 -9.93
N GLY D 161 11.94 -61.24 -10.10
CA GLY D 161 10.99 -61.00 -9.00
C GLY D 161 11.13 -59.64 -8.34
N HIS D 162 11.98 -58.73 -8.87
CA HIS D 162 12.31 -57.43 -8.23
C HIS D 162 11.60 -56.25 -8.91
N ASN D 163 10.87 -56.47 -10.01
CA ASN D 163 10.29 -55.33 -10.79
C ASN D 163 8.97 -54.88 -10.16
N ILE D 164 9.11 -53.89 -9.28
CA ILE D 164 8.04 -53.23 -8.47
C ILE D 164 7.17 -52.32 -9.35
N PHE D 165 7.50 -52.12 -10.63
CA PHE D 165 6.71 -51.29 -11.57
C PHE D 165 6.01 -52.19 -12.62
N SER D 166 5.73 -53.44 -12.25
CA SER D 166 5.12 -54.48 -13.14
C SER D 166 3.67 -54.12 -13.49
N THR D 167 2.87 -53.62 -12.54
CA THR D 167 1.43 -53.28 -12.76
C THR D 167 1.33 -52.04 -13.66
N LEU D 168 2.37 -51.21 -13.75
CA LEU D 168 2.34 -49.97 -14.59
C LEU D 168 2.16 -50.38 -16.05
N SER D 169 1.48 -49.55 -16.85
CA SER D 169 1.55 -49.60 -18.33
C SER D 169 3.02 -49.42 -18.76
N SER D 170 3.29 -49.48 -20.07
CA SER D 170 4.64 -49.38 -20.69
C SER D 170 5.11 -47.92 -20.75
N SER D 171 4.18 -46.99 -21.02
CA SER D 171 4.46 -45.53 -21.07
C SER D 171 4.68 -44.98 -19.66
N GLU D 172 3.86 -45.44 -18.70
CA GLU D 172 4.02 -45.06 -17.28
C GLU D 172 5.37 -45.60 -16.78
N TYR D 173 5.76 -46.80 -17.22
CA TYR D 173 7.02 -47.46 -16.80
C TYR D 173 8.21 -46.60 -17.27
N GLU D 174 8.25 -46.22 -18.55
CA GLU D 174 9.39 -45.44 -19.10
C GLU D 174 9.36 -44.02 -18.48
N GLN D 175 8.20 -43.57 -18.06
CA GLN D 175 8.02 -42.24 -17.41
C GLN D 175 8.58 -42.26 -15.98
N VAL D 176 8.29 -43.31 -15.20
CA VAL D 176 8.73 -43.37 -13.78
C VAL D 176 10.24 -43.60 -13.76
N LEU D 177 10.80 -44.34 -14.72
CA LEU D 177 12.26 -44.57 -14.82
C LEU D 177 12.98 -43.25 -15.13
N GLU D 178 12.35 -42.39 -15.93
CA GLU D 178 12.88 -41.04 -16.29
C GLU D 178 12.81 -40.07 -15.08
N ILE D 179 11.72 -40.08 -14.31
CA ILE D 179 11.64 -39.37 -12.99
C ILE D 179 12.83 -39.79 -12.12
N ILE D 180 13.09 -41.10 -12.04
CA ILE D 180 14.13 -41.69 -11.13
C ILE D 180 15.51 -41.27 -11.61
N ARG D 181 15.74 -41.33 -12.93
CA ARG D 181 17.04 -40.96 -13.56
C ARG D 181 17.36 -39.49 -13.28
N LYS D 182 16.43 -38.58 -13.55
CA LYS D 182 16.65 -37.12 -13.39
C LYS D 182 16.92 -36.83 -11.91
N ALA D 183 16.12 -37.42 -11.03
CA ALA D 183 16.20 -37.24 -9.57
C ALA D 183 17.59 -37.67 -9.06
N ILE D 184 18.08 -38.85 -9.48
CA ILE D 184 19.38 -39.41 -9.01
C ILE D 184 20.53 -38.55 -9.55
N ILE D 185 20.51 -38.24 -10.85
CA ILE D 185 21.51 -37.31 -11.49
C ILE D 185 21.51 -35.96 -10.76
N ALA D 186 20.35 -35.46 -10.29
CA ALA D 186 20.23 -34.15 -9.60
C ALA D 186 20.99 -34.14 -8.26
N THR D 187 21.30 -35.29 -7.66
CA THR D 187 22.05 -35.37 -6.37
C THR D 187 23.55 -35.06 -6.57
N ASP D 188 24.03 -34.94 -7.81
CA ASP D 188 25.35 -34.35 -8.14
C ASP D 188 25.33 -32.88 -7.72
N LEU D 189 25.98 -32.55 -6.61
CA LEU D 189 25.95 -31.17 -6.04
C LEU D 189 26.50 -30.19 -7.09
N ALA D 190 27.41 -30.62 -7.96
CA ALA D 190 28.01 -29.75 -9.01
C ALA D 190 26.87 -29.03 -9.74
N LEU D 191 25.78 -29.75 -10.04
CA LEU D 191 24.62 -29.28 -10.86
C LEU D 191 23.63 -28.46 -10.02
N TYR D 192 23.62 -28.60 -8.69
CA TYR D 192 22.67 -27.89 -7.79
C TYR D 192 22.77 -26.36 -8.02
N PHE D 193 24.00 -25.81 -8.04
CA PHE D 193 24.25 -24.35 -8.03
C PHE D 193 23.45 -23.66 -9.16
N GLY D 194 23.64 -24.11 -10.40
CA GLY D 194 22.92 -23.61 -11.61
C GLY D 194 21.42 -23.91 -11.57
N ASN D 195 20.99 -25.00 -10.92
CA ASN D 195 19.55 -25.38 -10.79
C ASN D 195 18.87 -24.40 -9.82
N ARG D 196 19.50 -24.07 -8.70
CA ARG D 196 18.95 -23.14 -7.69
C ARG D 196 18.89 -21.71 -8.26
N LYS D 197 19.91 -21.26 -8.99
CA LYS D 197 20.01 -19.89 -9.57
C LYS D 197 18.90 -19.68 -10.60
N GLN D 198 18.71 -20.64 -11.52
CA GLN D 198 17.59 -20.67 -12.48
C GLN D 198 16.25 -20.58 -11.74
N LEU D 199 16.02 -21.41 -10.72
CA LEU D 199 14.73 -21.50 -9.99
C LEU D 199 14.47 -20.22 -9.16
N GLU D 200 15.51 -19.60 -8.61
CA GLU D 200 15.39 -18.35 -7.83
C GLU D 200 14.82 -17.27 -8.75
N GLU D 201 15.38 -17.16 -9.96
CA GLU D 201 15.00 -16.19 -11.01
C GLU D 201 13.56 -16.45 -11.46
N MET D 202 13.20 -17.70 -11.73
CA MET D 202 11.84 -18.08 -12.21
C MET D 202 10.81 -17.77 -11.14
N TYR D 203 11.07 -18.10 -9.86
CA TYR D 203 10.09 -17.90 -8.77
C TYR D 203 9.90 -16.39 -8.51
N GLN D 204 11.00 -15.64 -8.34
CA GLN D 204 11.01 -14.19 -7.97
C GLN D 204 10.37 -13.32 -9.07
N THR D 205 10.68 -13.57 -10.35
CA THR D 205 10.10 -12.84 -11.52
C THR D 205 8.73 -13.43 -11.91
N GLY D 206 8.29 -14.49 -11.22
CA GLY D 206 6.91 -15.03 -11.32
C GLY D 206 6.67 -15.94 -12.51
N SER D 207 7.68 -16.33 -13.29
CA SER D 207 7.53 -17.18 -14.50
C SER D 207 7.48 -18.69 -14.16
N LEU D 208 7.80 -19.09 -12.92
CA LEU D 208 7.75 -20.52 -12.49
C LEU D 208 6.33 -21.06 -12.71
N ASN D 209 6.23 -22.22 -13.36
CA ASN D 209 4.95 -22.87 -13.74
C ASN D 209 5.11 -24.39 -13.56
N LEU D 210 4.35 -25.00 -12.66
CA LEU D 210 4.43 -26.46 -12.34
C LEU D 210 3.73 -27.30 -13.42
N ASN D 211 3.04 -26.70 -14.39
CA ASN D 211 2.39 -27.46 -15.50
C ASN D 211 3.40 -27.62 -16.66
N ASN D 212 4.59 -27.03 -16.51
CA ASN D 212 5.71 -27.10 -17.48
C ASN D 212 6.68 -28.20 -17.00
N GLN D 213 6.77 -29.33 -17.69
CA GLN D 213 7.59 -30.49 -17.26
C GLN D 213 9.03 -30.06 -16.95
N SER D 214 9.59 -29.14 -17.73
CA SER D 214 10.98 -28.62 -17.59
C SER D 214 11.15 -27.97 -16.21
N HIS D 215 10.11 -27.24 -15.76
CA HIS D 215 10.06 -26.57 -14.44
C HIS D 215 9.90 -27.62 -13.34
N ARG D 216 9.03 -28.62 -13.53
CA ARG D 216 8.82 -29.71 -12.54
C ARG D 216 10.16 -30.40 -12.27
N ASP D 217 10.87 -30.79 -13.33
CA ASP D 217 12.20 -31.46 -13.23
C ASP D 217 13.12 -30.62 -12.34
N ARG D 218 13.17 -29.30 -12.56
CA ARG D 218 14.05 -28.39 -11.77
C ARG D 218 13.61 -28.41 -10.30
N VAL D 219 12.30 -28.28 -10.03
CA VAL D 219 11.76 -28.29 -8.64
C VAL D 219 12.05 -29.66 -8.00
N ILE D 220 11.90 -30.76 -8.75
CA ILE D 220 12.26 -32.10 -8.23
C ILE D 220 13.77 -32.17 -8.00
N GLY D 221 14.58 -31.62 -8.91
CA GLY D 221 16.03 -31.52 -8.74
C GLY D 221 16.39 -30.93 -7.39
N LEU D 222 15.83 -29.76 -7.07
CA LEU D 222 16.09 -29.03 -5.80
C LEU D 222 15.56 -29.84 -4.61
N MET D 223 14.41 -30.50 -4.75
CA MET D 223 13.89 -31.40 -3.69
C MET D 223 14.93 -32.48 -3.36
N MET D 224 15.53 -33.10 -4.39
CA MET D 224 16.56 -34.16 -4.20
C MET D 224 17.79 -33.58 -3.47
N THR D 225 18.27 -32.40 -3.86
CA THR D 225 19.41 -31.75 -3.14
C THR D 225 19.04 -31.57 -1.66
N ALA D 226 17.85 -31.02 -1.37
CA ALA D 226 17.34 -30.74 -0.02
C ALA D 226 17.31 -32.02 0.82
N CYS D 227 16.77 -33.11 0.26
CA CYS D 227 16.71 -34.43 0.94
C CYS D 227 18.13 -34.96 1.18
N ASP D 228 18.98 -34.82 0.17
CA ASP D 228 20.36 -35.35 0.18
C ASP D 228 21.16 -34.64 1.28
N LEU D 229 20.91 -33.36 1.52
CA LEU D 229 21.72 -32.57 2.50
C LEU D 229 21.04 -32.54 3.88
N CYS D 230 19.98 -33.33 4.11
CA CYS D 230 19.02 -33.14 5.23
C CYS D 230 19.66 -33.40 6.61
N SER D 231 20.89 -33.92 6.70
CA SER D 231 21.58 -34.08 8.01
C SER D 231 21.89 -32.71 8.63
N VAL D 232 22.00 -31.65 7.83
CA VAL D 232 22.18 -30.24 8.32
C VAL D 232 20.85 -29.66 8.84
N THR D 233 19.72 -30.37 8.70
CA THR D 233 18.38 -29.92 9.15
C THR D 233 17.89 -30.74 10.35
N LYS D 234 18.72 -31.62 10.90
CA LYS D 234 18.37 -32.40 12.10
C LYS D 234 18.63 -31.53 13.33
N LEU D 235 18.14 -31.97 14.50
CA LEU D 235 18.41 -31.31 15.79
C LEU D 235 19.91 -31.36 16.04
N TRP D 236 20.44 -30.36 16.76
CA TRP D 236 21.90 -30.09 16.84
C TRP D 236 22.67 -31.34 17.23
N PRO D 237 22.25 -32.14 18.23
CA PRO D 237 22.98 -33.36 18.58
C PRO D 237 23.11 -34.38 17.44
N VAL D 238 22.10 -34.51 16.56
CA VAL D 238 22.16 -35.42 15.38
C VAL D 238 23.12 -34.83 14.34
N THR D 239 23.03 -33.53 14.07
CA THR D 239 23.86 -32.85 13.03
C THR D 239 25.34 -32.92 13.42
N LYS D 240 25.68 -32.62 14.68
CA LYS D 240 27.09 -32.64 15.18
C LYS D 240 27.67 -34.06 15.01
N LEU D 241 26.95 -35.09 15.45
CA LEU D 241 27.42 -36.50 15.34
C LEU D 241 27.53 -36.93 13.86
N THR D 242 26.58 -36.57 12.99
CA THR D 242 26.60 -36.99 11.56
C THR D 242 27.80 -36.34 10.84
N ALA D 243 28.20 -35.14 11.28
CA ALA D 243 29.37 -34.40 10.76
C ALA D 243 30.64 -35.26 10.86
N ASN D 244 30.81 -36.04 11.93
CA ASN D 244 31.99 -36.94 12.13
C ASN D 244 32.01 -37.99 11.02
N ASP D 245 30.87 -38.62 10.75
CA ASP D 245 30.72 -39.65 9.69
C ASP D 245 31.13 -39.07 8.33
N ILE D 246 30.56 -37.94 7.96
CA ILE D 246 30.78 -37.32 6.63
C ILE D 246 32.28 -36.96 6.53
N TYR D 247 32.87 -36.40 7.59
CA TYR D 247 34.29 -35.97 7.58
C TYR D 247 35.24 -37.19 7.64
N ALA D 248 34.83 -38.31 8.26
CA ALA D 248 35.64 -39.55 8.24
C ALA D 248 35.91 -39.94 6.78
N GLU D 249 34.90 -39.78 5.89
CA GLU D 249 35.03 -40.07 4.44
C GLU D 249 35.92 -39.00 3.77
N PHE D 250 35.71 -37.72 4.08
CA PHE D 250 36.49 -36.60 3.48
C PHE D 250 37.98 -36.80 3.76
N TRP D 251 38.33 -37.09 5.02
CA TRP D 251 39.73 -37.33 5.44
C TRP D 251 40.31 -38.54 4.70
N ALA D 252 39.55 -39.64 4.53
CA ALA D 252 39.99 -40.85 3.79
C ALA D 252 40.29 -40.49 2.33
N GLU D 253 39.45 -39.66 1.69
CA GLU D 253 39.69 -39.16 0.32
C GLU D 253 40.92 -38.23 0.32
N GLY D 254 41.06 -37.39 1.34
CA GLY D 254 42.25 -36.54 1.52
C GLY D 254 43.51 -37.38 1.56
N ASP D 255 43.52 -38.47 2.34
CA ASP D 255 44.67 -39.40 2.49
C ASP D 255 45.02 -40.00 1.12
N GLU D 256 44.01 -40.48 0.39
CA GLU D 256 44.16 -41.10 -0.95
C GLU D 256 44.63 -40.05 -1.96
N MET D 257 44.30 -38.78 -1.77
CA MET D 257 44.78 -37.66 -2.63
C MET D 257 46.29 -37.50 -2.40
N LYS D 258 46.72 -37.48 -1.13
CA LYS D 258 48.17 -37.41 -0.76
C LYS D 258 48.90 -38.61 -1.35
N LYS D 259 48.23 -39.77 -1.42
CA LYS D 259 48.83 -41.01 -1.96
C LYS D 259 49.05 -40.85 -3.47
N LEU D 260 48.26 -40.01 -4.14
CA LEU D 260 48.42 -39.67 -5.59
C LEU D 260 49.42 -38.51 -5.78
N GLY D 261 50.03 -37.98 -4.71
CA GLY D 261 50.97 -36.85 -4.80
C GLY D 261 50.25 -35.52 -4.99
N ILE D 262 49.01 -35.41 -4.51
CA ILE D 262 48.15 -34.19 -4.60
C ILE D 262 47.77 -33.74 -3.19
N GLN D 263 48.11 -32.51 -2.82
CA GLN D 263 47.64 -31.85 -1.58
C GLN D 263 46.15 -31.64 -1.72
N PRO D 264 45.31 -32.24 -0.85
CA PRO D 264 43.86 -32.09 -0.96
C PRO D 264 43.44 -30.73 -0.39
N ILE D 265 42.22 -30.27 -0.71
CA ILE D 265 41.62 -29.04 -0.11
C ILE D 265 41.54 -29.25 1.40
N PRO D 266 41.67 -28.18 2.22
CA PRO D 266 41.74 -28.32 3.67
C PRO D 266 40.59 -29.10 4.33
N MET D 267 39.39 -29.00 3.75
CA MET D 267 38.16 -29.69 4.19
C MET D 267 38.42 -31.21 4.32
N MET D 268 39.25 -31.76 3.43
CA MET D 268 39.56 -33.22 3.31
C MET D 268 40.92 -33.58 3.98
N ASP D 269 41.60 -32.63 4.60
CA ASP D 269 42.94 -32.85 5.21
C ASP D 269 42.75 -33.12 6.71
N ARG D 270 43.20 -34.28 7.20
CA ARG D 270 42.98 -34.68 8.62
C ARG D 270 44.02 -33.98 9.50
N ASP D 271 45.08 -33.41 8.92
CA ASP D 271 46.07 -32.59 9.70
C ASP D 271 45.52 -31.18 9.96
N LYS D 272 44.34 -30.85 9.40
CA LYS D 272 43.70 -29.52 9.52
C LYS D 272 42.31 -29.63 10.14
N LYS D 273 42.10 -30.54 11.10
CA LYS D 273 40.80 -30.77 11.78
C LYS D 273 40.27 -29.50 12.45
N ASP D 274 41.16 -28.71 13.06
CA ASP D 274 40.85 -27.41 13.73
C ASP D 274 40.08 -26.46 12.81
N GLU D 275 40.22 -26.57 11.47
CA GLU D 275 39.55 -25.68 10.47
C GLU D 275 38.15 -26.18 10.11
N VAL D 276 37.64 -27.25 10.75
CA VAL D 276 36.31 -27.88 10.43
C VAL D 276 35.19 -26.89 10.71
N PRO D 277 35.10 -26.26 11.91
CA PRO D 277 34.00 -25.35 12.20
C PRO D 277 33.83 -24.23 11.16
N GLN D 278 34.93 -23.63 10.68
CA GLN D 278 34.93 -22.61 9.60
C GLN D 278 34.48 -23.22 8.27
N GLY D 279 34.85 -24.49 8.01
CA GLY D 279 34.44 -25.24 6.80
C GLY D 279 32.93 -25.41 6.71
N GLN D 280 32.30 -25.79 7.82
CA GLN D 280 30.82 -25.93 7.96
C GLN D 280 30.15 -24.56 7.76
N LEU D 281 30.63 -23.54 8.48
CA LEU D 281 30.14 -22.15 8.35
C LEU D 281 30.09 -21.80 6.87
N GLY D 282 31.17 -22.09 6.14
CA GLY D 282 31.32 -21.90 4.68
C GLY D 282 30.30 -22.69 3.88
N PHE D 283 30.00 -23.94 4.29
CA PHE D 283 29.06 -24.86 3.57
C PHE D 283 27.61 -24.40 3.81
N TYR D 284 27.26 -24.01 5.04
CA TYR D 284 25.90 -23.51 5.39
C TYR D 284 25.58 -22.22 4.61
N ASN D 285 26.54 -21.28 4.54
CA ASN D 285 26.37 -19.96 3.86
C ASN D 285 26.36 -20.13 2.33
N ALA D 286 27.24 -20.95 1.75
CA ALA D 286 27.39 -21.10 0.26
C ALA D 286 26.43 -22.15 -0.32
N VAL D 287 25.89 -23.10 0.46
CA VAL D 287 25.14 -24.26 -0.12
C VAL D 287 23.81 -24.45 0.60
N ALA D 288 23.85 -24.81 1.89
CA ALA D 288 22.67 -25.27 2.65
C ALA D 288 21.60 -24.16 2.74
N ILE D 289 21.94 -22.98 3.25
CA ILE D 289 20.94 -21.90 3.53
C ILE D 289 20.30 -21.49 2.21
N PRO D 290 21.06 -21.22 1.12
CA PRO D 290 20.43 -20.94 -0.17
C PRO D 290 19.47 -22.05 -0.58
N CYS D 291 19.87 -23.33 -0.37
CA CYS D 291 19.10 -24.52 -0.83
C CYS D 291 17.70 -24.51 -0.20
N TYR D 292 17.62 -24.46 1.13
CA TYR D 292 16.36 -24.52 1.92
C TYR D 292 15.62 -23.17 1.86
N THR D 293 16.34 -22.05 1.62
CA THR D 293 15.71 -20.72 1.38
C THR D 293 14.83 -20.82 0.13
N THR D 294 15.44 -21.14 -1.01
CA THR D 294 14.72 -21.29 -2.31
C THR D 294 13.61 -22.34 -2.22
N LEU D 295 13.82 -23.46 -1.54
CA LEU D 295 12.81 -24.56 -1.47
C LEU D 295 11.59 -24.10 -0.65
N THR D 296 11.81 -23.39 0.47
CA THR D 296 10.73 -22.83 1.33
C THR D 296 9.92 -21.80 0.54
N GLN D 297 10.54 -21.06 -0.39
CA GLN D 297 9.85 -20.11 -1.30
C GLN D 297 8.84 -20.90 -2.15
N ILE D 298 9.29 -21.94 -2.85
CA ILE D 298 8.50 -22.70 -3.86
C ILE D 298 7.49 -23.60 -3.15
N LEU D 299 7.86 -24.21 -2.01
CA LEU D 299 7.01 -25.17 -1.25
C LEU D 299 7.01 -24.78 0.24
N PRO D 300 6.22 -23.75 0.61
CA PRO D 300 6.21 -23.20 1.98
C PRO D 300 6.16 -24.19 3.15
N PRO D 301 5.42 -25.31 3.08
CA PRO D 301 5.42 -26.27 4.20
C PRO D 301 6.79 -26.92 4.50
N THR D 302 7.81 -26.69 3.65
CA THR D 302 9.19 -27.17 3.87
C THR D 302 9.98 -26.25 4.81
N GLU D 303 9.36 -25.14 5.28
CA GLU D 303 9.99 -24.13 6.19
C GLU D 303 10.70 -24.81 7.36
N PRO D 304 10.15 -25.86 8.00
CA PRO D 304 10.87 -26.47 9.14
C PRO D 304 12.31 -26.93 8.80
N LEU D 305 12.60 -27.31 7.55
CA LEU D 305 14.00 -27.59 7.12
C LEU D 305 14.86 -26.31 7.22
N LEU D 306 14.35 -25.16 6.77
CA LEU D 306 15.13 -23.87 6.76
C LEU D 306 15.43 -23.42 8.20
N LYS D 307 14.43 -23.43 9.09
CA LYS D 307 14.55 -23.10 10.54
C LYS D 307 15.68 -23.93 11.19
N ALA D 308 15.57 -25.26 11.14
CA ALA D 308 16.57 -26.21 11.67
C ALA D 308 17.96 -25.87 11.11
N CYS D 309 18.06 -25.60 9.80
CA CYS D 309 19.34 -25.20 9.14
C CYS D 309 19.90 -23.93 9.81
N ARG D 310 19.06 -22.91 10.01
CA ARG D 310 19.47 -21.62 10.63
C ARG D 310 20.00 -21.90 12.04
N ASP D 311 19.28 -22.73 12.80
CA ASP D 311 19.67 -23.08 14.19
C ASP D 311 21.08 -23.70 14.19
N ASN D 312 21.32 -24.68 13.31
CA ASN D 312 22.61 -25.42 13.24
C ASN D 312 23.75 -24.46 12.82
N LEU D 313 23.47 -23.50 11.93
CA LEU D 313 24.47 -22.45 11.53
C LEU D 313 24.91 -21.68 12.78
N SER D 314 23.97 -21.24 13.61
CA SER D 314 24.26 -20.49 14.87
C SER D 314 24.94 -21.41 15.91
N GLN D 315 24.71 -22.72 15.87
CA GLN D 315 25.45 -23.68 16.72
C GLN D 315 26.92 -23.74 16.26
N TRP D 316 27.18 -23.74 14.95
CA TRP D 316 28.55 -23.79 14.37
C TRP D 316 29.30 -22.49 14.66
N GLU D 317 28.60 -21.35 14.67
CA GLU D 317 29.10 -20.01 15.11
C GLU D 317 29.49 -20.07 16.61
N LYS D 318 28.68 -20.72 17.46
CA LYS D 318 28.99 -20.93 18.91
C LYS D 318 30.26 -21.78 19.08
N VAL D 319 30.45 -22.80 18.24
CA VAL D 319 31.63 -23.72 18.34
C VAL D 319 32.90 -22.91 18.09
N ILE D 320 32.86 -21.94 17.18
CA ILE D 320 34.04 -21.10 16.81
C ILE D 320 34.41 -20.13 17.95
N ARG D 321 33.74 -20.16 19.11
CA ARG D 321 34.21 -19.48 20.36
C ARG D 321 34.10 -20.47 21.54
N GLY D 322 32.91 -20.68 22.10
CA GLY D 322 32.68 -21.59 23.25
C GLY D 322 31.33 -22.26 23.20
ZN ZN E . -12.06 33.16 -2.58
MG MG F . -15.79 32.70 -3.00
N3 K18 G . -7.44 32.49 -11.98
C6 K18 G . -7.64 32.75 -10.66
C7 K18 G . -6.47 32.42 -10.02
C10 K18 G . -14.32 32.54 -13.70
C13 K18 G . -13.72 34.31 -16.80
C15 K18 G . -8.43 32.68 -13.04
C17 K18 G . -8.94 31.36 -13.55
C20 K18 G . -13.97 35.68 -17.06
C21 K18 G . -13.00 33.56 -17.73
C22 K18 G . -12.53 34.14 -18.89
C24 K18 G . -12.78 35.47 -19.15
C1 K18 G . -13.49 32.86 -14.75
N2 K18 G . -14.20 33.73 -15.58
N4 K18 G . -6.11 32.04 -12.15
N5 K18 G . -12.17 32.40 -14.98
N8 K18 G . -15.46 33.94 -14.99
C9 K18 G . -11.19 32.10 -14.07
C11 K18 G . -5.51 31.98 -10.98
C12 K18 G . -15.53 33.23 -13.89
O14 K18 G . -11.37 32.19 -12.88
N16 K18 G . -9.98 31.68 -14.53
C18 K18 G . -8.95 33.24 -10.04
C19 K18 G . -4.06 31.54 -10.73
C23 K18 G . -13.48 36.25 -18.23
ZN ZN H . 14.06 7.40 6.03
MG MG I . 15.23 10.85 7.19
N3 K18 J . 15.93 6.23 -4.16
C6 K18 J . 15.46 5.94 -2.92
C7 K18 J . 14.47 5.00 -3.09
C10 K18 J . 18.99 12.39 -2.74
C13 K18 J . 21.86 11.84 -4.85
C15 K18 J . 16.98 7.22 -4.42
C17 K18 J . 16.41 8.30 -5.32
C20 K18 J . 23.17 11.56 -4.45
C21 K18 J . 21.51 11.74 -6.20
C22 K18 J . 22.45 11.35 -7.16
C24 K18 J . 23.74 11.06 -6.76
C1 K18 J . 19.57 11.78 -3.83
N2 K18 J . 20.89 12.22 -3.88
N4 K18 J . 15.22 5.45 -5.12
N5 K18 J . 18.92 10.93 -4.76
N8 K18 J . 21.10 13.06 -2.77
C9 K18 J . 17.94 9.99 -4.50
C11 K18 J . 14.34 4.69 -4.48
C12 K18 J . 19.97 13.19 -2.10
O14 K18 J . 17.49 9.75 -3.38
N16 K18 J . 17.44 9.29 -5.54
C18 K18 J . 15.94 6.60 -1.64
C19 K18 J . 13.38 3.66 -5.10
C23 K18 J . 24.09 11.17 -5.41
ZN ZN K . -20.44 -3.26 -4.71
MG MG L . -18.45 -6.15 -3.31
N3 K18 M . -17.53 -2.02 -14.56
C6 K18 M . -18.21 -1.84 -13.41
C7 K18 M . -18.60 -0.51 -13.39
C10 K18 M . -14.40 -8.11 -12.83
C13 K18 M . -14.59 -9.41 -16.21
C15 K18 M . -16.92 -3.28 -15.01
C17 K18 M . -15.42 -3.09 -15.17
C20 K18 M . -15.38 -10.45 -16.73
C21 K18 M . -13.89 -8.62 -17.15
C22 K18 M . -13.98 -8.88 -18.51
C24 K18 M . -14.77 -9.91 -19.01
C1 K18 M . -14.45 -7.90 -14.19
N2 K18 M . -14.53 -9.15 -14.81
N4 K18 M . -17.50 -0.79 -15.28
N5 K18 M . -14.41 -6.67 -14.88
N8 K18 M . -14.53 -10.12 -13.76
C9 K18 M . -15.01 -5.48 -14.58
C11 K18 M . -18.14 0.13 -14.59
C12 K18 M . -14.46 -9.50 -12.59
O14 K18 M . -15.70 -5.34 -13.58
N16 K18 M . -14.82 -4.43 -15.41
C18 K18 M . -18.45 -2.91 -12.36
C19 K18 M . -18.33 1.60 -15.04
C23 K18 M . -15.48 -10.69 -18.11
ZN ZN N . 23.46 -38.97 -0.88
MG MG O . 25.53 -39.02 -4.04
N3 K18 P . 27.62 -31.79 5.45
C6 K18 P . 26.66 -32.65 5.00
C7 K18 P . 26.08 -33.19 6.11
C10 K18 P . 31.09 -30.84 -0.43
C13 K18 P . 31.55 -27.27 -0.03
C15 K18 P . 28.46 -30.99 4.56
C17 K18 P . 29.93 -31.06 4.97
C20 K18 P . 31.06 -26.21 -0.81
C21 K18 P . 32.16 -26.97 1.20
C22 K18 P . 32.29 -25.65 1.62
C24 K18 P . 31.81 -24.61 0.83
C1 K18 P . 31.22 -29.73 0.38
N2 K18 P . 31.39 -28.62 -0.46
N4 K18 P . 27.63 -31.81 6.87
N5 K18 P . 31.23 -29.70 1.79
N8 K18 P . 31.34 -29.10 -1.79
C9 K18 P . 30.50 -30.47 2.65
C11 K18 P . 26.69 -32.65 7.28
C12 K18 P . 31.18 -30.42 -1.77
O14 K18 P . 29.71 -31.33 2.28
N16 K18 P . 30.68 -30.27 3.99
C18 K18 P . 26.35 -32.92 3.54
C19 K18 P . 26.32 -32.97 8.74
C23 K18 P . 31.20 -24.89 -0.39
#